data_2LNB
#
_entry.id   2LNB
#
_entity_poly.entity_id   1
_entity_poly.type   'polypeptide(L)'
_entity_poly.pdbx_seq_one_letter_code
;MGHHHHHHSHMADPGREGHLEQRILQVLTEAGSPVKLAQLVKECQAPKRELNQVLYRMKKELKVSLTSPATWCLGGTDPE
;
_entity_poly.pdbx_strand_id   A
#
# COMPACT_ATOMS: atom_id res chain seq x y z
N MET A 1 12.37 12.80 6.86
CA MET A 1 11.68 11.70 6.15
C MET A 1 11.16 10.67 7.17
N GLY A 2 12.01 10.30 8.16
CA GLY A 2 11.65 9.36 9.24
C GLY A 2 11.58 7.90 8.80
N HIS A 3 10.65 7.62 7.88
CA HIS A 3 10.40 6.28 7.27
C HIS A 3 11.65 5.65 6.60
N HIS A 4 12.70 6.46 6.33
CA HIS A 4 13.94 5.97 5.66
C HIS A 4 14.75 5.02 6.57
N HIS A 5 14.52 5.09 7.89
CA HIS A 5 15.15 4.17 8.86
C HIS A 5 14.67 2.70 8.63
N HIS A 6 13.52 2.54 7.93
CA HIS A 6 12.99 1.23 7.54
C HIS A 6 13.62 0.80 6.20
N HIS A 7 13.88 -0.51 6.06
CA HIS A 7 14.48 -1.10 4.85
C HIS A 7 13.38 -1.73 3.97
N HIS A 8 13.76 -2.69 3.10
CA HIS A 8 12.86 -3.37 2.13
C HIS A 8 12.26 -4.68 2.75
N SER A 9 12.08 -4.70 4.08
CA SER A 9 11.66 -5.89 4.86
C SER A 9 12.70 -7.03 4.67
N HIS A 10 13.77 -6.95 5.47
CA HIS A 10 14.99 -7.78 5.34
C HIS A 10 14.72 -9.23 5.74
N MET A 11 13.88 -9.39 6.78
CA MET A 11 13.50 -10.70 7.34
C MET A 11 12.46 -11.40 6.44
N ALA A 12 12.17 -12.68 6.75
CA ALA A 12 11.14 -13.47 6.06
C ALA A 12 9.74 -13.05 6.53
N ASP A 13 9.28 -11.92 5.98
CA ASP A 13 7.99 -11.30 6.34
C ASP A 13 6.81 -12.21 5.93
N PRO A 14 5.94 -12.67 6.90
CA PRO A 14 4.81 -13.62 6.65
C PRO A 14 3.57 -12.94 6.02
N GLY A 15 3.79 -12.20 4.92
CA GLY A 15 2.71 -11.55 4.19
C GLY A 15 3.18 -10.26 3.56
N ARG A 16 3.99 -10.38 2.49
CA ARG A 16 4.66 -9.24 1.83
C ARG A 16 3.65 -8.18 1.34
N GLU A 17 2.49 -8.65 0.83
CA GLU A 17 1.41 -7.77 0.34
C GLU A 17 0.77 -6.98 1.47
N GLY A 18 0.67 -7.60 2.67
CA GLY A 18 0.24 -6.90 3.88
C GLY A 18 1.21 -5.79 4.29
N HIS A 19 2.53 -6.09 4.25
CA HIS A 19 3.58 -5.12 4.69
C HIS A 19 3.61 -3.93 3.70
N LEU A 20 3.51 -4.26 2.41
CA LEU A 20 3.47 -3.32 1.29
C LEU A 20 2.23 -2.41 1.40
N GLU A 21 1.09 -3.02 1.76
CA GLU A 21 -0.19 -2.31 1.94
C GLU A 21 -0.08 -1.30 3.10
N GLN A 22 0.55 -1.74 4.20
CA GLN A 22 0.77 -0.92 5.41
C GLN A 22 1.65 0.28 5.06
N ARG A 23 2.63 0.07 4.15
CA ARG A 23 3.48 1.14 3.64
C ARG A 23 2.66 2.16 2.85
N ILE A 24 1.86 1.68 1.89
CA ILE A 24 1.08 2.55 0.99
C ILE A 24 0.18 3.48 1.82
N LEU A 25 -0.58 2.89 2.77
CA LEU A 25 -1.52 3.62 3.64
C LEU A 25 -0.77 4.66 4.52
N GLN A 26 0.43 4.28 4.98
CA GLN A 26 1.26 5.09 5.87
C GLN A 26 1.81 6.32 5.13
N VAL A 27 2.31 6.10 3.89
CA VAL A 27 2.81 7.17 2.99
C VAL A 27 1.68 8.19 2.70
N LEU A 28 0.47 7.66 2.44
CA LEU A 28 -0.73 8.45 2.14
C LEU A 28 -1.15 9.30 3.37
N THR A 29 -0.94 8.74 4.59
CA THR A 29 -1.27 9.39 5.87
C THR A 29 -0.25 10.51 6.20
N GLU A 30 1.06 10.24 5.99
CA GLU A 30 2.16 11.20 6.31
C GLU A 30 2.00 12.47 5.47
N ALA A 31 1.67 12.27 4.18
CA ALA A 31 1.36 13.37 3.25
C ALA A 31 0.07 14.08 3.68
N GLY A 32 -0.92 13.27 4.10
CA GLY A 32 -2.29 13.75 4.35
C GLY A 32 -2.93 14.28 3.07
N SER A 33 -2.48 13.72 1.95
CA SER A 33 -2.73 14.23 0.59
C SER A 33 -2.51 13.09 -0.44
N PRO A 34 -3.04 13.22 -1.70
CA PRO A 34 -2.76 12.27 -2.79
C PRO A 34 -1.25 12.05 -3.05
N VAL A 35 -0.82 10.78 -3.02
CA VAL A 35 0.55 10.37 -3.36
C VAL A 35 0.53 9.66 -4.72
N LYS A 36 1.43 10.08 -5.62
CA LYS A 36 1.54 9.53 -6.98
C LYS A 36 2.02 8.07 -6.93
N LEU A 37 1.62 7.29 -7.94
CA LEU A 37 1.97 5.87 -8.07
C LEU A 37 3.50 5.72 -8.24
N ALA A 38 4.09 6.50 -9.16
CA ALA A 38 5.55 6.64 -9.32
C ALA A 38 6.26 6.93 -7.99
N GLN A 39 5.63 7.75 -7.13
CA GLN A 39 6.17 8.06 -5.80
C GLN A 39 6.01 6.85 -4.86
N LEU A 40 4.88 6.12 -5.01
CA LEU A 40 4.60 4.91 -4.20
C LEU A 40 5.64 3.82 -4.48
N VAL A 41 6.18 3.79 -5.72
CA VAL A 41 7.27 2.88 -6.11
C VAL A 41 8.50 3.10 -5.20
N LYS A 42 8.96 4.36 -5.13
CA LYS A 42 10.21 4.70 -4.43
C LYS A 42 10.01 4.67 -2.89
N GLU A 43 8.85 5.16 -2.40
CA GLU A 43 8.51 5.15 -0.97
C GLU A 43 8.35 3.72 -0.43
N CYS A 44 7.43 2.95 -1.02
CA CYS A 44 7.06 1.61 -0.54
C CYS A 44 8.09 0.55 -1.01
N GLN A 45 9.06 1.01 -1.84
CA GLN A 45 10.25 0.23 -2.27
C GLN A 45 9.84 -1.02 -3.06
N ALA A 46 8.72 -0.92 -3.79
CA ALA A 46 8.13 -2.05 -4.53
C ALA A 46 7.86 -1.63 -5.99
N PRO A 47 7.91 -2.58 -6.98
CA PRO A 47 7.65 -2.27 -8.41
C PRO A 47 6.20 -1.82 -8.64
N LYS A 48 6.02 -0.83 -9.53
CA LYS A 48 4.71 -0.36 -10.02
C LYS A 48 3.74 -1.53 -10.32
N ARG A 49 4.28 -2.59 -10.95
CA ARG A 49 3.54 -3.82 -11.30
C ARG A 49 2.85 -4.43 -10.06
N GLU A 50 3.63 -4.62 -8.99
CA GLU A 50 3.15 -5.20 -7.73
C GLU A 50 2.14 -4.26 -7.06
N LEU A 51 2.49 -2.96 -7.03
CA LEU A 51 1.67 -1.91 -6.42
C LEU A 51 0.25 -1.90 -7.00
N ASN A 52 0.16 -1.88 -8.36
CA ASN A 52 -1.12 -1.85 -9.10
C ASN A 52 -2.11 -2.92 -8.60
N GLN A 53 -1.66 -4.18 -8.62
CA GLN A 53 -2.48 -5.35 -8.25
C GLN A 53 -3.00 -5.25 -6.79
N VAL A 54 -2.12 -4.81 -5.87
CA VAL A 54 -2.49 -4.63 -4.45
C VAL A 54 -3.47 -3.45 -4.29
N LEU A 55 -3.15 -2.30 -4.91
CA LEU A 55 -3.93 -1.05 -4.87
C LEU A 55 -5.39 -1.20 -5.31
N TYR A 56 -5.67 -2.03 -6.36
CA TYR A 56 -7.06 -2.26 -6.82
C TYR A 56 -7.85 -3.07 -5.78
N ARG A 57 -7.13 -3.95 -5.05
CA ARG A 57 -7.70 -4.76 -3.96
C ARG A 57 -8.01 -3.85 -2.76
N MET A 58 -7.06 -2.95 -2.44
CA MET A 58 -7.20 -1.94 -1.37
C MET A 58 -8.33 -0.95 -1.70
N LYS A 59 -8.55 -0.68 -3.01
CA LYS A 59 -9.66 0.16 -3.51
C LYS A 59 -11.01 -0.48 -3.16
N LYS A 60 -11.11 -1.80 -3.39
CA LYS A 60 -12.31 -2.59 -3.05
C LYS A 60 -12.56 -2.59 -1.53
N GLU A 61 -11.45 -2.60 -0.76
CA GLU A 61 -11.49 -2.56 0.72
C GLU A 61 -11.58 -1.12 1.24
N LEU A 62 -11.71 -0.13 0.32
CA LEU A 62 -11.93 1.32 0.63
C LEU A 62 -10.71 1.98 1.33
N LYS A 63 -9.59 1.24 1.37
CA LYS A 63 -8.32 1.68 2.01
C LYS A 63 -7.68 2.83 1.22
N VAL A 64 -7.82 2.78 -0.11
CA VAL A 64 -7.32 3.83 -1.03
C VAL A 64 -8.44 4.25 -1.99
N SER A 65 -8.27 5.45 -2.55
CA SER A 65 -9.13 6.00 -3.61
C SER A 65 -8.23 6.57 -4.71
N LEU A 66 -8.72 6.60 -5.95
CA LEU A 66 -7.95 7.14 -7.08
C LEU A 66 -8.42 8.59 -7.32
N THR A 67 -7.55 9.57 -7.07
CA THR A 67 -7.87 11.00 -7.23
C THR A 67 -7.60 11.49 -8.67
N SER A 68 -6.53 10.96 -9.27
CA SER A 68 -6.06 11.34 -10.60
C SER A 68 -5.58 10.04 -11.29
N PRO A 69 -5.56 9.95 -12.68
CA PRO A 69 -5.18 8.72 -13.45
C PRO A 69 -4.21 7.72 -12.75
N ALA A 70 -2.93 8.12 -12.54
CA ALA A 70 -1.94 7.30 -11.81
C ALA A 70 -1.51 7.99 -10.49
N THR A 71 -2.48 8.60 -9.79
CA THR A 71 -2.27 9.21 -8.47
C THR A 71 -3.33 8.68 -7.50
N TRP A 72 -2.86 8.14 -6.38
CA TRP A 72 -3.69 7.50 -5.37
C TRP A 72 -3.77 8.39 -4.13
N CYS A 73 -4.74 8.12 -3.26
CA CYS A 73 -4.90 8.85 -2.00
C CYS A 73 -5.44 7.89 -0.95
N LEU A 74 -5.34 8.30 0.32
CA LEU A 74 -5.91 7.55 1.43
C LEU A 74 -7.45 7.62 1.34
N GLY A 75 -8.12 6.48 1.55
CA GLY A 75 -9.58 6.38 1.49
C GLY A 75 -10.22 7.10 2.67
N GLY A 76 -10.24 8.45 2.58
CA GLY A 76 -10.65 9.32 3.67
C GLY A 76 -9.56 9.38 4.74
N THR A 77 -9.57 8.37 5.62
CA THR A 77 -8.60 8.19 6.68
C THR A 77 -8.68 6.72 7.16
N ASP A 78 -8.18 6.42 8.38
CA ASP A 78 -8.44 5.13 9.05
C ASP A 78 -9.96 4.99 9.29
N PRO A 79 -10.61 3.87 8.82
CA PRO A 79 -12.06 3.66 9.03
C PRO A 79 -12.38 3.50 10.54
N GLU A 80 -12.84 4.60 11.16
CA GLU A 80 -13.19 4.63 12.59
C GLU A 80 -14.59 3.97 12.81
N MET A 1 32.46 -15.94 -1.11
CA MET A 1 32.97 -15.95 0.28
C MET A 1 32.07 -16.83 1.16
N GLY A 2 32.41 -18.15 1.20
CA GLY A 2 31.68 -19.15 2.00
C GLY A 2 30.20 -19.26 1.63
N HIS A 3 29.94 -19.31 0.30
CA HIS A 3 28.56 -19.35 -0.30
C HIS A 3 27.83 -17.98 -0.10
N HIS A 4 26.75 -17.75 -0.89
CA HIS A 4 25.83 -16.60 -0.69
C HIS A 4 25.34 -16.60 0.77
N HIS A 5 25.60 -15.47 1.48
CA HIS A 5 25.39 -15.33 2.95
C HIS A 5 24.02 -15.89 3.39
N HIS A 6 23.00 -15.41 2.70
CA HIS A 6 21.63 -15.88 2.85
C HIS A 6 20.86 -15.43 1.60
N HIS A 7 20.59 -16.38 0.69
CA HIS A 7 19.84 -16.13 -0.56
C HIS A 7 18.42 -15.64 -0.23
N HIS A 8 18.26 -14.31 -0.16
CA HIS A 8 16.98 -13.61 0.13
C HIS A 8 16.35 -14.07 1.47
N SER A 9 15.65 -15.22 1.45
CA SER A 9 14.98 -15.78 2.64
C SER A 9 14.86 -17.32 2.55
N HIS A 10 15.41 -17.90 1.45
CA HIS A 10 15.23 -19.32 1.05
C HIS A 10 13.74 -19.58 0.62
N MET A 11 12.97 -18.48 0.55
CA MET A 11 11.51 -18.46 0.32
C MET A 11 11.18 -17.21 -0.52
N ALA A 12 9.88 -16.92 -0.69
CA ALA A 12 9.41 -15.61 -1.19
C ALA A 12 9.46 -14.58 -0.02
N ASP A 13 8.96 -13.36 -0.25
CA ASP A 13 8.93 -12.30 0.80
C ASP A 13 7.87 -12.66 1.88
N PRO A 14 8.22 -12.53 3.20
CA PRO A 14 7.28 -12.79 4.32
C PRO A 14 6.07 -11.83 4.26
N GLY A 15 4.85 -12.41 4.16
CA GLY A 15 3.58 -11.65 4.07
C GLY A 15 3.62 -10.49 3.09
N ARG A 16 3.91 -10.80 1.80
CA ARG A 16 4.16 -9.80 0.73
C ARG A 16 3.10 -8.69 0.69
N GLU A 17 1.83 -9.09 0.47
CA GLU A 17 0.71 -8.16 0.26
C GLU A 17 0.41 -7.35 1.53
N GLY A 18 0.58 -7.97 2.71
CA GLY A 18 0.50 -7.28 3.99
C GLY A 18 1.47 -6.11 4.12
N HIS A 19 2.77 -6.38 3.86
CA HIS A 19 3.84 -5.36 3.96
C HIS A 19 3.65 -4.29 2.87
N LEU A 20 3.20 -4.75 1.72
CA LEU A 20 2.94 -3.90 0.55
C LEU A 20 1.80 -2.89 0.86
N GLU A 21 0.66 -3.43 1.36
CA GLU A 21 -0.56 -2.65 1.62
C GLU A 21 -0.33 -1.62 2.72
N GLN A 22 0.30 -2.06 3.84
CA GLN A 22 0.55 -1.21 5.00
C GLN A 22 1.45 -0.03 4.62
N ARG A 23 2.44 -0.29 3.75
CA ARG A 23 3.41 0.71 3.31
C ARG A 23 2.74 1.75 2.38
N ILE A 24 1.82 1.28 1.48
CA ILE A 24 1.03 2.17 0.60
C ILE A 24 0.21 3.16 1.46
N LEU A 25 -0.55 2.61 2.45
CA LEU A 25 -1.37 3.39 3.39
C LEU A 25 -0.51 4.42 4.14
N GLN A 26 0.69 3.98 4.57
CA GLN A 26 1.62 4.80 5.38
C GLN A 26 2.07 6.05 4.62
N VAL A 27 2.55 5.84 3.37
CA VAL A 27 3.03 6.92 2.49
C VAL A 27 1.93 7.97 2.24
N LEU A 28 0.70 7.48 2.03
CA LEU A 28 -0.48 8.31 1.77
C LEU A 28 -0.91 9.09 3.03
N THR A 29 -0.70 8.48 4.23
CA THR A 29 -1.02 9.11 5.53
C THR A 29 -0.03 10.25 5.87
N GLU A 30 1.29 9.97 5.77
CA GLU A 30 2.35 10.92 6.14
C GLU A 30 2.28 12.17 5.25
N ALA A 31 1.92 11.96 3.97
CA ALA A 31 1.64 13.04 3.02
C ALA A 31 0.29 13.71 3.35
N GLY A 32 -0.68 12.88 3.77
CA GLY A 32 -2.04 13.33 4.07
C GLY A 32 -2.77 13.92 2.86
N SER A 33 -2.31 13.51 1.66
CA SER A 33 -2.69 14.14 0.38
C SER A 33 -2.59 13.10 -0.77
N PRO A 34 -3.19 13.39 -1.98
CA PRO A 34 -3.00 12.54 -3.17
C PRO A 34 -1.52 12.41 -3.59
N VAL A 35 -0.99 11.17 -3.54
CA VAL A 35 0.39 10.83 -3.94
C VAL A 35 0.33 9.97 -5.21
N LYS A 36 1.16 10.33 -6.19
CA LYS A 36 1.27 9.59 -7.46
C LYS A 36 1.92 8.21 -7.21
N LEU A 37 1.46 7.20 -7.97
CA LEU A 37 2.02 5.83 -7.92
C LEU A 37 3.52 5.84 -8.25
N ALA A 38 3.91 6.66 -9.25
CA ALA A 38 5.31 7.02 -9.55
C ALA A 38 6.15 7.30 -8.27
N GLN A 39 5.58 8.06 -7.30
CA GLN A 39 6.27 8.37 -6.03
C GLN A 39 6.12 7.19 -5.04
N LEU A 40 4.96 6.47 -5.10
CA LEU A 40 4.68 5.33 -4.20
C LEU A 40 5.76 4.25 -4.36
N VAL A 41 6.29 4.11 -5.59
CA VAL A 41 7.43 3.22 -5.90
C VAL A 41 8.66 3.49 -4.99
N LYS A 42 9.17 4.74 -5.01
CA LYS A 42 10.41 5.10 -4.29
C LYS A 42 10.21 5.10 -2.77
N GLU A 43 9.06 5.64 -2.29
CA GLU A 43 8.76 5.72 -0.85
C GLU A 43 8.50 4.33 -0.23
N CYS A 44 7.73 3.48 -0.93
CA CYS A 44 7.40 2.13 -0.43
C CYS A 44 8.56 1.15 -0.61
N GLN A 45 9.57 1.52 -1.46
CA GLN A 45 10.69 0.63 -1.84
C GLN A 45 10.16 -0.62 -2.58
N ALA A 46 8.98 -0.47 -3.20
CA ALA A 46 8.22 -1.56 -3.79
C ALA A 46 8.12 -1.37 -5.33
N PRO A 47 8.16 -2.47 -6.13
CA PRO A 47 7.94 -2.40 -7.59
C PRO A 47 6.49 -2.03 -7.93
N LYS A 48 6.34 -1.15 -8.94
CA LYS A 48 5.04 -0.71 -9.50
C LYS A 48 4.10 -1.89 -9.82
N ARG A 49 4.66 -3.06 -10.16
CA ARG A 49 3.92 -4.32 -10.39
C ARG A 49 3.06 -4.70 -9.15
N GLU A 50 3.76 -4.83 -8.01
CA GLU A 50 3.18 -5.24 -6.72
C GLU A 50 2.21 -4.18 -6.20
N LEU A 51 2.63 -2.92 -6.32
CA LEU A 51 1.80 -1.76 -5.96
C LEU A 51 0.46 -1.83 -6.70
N ASN A 52 0.50 -1.98 -8.05
CA ASN A 52 -0.70 -2.12 -8.91
C ASN A 52 -1.69 -3.17 -8.35
N GLN A 53 -1.20 -4.42 -8.20
CA GLN A 53 -1.99 -5.57 -7.73
C GLN A 53 -2.70 -5.29 -6.39
N VAL A 54 -1.94 -4.80 -5.41
CA VAL A 54 -2.44 -4.52 -4.06
C VAL A 54 -3.44 -3.32 -4.07
N LEU A 55 -3.08 -2.25 -4.81
CA LEU A 55 -3.87 -1.00 -4.95
C LEU A 55 -5.35 -1.23 -5.27
N TYR A 56 -5.69 -2.08 -6.26
CA TYR A 56 -7.11 -2.29 -6.67
C TYR A 56 -7.89 -3.10 -5.63
N ARG A 57 -7.20 -3.94 -4.83
CA ARG A 57 -7.83 -4.69 -3.72
C ARG A 57 -8.22 -3.74 -2.60
N MET A 58 -7.23 -2.97 -2.12
CA MET A 58 -7.41 -2.01 -1.02
C MET A 58 -8.31 -0.83 -1.45
N LYS A 59 -8.37 -0.56 -2.77
CA LYS A 59 -9.31 0.41 -3.36
C LYS A 59 -10.76 -0.11 -3.27
N LYS A 60 -10.94 -1.41 -3.58
CA LYS A 60 -12.22 -2.12 -3.46
C LYS A 60 -12.73 -2.07 -2.00
N GLU A 61 -11.78 -2.19 -1.06
CA GLU A 61 -12.05 -2.15 0.38
C GLU A 61 -12.07 -0.70 0.94
N LEU A 62 -11.83 0.30 0.04
CA LEU A 62 -11.89 1.75 0.35
C LEU A 62 -10.86 2.17 1.44
N LYS A 63 -9.79 1.37 1.54
CA LYS A 63 -8.57 1.69 2.31
C LYS A 63 -7.84 2.85 1.64
N VAL A 64 -7.95 2.89 0.30
CA VAL A 64 -7.50 4.00 -0.54
C VAL A 64 -8.61 4.35 -1.54
N SER A 65 -8.53 5.56 -2.09
CA SER A 65 -9.40 6.00 -3.18
C SER A 65 -8.52 6.58 -4.30
N LEU A 66 -9.05 6.58 -5.52
CA LEU A 66 -8.33 7.07 -6.71
C LEU A 66 -8.90 8.46 -7.04
N THR A 67 -8.09 9.50 -6.88
CA THR A 67 -8.54 10.90 -7.04
C THR A 67 -8.24 11.41 -8.46
N SER A 68 -7.03 11.10 -8.96
CA SER A 68 -6.54 11.60 -10.28
C SER A 68 -5.92 10.44 -11.09
N PRO A 69 -5.75 10.59 -12.45
CA PRO A 69 -5.09 9.57 -13.31
C PRO A 69 -3.66 9.21 -12.80
N ALA A 70 -3.49 7.93 -12.39
CA ALA A 70 -2.23 7.37 -11.86
C ALA A 70 -1.87 7.92 -10.46
N THR A 71 -2.80 8.65 -9.84
CA THR A 71 -2.57 9.35 -8.56
C THR A 71 -3.62 8.90 -7.52
N TRP A 72 -3.13 8.35 -6.42
CA TRP A 72 -3.95 7.71 -5.38
C TRP A 72 -3.99 8.60 -4.14
N CYS A 73 -4.92 8.30 -3.24
CA CYS A 73 -5.09 9.02 -1.98
C CYS A 73 -5.54 8.04 -0.91
N LEU A 74 -5.33 8.42 0.36
CA LEU A 74 -5.75 7.60 1.50
C LEU A 74 -7.29 7.60 1.62
N GLY A 75 -7.86 6.42 1.90
CA GLY A 75 -9.30 6.28 2.12
C GLY A 75 -9.69 6.72 3.53
N GLY A 76 -9.64 8.05 3.75
CA GLY A 76 -9.85 8.65 5.06
C GLY A 76 -8.69 8.37 6.01
N THR A 77 -8.68 7.15 6.58
CA THR A 77 -7.63 6.66 7.49
C THR A 77 -7.57 5.10 7.47
N ASP A 78 -8.26 4.50 6.46
CA ASP A 78 -8.60 3.06 6.43
C ASP A 78 -9.53 2.72 7.63
N PRO A 79 -10.87 2.92 7.48
CA PRO A 79 -11.85 2.63 8.56
C PRO A 79 -12.11 1.13 8.77
N GLU A 80 -11.89 0.31 7.71
CA GLU A 80 -12.23 -1.12 7.74
C GLU A 80 -11.10 -1.95 7.07
N MET A 1 -1.06 -11.53 -6.00
CA MET A 1 -1.65 -12.66 -5.27
C MET A 1 -0.87 -13.94 -5.56
N GLY A 2 -0.55 -14.71 -4.49
CA GLY A 2 0.22 -15.95 -4.60
C GLY A 2 -0.44 -16.98 -5.49
N HIS A 3 0.19 -17.27 -6.66
CA HIS A 3 -0.37 -18.21 -7.65
C HIS A 3 0.73 -19.00 -8.39
N HIS A 4 2.00 -18.89 -7.92
CA HIS A 4 3.13 -19.63 -8.51
C HIS A 4 2.95 -21.14 -8.25
N HIS A 5 2.59 -21.89 -9.31
CA HIS A 5 2.20 -23.32 -9.22
C HIS A 5 3.42 -24.23 -8.97
N HIS A 6 3.93 -24.14 -7.73
CA HIS A 6 5.13 -24.88 -7.24
C HIS A 6 4.96 -25.04 -5.71
N HIS A 7 3.77 -25.55 -5.29
CA HIS A 7 3.36 -25.67 -3.86
C HIS A 7 3.12 -24.27 -3.21
N HIS A 8 3.19 -23.20 -4.03
CA HIS A 8 3.04 -21.80 -3.58
C HIS A 8 1.91 -21.11 -4.39
N SER A 9 0.89 -21.88 -4.81
CA SER A 9 -0.29 -21.35 -5.55
C SER A 9 -1.32 -20.68 -4.60
N HIS A 10 -0.84 -20.26 -3.43
CA HIS A 10 -1.63 -19.67 -2.36
C HIS A 10 -0.73 -18.70 -1.59
N MET A 11 -1.34 -17.74 -0.91
CA MET A 11 -0.62 -16.82 -0.05
C MET A 11 -0.56 -17.40 1.37
N ALA A 12 0.51 -18.17 1.66
CA ALA A 12 0.75 -18.71 3.00
C ALA A 12 1.02 -17.55 3.96
N ASP A 13 -0.04 -17.08 4.64
CA ASP A 13 -0.06 -15.85 5.46
C ASP A 13 0.13 -14.60 4.55
N PRO A 14 -0.87 -13.68 4.43
CA PRO A 14 -0.75 -12.42 3.62
C PRO A 14 0.19 -11.34 4.24
N GLY A 15 1.25 -11.78 4.95
CA GLY A 15 2.25 -10.89 5.56
C GLY A 15 2.82 -9.83 4.63
N ARG A 16 3.48 -10.26 3.52
CA ARG A 16 4.16 -9.34 2.57
C ARG A 16 3.18 -8.41 1.86
N GLU A 17 2.02 -8.93 1.41
CA GLU A 17 0.97 -8.12 0.75
C GLU A 17 0.34 -7.13 1.72
N GLY A 18 0.09 -7.58 2.95
CA GLY A 18 -0.49 -6.74 4.00
C GLY A 18 0.46 -5.66 4.48
N HIS A 19 1.78 -5.93 4.39
CA HIS A 19 2.83 -4.95 4.78
C HIS A 19 3.10 -3.99 3.61
N LEU A 20 2.96 -4.51 2.38
CA LEU A 20 3.01 -3.72 1.14
C LEU A 20 1.83 -2.75 1.11
N GLU A 21 0.67 -3.27 1.51
CA GLU A 21 -0.59 -2.52 1.70
C GLU A 21 -0.38 -1.47 2.81
N GLN A 22 0.28 -1.91 3.89
CA GLN A 22 0.58 -1.07 5.06
C GLN A 22 1.47 0.10 4.64
N ARG A 23 2.49 -0.18 3.81
CA ARG A 23 3.46 0.81 3.36
C ARG A 23 2.81 1.84 2.44
N ILE A 24 1.97 1.37 1.49
CA ILE A 24 1.22 2.25 0.58
C ILE A 24 0.37 3.23 1.40
N LEU A 25 -0.39 2.67 2.38
CA LEU A 25 -1.31 3.45 3.23
C LEU A 25 -0.53 4.40 4.14
N GLN A 26 0.69 4.00 4.55
CA GLN A 26 1.55 4.79 5.43
C GLN A 26 2.05 6.03 4.68
N VAL A 27 2.50 5.82 3.43
CA VAL A 27 2.98 6.91 2.55
C VAL A 27 1.84 7.90 2.26
N LEU A 28 0.62 7.36 2.12
CA LEU A 28 -0.61 8.16 1.91
C LEU A 28 -0.93 9.01 3.16
N THR A 29 -0.72 8.42 4.35
CA THR A 29 -0.99 9.04 5.64
C THR A 29 0.02 10.14 5.98
N GLU A 30 1.34 9.86 5.84
CA GLU A 30 2.41 10.81 6.23
C GLU A 30 2.43 12.03 5.32
N ALA A 31 2.12 11.79 4.03
CA ALA A 31 1.89 12.87 3.06
C ALA A 31 0.64 13.66 3.42
N GLY A 32 -0.41 12.93 3.90
CA GLY A 32 -1.73 13.52 4.18
C GLY A 32 -2.36 14.16 2.95
N SER A 33 -1.91 13.68 1.77
CA SER A 33 -2.21 14.29 0.47
C SER A 33 -2.12 13.19 -0.59
N PRO A 34 -2.91 13.29 -1.72
CA PRO A 34 -2.85 12.34 -2.85
C PRO A 34 -1.41 12.06 -3.36
N VAL A 35 -0.96 10.81 -3.15
CA VAL A 35 0.40 10.38 -3.55
C VAL A 35 0.29 9.68 -4.91
N LYS A 36 1.23 9.97 -5.81
CA LYS A 36 1.26 9.38 -7.17
C LYS A 36 1.81 7.94 -7.07
N LEU A 37 1.46 7.11 -8.07
CA LEU A 37 1.89 5.71 -8.15
C LEU A 37 3.40 5.65 -8.33
N ALA A 38 3.90 6.49 -9.25
CA ALA A 38 5.34 6.77 -9.40
C ALA A 38 6.02 7.11 -8.05
N GLN A 39 5.38 7.95 -7.21
CA GLN A 39 5.96 8.31 -5.89
C GLN A 39 5.84 7.11 -4.92
N LEU A 40 4.78 6.30 -5.08
CA LEU A 40 4.59 5.09 -4.26
C LEU A 40 5.74 4.10 -4.51
N VAL A 41 6.24 4.03 -5.76
CA VAL A 41 7.38 3.17 -6.14
C VAL A 41 8.62 3.46 -5.27
N LYS A 42 9.03 4.73 -5.25
CA LYS A 42 10.25 5.16 -4.55
C LYS A 42 10.08 5.11 -3.01
N GLU A 43 8.96 5.63 -2.50
CA GLU A 43 8.68 5.66 -1.04
C GLU A 43 8.55 4.26 -0.44
N CYS A 44 7.90 3.34 -1.17
CA CYS A 44 7.72 1.96 -0.71
C CYS A 44 8.96 1.11 -1.00
N GLN A 45 9.83 1.58 -1.94
CA GLN A 45 11.00 0.81 -2.45
C GLN A 45 10.52 -0.50 -3.09
N ALA A 46 9.31 -0.44 -3.66
CA ALA A 46 8.56 -1.62 -4.12
C ALA A 46 8.26 -1.51 -5.62
N PRO A 47 8.24 -2.66 -6.37
CA PRO A 47 7.95 -2.68 -7.82
C PRO A 47 6.52 -2.19 -8.13
N LYS A 48 6.43 -1.23 -9.07
CA LYS A 48 5.14 -0.67 -9.56
C LYS A 48 4.14 -1.76 -9.99
N ARG A 49 4.67 -2.91 -10.46
CA ARG A 49 3.85 -4.10 -10.78
C ARG A 49 2.98 -4.51 -9.57
N GLU A 50 3.67 -4.74 -8.45
CA GLU A 50 3.07 -5.22 -7.19
C GLU A 50 2.15 -4.17 -6.60
N LEU A 51 2.62 -2.91 -6.59
CA LEU A 51 1.85 -1.77 -6.08
C LEU A 51 0.51 -1.66 -6.81
N ASN A 52 0.58 -1.58 -8.17
CA ASN A 52 -0.60 -1.50 -9.07
C ASN A 52 -1.63 -2.59 -8.73
N GLN A 53 -1.17 -3.86 -8.68
CA GLN A 53 -1.99 -5.03 -8.32
C GLN A 53 -2.74 -4.84 -6.98
N VAL A 54 -1.97 -4.56 -5.92
CA VAL A 54 -2.47 -4.48 -4.55
C VAL A 54 -3.43 -3.27 -4.39
N LEU A 55 -3.13 -2.15 -5.09
CA LEU A 55 -3.93 -0.90 -5.06
C LEU A 55 -5.41 -1.12 -5.34
N TYR A 56 -5.75 -1.86 -6.41
CA TYR A 56 -7.17 -2.04 -6.81
C TYR A 56 -7.89 -2.99 -5.86
N ARG A 57 -7.12 -3.87 -5.20
CA ARG A 57 -7.62 -4.74 -4.12
C ARG A 57 -7.99 -3.89 -2.90
N MET A 58 -7.02 -3.05 -2.47
CA MET A 58 -7.18 -2.09 -1.37
C MET A 58 -8.31 -1.08 -1.67
N LYS A 59 -8.59 -0.84 -2.97
CA LYS A 59 -9.66 0.08 -3.40
C LYS A 59 -11.03 -0.55 -3.11
N LYS A 60 -11.14 -1.88 -3.29
CA LYS A 60 -12.34 -2.66 -2.93
C LYS A 60 -12.48 -2.72 -1.40
N GLU A 61 -11.34 -2.70 -0.69
CA GLU A 61 -11.30 -2.64 0.79
C GLU A 61 -11.57 -1.21 1.29
N LEU A 62 -11.69 -0.24 0.34
CA LEU A 62 -12.01 1.18 0.61
C LEU A 62 -10.83 1.87 1.35
N LYS A 63 -9.65 1.23 1.30
CA LYS A 63 -8.40 1.72 1.90
C LYS A 63 -7.70 2.77 1.03
N VAL A 64 -7.89 2.69 -0.30
CA VAL A 64 -7.37 3.70 -1.25
C VAL A 64 -8.49 4.12 -2.20
N SER A 65 -8.31 5.31 -2.81
CA SER A 65 -9.25 5.88 -3.77
C SER A 65 -8.47 6.61 -4.86
N LEU A 66 -9.00 6.66 -6.09
CA LEU A 66 -8.32 7.28 -7.24
C LEU A 66 -8.94 8.67 -7.46
N THR A 67 -8.18 9.72 -7.15
CA THR A 67 -8.66 11.10 -7.23
C THR A 67 -8.18 11.78 -8.53
N SER A 68 -6.99 11.36 -8.97
CA SER A 68 -6.33 11.90 -10.16
C SER A 68 -5.67 10.72 -10.91
N PRO A 69 -5.45 10.81 -12.28
CA PRO A 69 -4.73 9.77 -13.06
C PRO A 69 -3.44 9.24 -12.39
N ALA A 70 -3.47 7.94 -12.01
CA ALA A 70 -2.36 7.23 -11.35
C ALA A 70 -1.96 7.87 -10.02
N THR A 71 -2.92 8.55 -9.36
CA THR A 71 -2.70 9.21 -8.08
C THR A 71 -3.81 8.82 -7.11
N TRP A 72 -3.41 8.31 -5.95
CA TRP A 72 -4.30 7.69 -4.97
C TRP A 72 -4.25 8.50 -3.67
N CYS A 73 -5.38 8.57 -2.97
CA CYS A 73 -5.46 9.17 -1.63
C CYS A 73 -5.79 8.07 -0.63
N LEU A 74 -5.47 8.34 0.65
CA LEU A 74 -5.83 7.47 1.76
C LEU A 74 -7.36 7.42 1.89
N GLY A 75 -7.95 6.33 1.40
CA GLY A 75 -9.39 6.12 1.49
C GLY A 75 -9.81 5.55 2.83
N GLY A 76 -8.91 4.75 3.44
CA GLY A 76 -9.20 4.02 4.68
C GLY A 76 -8.64 4.72 5.90
N THR A 77 -9.03 4.24 7.08
CA THR A 77 -8.61 4.80 8.36
C THR A 77 -7.33 4.07 8.86
N ASP A 78 -6.22 4.37 8.17
CA ASP A 78 -4.87 3.83 8.49
C ASP A 78 -4.27 4.43 9.80
N PRO A 79 -4.21 5.80 9.99
CA PRO A 79 -3.50 6.40 11.16
C PRO A 79 -4.16 6.07 12.51
N GLU A 80 -5.44 5.70 12.50
CA GLU A 80 -6.21 5.44 13.74
C GLU A 80 -6.38 3.92 13.90
N MET A 1 4.86 7.28 25.64
CA MET A 1 5.43 8.12 24.55
C MET A 1 4.39 8.26 23.42
N GLY A 2 4.51 9.32 22.59
CA GLY A 2 3.59 9.56 21.47
C GLY A 2 3.74 8.52 20.36
N HIS A 3 2.95 7.42 20.47
CA HIS A 3 2.93 6.26 19.54
C HIS A 3 4.21 5.41 19.63
N HIS A 4 4.05 4.09 19.41
CA HIS A 4 5.16 3.11 19.32
C HIS A 4 4.82 2.10 18.22
N HIS A 5 5.87 1.54 17.58
CA HIS A 5 5.72 0.49 16.56
C HIS A 5 7.02 -0.32 16.41
N HIS A 6 7.04 -1.54 16.97
CA HIS A 6 8.12 -2.52 16.78
C HIS A 6 7.54 -3.93 16.53
N HIS A 7 6.21 -4.10 16.75
CA HIS A 7 5.50 -5.38 16.56
C HIS A 7 4.09 -5.12 15.99
N HIS A 8 3.12 -6.03 16.29
CA HIS A 8 1.71 -5.95 15.85
C HIS A 8 1.59 -6.14 14.32
N SER A 9 1.72 -5.05 13.55
CA SER A 9 1.54 -5.07 12.09
C SER A 9 2.78 -5.63 11.37
N HIS A 10 3.91 -5.70 12.11
CA HIS A 10 5.18 -6.22 11.57
C HIS A 10 5.90 -6.97 12.70
N MET A 11 5.57 -8.27 12.81
CA MET A 11 6.15 -9.20 13.79
C MET A 11 6.20 -10.59 13.15
N ALA A 12 7.41 -11.01 12.76
CA ALA A 12 7.66 -12.25 11.96
C ALA A 12 7.05 -12.16 10.55
N ASP A 13 7.30 -13.20 9.74
CA ASP A 13 6.71 -13.40 8.39
C ASP A 13 7.26 -12.38 7.35
N PRO A 14 7.68 -12.86 6.13
CA PRO A 14 7.98 -11.94 4.99
C PRO A 14 6.77 -11.04 4.68
N GLY A 15 5.57 -11.69 4.70
CA GLY A 15 4.25 -11.04 4.62
C GLY A 15 4.17 -9.89 3.64
N ARG A 16 4.68 -10.13 2.42
CA ARG A 16 5.02 -9.08 1.45
C ARG A 16 3.81 -8.19 1.11
N GLU A 17 2.64 -8.79 0.80
CA GLU A 17 1.45 -8.06 0.35
C GLU A 17 0.84 -7.21 1.48
N GLY A 18 0.66 -7.82 2.66
CA GLY A 18 0.18 -7.13 3.85
C GLY A 18 1.07 -5.96 4.28
N HIS A 19 2.39 -6.16 4.19
CA HIS A 19 3.38 -5.14 4.58
C HIS A 19 3.49 -4.05 3.50
N LEU A 20 3.26 -4.47 2.24
CA LEU A 20 3.18 -3.60 1.06
C LEU A 20 2.01 -2.61 1.24
N GLU A 21 0.87 -3.17 1.65
CA GLU A 21 -0.37 -2.43 1.94
C GLU A 21 -0.11 -1.37 3.02
N GLN A 22 0.48 -1.82 4.15
CA GLN A 22 0.69 -0.99 5.33
C GLN A 22 1.64 0.17 5.01
N ARG A 23 2.63 -0.07 4.13
CA ARG A 23 3.56 0.95 3.67
C ARG A 23 2.88 2.01 2.78
N ILE A 24 2.05 1.56 1.81
CA ILE A 24 1.31 2.46 0.90
C ILE A 24 0.39 3.39 1.71
N LEU A 25 -0.42 2.79 2.61
CA LEU A 25 -1.40 3.51 3.43
C LEU A 25 -0.68 4.47 4.40
N GLN A 26 0.53 4.08 4.85
CA GLN A 26 1.36 4.91 5.76
C GLN A 26 1.86 6.17 5.02
N VAL A 27 2.40 5.96 3.81
CA VAL A 27 2.92 7.04 2.94
C VAL A 27 1.82 8.06 2.60
N LEU A 28 0.59 7.53 2.42
CA LEU A 28 -0.62 8.34 2.19
C LEU A 28 -0.98 9.15 3.47
N THR A 29 -0.83 8.50 4.65
CA THR A 29 -1.13 9.11 5.96
C THR A 29 -0.16 10.26 6.28
N GLU A 30 1.16 10.02 6.09
CA GLU A 30 2.23 10.98 6.45
C GLU A 30 2.19 12.23 5.57
N ALA A 31 1.91 12.01 4.28
CA ALA A 31 1.68 13.10 3.32
C ALA A 31 0.44 13.91 3.69
N GLY A 32 -0.62 13.19 4.11
CA GLY A 32 -1.94 13.79 4.37
C GLY A 32 -2.54 14.36 3.09
N SER A 33 -2.17 13.76 1.95
CA SER A 33 -2.44 14.28 0.61
C SER A 33 -2.48 13.10 -0.40
N PRO A 34 -3.13 13.26 -1.58
CA PRO A 34 -3.03 12.26 -2.69
C PRO A 34 -1.58 12.09 -3.18
N VAL A 35 -1.08 10.85 -3.12
CA VAL A 35 0.30 10.48 -3.51
C VAL A 35 0.23 9.68 -4.82
N LYS A 36 1.06 10.08 -5.82
CA LYS A 36 1.13 9.41 -7.13
C LYS A 36 1.69 7.99 -6.97
N LEU A 37 1.29 7.10 -7.91
CA LEU A 37 1.83 5.74 -7.99
C LEU A 37 3.35 5.78 -8.22
N ALA A 38 3.76 6.66 -9.15
CA ALA A 38 5.18 7.06 -9.37
C ALA A 38 5.96 7.28 -8.06
N GLN A 39 5.35 7.95 -7.06
CA GLN A 39 6.00 8.23 -5.78
C GLN A 39 5.86 7.03 -4.83
N LEU A 40 4.76 6.27 -4.97
CA LEU A 40 4.51 5.06 -4.15
C LEU A 40 5.60 4.00 -4.42
N VAL A 41 6.12 3.96 -5.66
CA VAL A 41 7.25 3.07 -6.04
C VAL A 41 8.51 3.36 -5.21
N LYS A 42 8.94 4.63 -5.23
CA LYS A 42 10.21 5.04 -4.57
C LYS A 42 10.09 5.04 -3.03
N GLU A 43 8.95 5.48 -2.48
CA GLU A 43 8.70 5.47 -1.03
C GLU A 43 8.57 4.04 -0.48
N CYS A 44 7.74 3.21 -1.12
CA CYS A 44 7.45 1.84 -0.65
C CYS A 44 8.58 0.87 -1.04
N GLN A 45 9.49 1.33 -1.94
CA GLN A 45 10.70 0.60 -2.38
C GLN A 45 10.33 -0.74 -3.09
N ALA A 46 9.15 -0.75 -3.72
CA ALA A 46 8.55 -1.96 -4.31
C ALA A 46 8.27 -1.76 -5.82
N PRO A 47 8.21 -2.89 -6.63
CA PRO A 47 7.88 -2.79 -8.06
C PRO A 47 6.44 -2.27 -8.29
N LYS A 48 6.33 -1.24 -9.17
CA LYS A 48 5.05 -0.64 -9.61
C LYS A 48 3.96 -1.70 -9.96
N ARG A 49 4.40 -2.77 -10.65
CA ARG A 49 3.53 -3.92 -11.05
C ARG A 49 2.79 -4.53 -9.83
N GLU A 50 3.56 -4.76 -8.75
CA GLU A 50 3.07 -5.32 -7.49
C GLU A 50 2.11 -4.33 -6.81
N LEU A 51 2.50 -3.03 -6.80
CA LEU A 51 1.73 -1.94 -6.19
C LEU A 51 0.32 -1.86 -6.78
N ASN A 52 0.22 -1.81 -8.13
CA ASN A 52 -1.07 -1.75 -8.89
C ASN A 52 -2.07 -2.81 -8.41
N GLN A 53 -1.63 -4.07 -8.44
CA GLN A 53 -2.49 -5.22 -8.12
C GLN A 53 -3.03 -5.15 -6.66
N VAL A 54 -2.17 -4.75 -5.70
CA VAL A 54 -2.58 -4.59 -4.28
C VAL A 54 -3.53 -3.38 -4.14
N LEU A 55 -3.19 -2.25 -4.80
CA LEU A 55 -3.97 -1.00 -4.81
C LEU A 55 -5.45 -1.21 -5.17
N TYR A 56 -5.76 -1.94 -6.26
CA TYR A 56 -7.17 -2.13 -6.68
C TYR A 56 -7.93 -3.02 -5.70
N ARG A 57 -7.20 -3.94 -5.02
CA ARG A 57 -7.79 -4.84 -4.01
C ARG A 57 -8.14 -4.04 -2.74
N MET A 58 -7.21 -3.17 -2.32
CA MET A 58 -7.41 -2.22 -1.21
C MET A 58 -8.52 -1.20 -1.56
N LYS A 59 -8.65 -0.86 -2.84
CA LYS A 59 -9.64 0.10 -3.36
C LYS A 59 -11.07 -0.44 -3.19
N LYS A 60 -11.21 -1.78 -3.35
CA LYS A 60 -12.46 -2.51 -3.05
C LYS A 60 -12.88 -2.29 -1.57
N GLU A 61 -11.87 -2.23 -0.70
CA GLU A 61 -12.03 -2.07 0.75
C GLU A 61 -12.02 -0.57 1.14
N LEU A 62 -11.98 0.33 0.13
CA LEU A 62 -11.98 1.82 0.28
C LEU A 62 -10.76 2.35 1.07
N LYS A 63 -9.69 1.53 1.15
CA LYS A 63 -8.41 1.91 1.80
C LYS A 63 -7.67 2.96 0.98
N VAL A 64 -7.73 2.80 -0.35
CA VAL A 64 -7.17 3.75 -1.32
C VAL A 64 -8.27 4.18 -2.31
N SER A 65 -8.11 5.37 -2.88
CA SER A 65 -9.02 5.96 -3.86
C SER A 65 -8.18 6.65 -4.95
N LEU A 66 -8.65 6.58 -6.21
CA LEU A 66 -7.88 7.07 -7.36
C LEU A 66 -8.40 8.48 -7.70
N THR A 67 -7.61 9.50 -7.36
CA THR A 67 -8.00 10.93 -7.49
C THR A 67 -7.67 11.48 -8.89
N SER A 68 -6.54 11.02 -9.44
CA SER A 68 -6.03 11.44 -10.77
C SER A 68 -5.51 10.17 -11.49
N PRO A 69 -5.29 10.19 -12.87
CA PRO A 69 -4.88 9.02 -13.71
C PRO A 69 -4.20 7.84 -12.97
N ALA A 70 -3.02 8.06 -12.36
CA ALA A 70 -2.34 7.06 -11.52
C ALA A 70 -2.07 7.59 -10.09
N THR A 71 -2.63 8.76 -9.72
CA THR A 71 -2.50 9.31 -8.37
C THR A 71 -3.57 8.72 -7.43
N TRP A 72 -3.10 8.18 -6.30
CA TRP A 72 -3.94 7.52 -5.28
C TRP A 72 -4.04 8.41 -4.04
N CYS A 73 -4.98 8.10 -3.15
CA CYS A 73 -5.22 8.85 -1.91
C CYS A 73 -5.76 7.90 -0.85
N LEU A 74 -5.60 8.25 0.42
CA LEU A 74 -6.06 7.42 1.54
C LEU A 74 -7.57 7.60 1.73
N GLY A 75 -8.33 6.53 1.46
CA GLY A 75 -9.78 6.53 1.67
C GLY A 75 -10.16 6.60 3.15
N GLY A 76 -9.36 5.89 3.98
CA GLY A 76 -9.56 5.85 5.43
C GLY A 76 -8.28 5.57 6.19
N THR A 77 -8.01 6.34 7.26
CA THR A 77 -6.82 6.15 8.11
C THR A 77 -6.97 4.88 8.96
N ASP A 78 -6.02 3.94 8.81
CA ASP A 78 -6.00 2.71 9.62
C ASP A 78 -5.35 2.99 10.99
N PRO A 79 -6.14 2.94 12.12
CA PRO A 79 -5.60 3.15 13.47
C PRO A 79 -5.10 1.83 14.07
N GLU A 80 -5.00 1.77 15.41
CA GLU A 80 -4.66 0.54 16.15
C GLU A 80 -5.57 0.47 17.40
N MET A 1 16.68 -38.86 9.49
CA MET A 1 15.43 -39.00 10.28
C MET A 1 14.28 -38.34 9.52
N GLY A 2 13.59 -39.13 8.67
CA GLY A 2 12.49 -38.65 7.81
C GLY A 2 11.30 -38.11 8.59
N HIS A 3 11.19 -38.55 9.85
CA HIS A 3 10.16 -38.09 10.81
C HIS A 3 10.47 -36.67 11.38
N HIS A 4 11.44 -35.96 10.75
CA HIS A 4 11.74 -34.56 11.09
C HIS A 4 10.46 -33.69 11.03
N HIS A 5 9.74 -33.77 9.88
CA HIS A 5 8.39 -33.16 9.66
C HIS A 5 8.33 -31.61 9.88
N HIS A 6 9.46 -30.99 10.26
CA HIS A 6 9.51 -29.58 10.72
C HIS A 6 9.26 -28.60 9.58
N HIS A 7 9.52 -29.03 8.34
CA HIS A 7 9.28 -28.22 7.13
C HIS A 7 7.76 -28.10 6.89
N HIS A 8 7.23 -26.91 7.23
CA HIS A 8 5.81 -26.55 7.00
C HIS A 8 5.63 -25.03 7.15
N SER A 9 6.59 -24.28 6.59
CA SER A 9 6.61 -22.79 6.62
C SER A 9 5.50 -22.17 5.74
N HIS A 10 4.92 -23.01 4.84
CA HIS A 10 3.83 -22.59 3.94
C HIS A 10 2.47 -22.55 4.68
N MET A 11 2.46 -22.96 5.97
CA MET A 11 1.28 -22.82 6.83
C MET A 11 1.16 -21.38 7.38
N ALA A 12 2.12 -20.51 7.02
CA ALA A 12 2.10 -19.08 7.36
C ALA A 12 3.08 -18.32 6.45
N ASP A 13 2.60 -17.86 5.27
CA ASP A 13 3.40 -17.09 4.31
C ASP A 13 2.50 -16.24 3.37
N PRO A 14 2.03 -15.04 3.82
CA PRO A 14 1.18 -14.13 2.99
C PRO A 14 2.01 -13.15 2.13
N GLY A 15 3.24 -13.57 1.78
CA GLY A 15 4.23 -12.72 1.09
C GLY A 15 4.54 -11.41 1.83
N ARG A 16 5.29 -10.51 1.18
CA ARG A 16 5.42 -9.08 1.60
C ARG A 16 4.08 -8.29 1.47
N GLU A 17 3.06 -8.88 0.84
CA GLU A 17 1.87 -8.14 0.32
C GLU A 17 1.19 -7.21 1.36
N GLY A 18 0.88 -7.75 2.54
CA GLY A 18 0.26 -6.98 3.64
C GLY A 18 1.16 -5.90 4.22
N HIS A 19 2.49 -6.11 4.14
CA HIS A 19 3.51 -5.13 4.55
C HIS A 19 3.63 -4.00 3.49
N LEU A 20 3.52 -4.39 2.22
CA LEU A 20 3.51 -3.48 1.08
C LEU A 20 2.25 -2.58 1.15
N GLU A 21 1.13 -3.20 1.50
CA GLU A 21 -0.15 -2.51 1.75
C GLU A 21 -0.02 -1.55 2.95
N GLN A 22 0.69 -2.03 3.99
CA GLN A 22 0.97 -1.25 5.21
C GLN A 22 1.81 0.00 4.89
N ARG A 23 2.75 -0.16 3.93
CA ARG A 23 3.55 0.95 3.39
C ARG A 23 2.64 1.99 2.70
N ILE A 24 1.76 1.50 1.80
CA ILE A 24 0.87 2.36 0.99
C ILE A 24 0.01 3.25 1.91
N LEU A 25 -0.62 2.64 2.95
CA LEU A 25 -1.46 3.33 3.92
C LEU A 25 -0.67 4.41 4.69
N GLN A 26 0.53 4.04 5.17
CA GLN A 26 1.36 4.90 6.02
C GLN A 26 1.85 6.15 5.23
N VAL A 27 2.29 5.92 3.98
CA VAL A 27 2.76 6.99 3.08
C VAL A 27 1.62 8.01 2.83
N LEU A 28 0.44 7.47 2.52
CA LEU A 28 -0.76 8.26 2.22
C LEU A 28 -1.25 9.03 3.47
N THR A 29 -1.01 8.48 4.67
CA THR A 29 -1.34 9.13 5.96
C THR A 29 -0.41 10.30 6.26
N GLU A 30 0.91 10.09 6.15
CA GLU A 30 1.92 11.09 6.49
C GLU A 30 1.89 12.27 5.50
N ALA A 31 1.53 11.96 4.25
CA ALA A 31 1.22 12.96 3.23
C ALA A 31 -0.06 13.73 3.59
N GLY A 32 -1.06 12.99 4.09
CA GLY A 32 -2.41 13.52 4.34
C GLY A 32 -3.08 14.00 3.07
N SER A 33 -2.62 13.45 1.93
CA SER A 33 -2.91 13.92 0.57
C SER A 33 -2.67 12.76 -0.43
N PRO A 34 -3.28 12.81 -1.66
CA PRO A 34 -2.99 11.82 -2.73
C PRO A 34 -1.50 11.84 -3.15
N VAL A 35 -0.87 10.66 -3.16
CA VAL A 35 0.51 10.46 -3.61
C VAL A 35 0.47 9.76 -4.98
N LYS A 36 1.35 10.17 -5.90
CA LYS A 36 1.44 9.61 -7.25
C LYS A 36 2.08 8.22 -7.22
N LEU A 37 1.79 7.45 -8.27
CA LEU A 37 2.20 6.04 -8.41
C LEU A 37 3.72 5.92 -8.56
N ALA A 38 4.31 6.77 -9.43
CA ALA A 38 5.78 6.95 -9.52
C ALA A 38 6.48 7.14 -8.15
N GLN A 39 5.80 7.83 -7.20
CA GLN A 39 6.36 8.08 -5.87
C GLN A 39 6.07 6.88 -4.94
N LEU A 40 4.96 6.18 -5.21
CA LEU A 40 4.58 4.97 -4.46
C LEU A 40 5.62 3.85 -4.70
N VAL A 41 6.33 3.90 -5.85
CA VAL A 41 7.41 2.94 -6.17
C VAL A 41 8.57 3.10 -5.19
N LYS A 42 9.05 4.34 -5.02
CA LYS A 42 10.20 4.62 -4.18
C LYS A 42 9.86 4.54 -2.67
N GLU A 43 8.73 5.17 -2.25
CA GLU A 43 8.30 5.18 -0.83
C GLU A 43 8.01 3.76 -0.30
N CYS A 44 7.22 2.99 -1.06
CA CYS A 44 6.81 1.62 -0.65
C CYS A 44 7.88 0.57 -0.97
N GLN A 45 8.93 0.98 -1.72
CA GLN A 45 10.09 0.15 -2.09
C GLN A 45 9.67 -1.14 -2.82
N ALA A 46 8.78 -0.98 -3.80
CA ALA A 46 8.29 -2.09 -4.63
C ALA A 46 8.00 -1.61 -6.06
N PRO A 47 8.20 -2.50 -7.09
CA PRO A 47 7.80 -2.23 -8.48
C PRO A 47 6.30 -1.87 -8.61
N LYS A 48 6.00 -1.04 -9.62
CA LYS A 48 4.64 -0.62 -10.00
C LYS A 48 3.69 -1.84 -10.15
N ARG A 49 4.26 -2.96 -10.65
CA ARG A 49 3.55 -4.26 -10.77
C ARG A 49 2.92 -4.70 -9.42
N GLU A 50 3.72 -4.65 -8.34
CA GLU A 50 3.25 -5.00 -6.99
C GLU A 50 2.21 -3.99 -6.48
N LEU A 51 2.53 -2.72 -6.66
CA LEU A 51 1.72 -1.62 -6.12
C LEU A 51 0.29 -1.65 -6.67
N ASN A 52 0.16 -1.57 -8.00
CA ASN A 52 -1.13 -1.46 -8.72
C ASN A 52 -2.11 -2.57 -8.31
N GLN A 53 -1.64 -3.81 -8.39
CA GLN A 53 -2.45 -5.01 -8.07
C GLN A 53 -2.95 -4.97 -6.61
N VAL A 54 -2.13 -4.47 -5.67
CA VAL A 54 -2.56 -4.26 -4.28
C VAL A 54 -3.52 -3.03 -4.19
N LEU A 55 -3.20 -1.95 -4.92
CA LEU A 55 -3.96 -0.68 -4.87
C LEU A 55 -5.43 -0.82 -5.29
N TYR A 56 -5.75 -1.69 -6.27
CA TYR A 56 -7.15 -1.93 -6.68
C TYR A 56 -7.88 -2.78 -5.63
N ARG A 57 -7.14 -3.60 -4.88
CA ARG A 57 -7.71 -4.42 -3.81
C ARG A 57 -8.10 -3.48 -2.65
N MET A 58 -7.16 -2.55 -2.33
CA MET A 58 -7.29 -1.58 -1.25
C MET A 58 -8.40 -0.57 -1.55
N LYS A 59 -8.53 -0.17 -2.83
CA LYS A 59 -9.57 0.79 -3.26
C LYS A 59 -10.96 0.15 -3.09
N LYS A 60 -11.06 -1.15 -3.39
CA LYS A 60 -12.29 -1.94 -3.17
C LYS A 60 -12.57 -2.09 -1.65
N GLU A 61 -11.50 -2.04 -0.84
CA GLU A 61 -11.59 -2.09 0.64
C GLU A 61 -11.69 -0.69 1.28
N LEU A 62 -11.87 0.37 0.46
CA LEU A 62 -12.03 1.78 0.93
C LEU A 62 -10.76 2.30 1.66
N LYS A 63 -9.62 1.60 1.45
CA LYS A 63 -8.32 1.95 2.04
C LYS A 63 -7.62 3.04 1.22
N VAL A 64 -7.80 3.00 -0.10
CA VAL A 64 -7.25 4.01 -1.03
C VAL A 64 -8.34 4.47 -2.01
N SER A 65 -8.10 5.61 -2.66
CA SER A 65 -9.00 6.13 -3.70
C SER A 65 -8.17 6.53 -4.93
N LEU A 66 -8.72 6.30 -6.13
CA LEU A 66 -8.06 6.71 -7.38
C LEU A 66 -8.58 8.11 -7.75
N THR A 67 -7.77 9.14 -7.46
CA THR A 67 -8.13 10.56 -7.71
C THR A 67 -7.79 10.98 -9.16
N SER A 68 -6.68 10.46 -9.68
CA SER A 68 -6.18 10.74 -11.03
C SER A 68 -5.64 9.40 -11.59
N PRO A 69 -5.58 9.18 -12.95
CA PRO A 69 -5.07 7.93 -13.60
C PRO A 69 -4.02 7.10 -12.81
N ALA A 70 -2.88 7.71 -12.47
CA ALA A 70 -1.82 7.06 -11.66
C ALA A 70 -1.56 7.87 -10.35
N THR A 71 -2.63 8.34 -9.70
CA THR A 71 -2.52 9.03 -8.40
C THR A 71 -3.56 8.45 -7.43
N TRP A 72 -3.08 8.03 -6.26
CA TRP A 72 -3.86 7.31 -5.26
C TRP A 72 -3.85 8.11 -3.96
N CYS A 73 -5.00 8.15 -3.27
CA CYS A 73 -5.18 8.93 -2.04
C CYS A 73 -5.48 8.02 -0.87
N LEU A 74 -5.32 8.56 0.35
CA LEU A 74 -5.72 7.86 1.55
C LEU A 74 -7.25 7.78 1.61
N GLY A 75 -7.80 6.60 1.34
CA GLY A 75 -9.22 6.35 1.53
C GLY A 75 -9.53 6.15 3.00
N GLY A 76 -8.66 5.36 3.66
CA GLY A 76 -8.75 5.11 5.08
C GLY A 76 -7.79 4.01 5.53
N THR A 77 -6.78 4.36 6.35
CA THR A 77 -5.91 3.38 7.03
C THR A 77 -6.76 2.60 8.05
N ASP A 78 -7.21 1.40 7.63
CA ASP A 78 -8.12 0.54 8.41
C ASP A 78 -9.49 1.25 8.58
N PRO A 79 -10.37 1.25 7.52
CA PRO A 79 -11.68 1.94 7.57
C PRO A 79 -12.72 1.18 8.42
N GLU A 80 -13.76 1.91 8.86
CA GLU A 80 -14.87 1.36 9.67
C GLU A 80 -15.95 0.76 8.73
N MET A 1 13.05 -17.59 15.53
CA MET A 1 13.11 -16.28 14.83
C MET A 1 14.38 -15.50 15.22
N GLY A 2 14.80 -15.60 16.50
CA GLY A 2 15.96 -14.86 17.02
C GLY A 2 17.13 -15.76 17.35
N HIS A 3 16.87 -16.76 18.21
CA HIS A 3 17.88 -17.72 18.70
C HIS A 3 18.37 -18.62 17.54
N HIS A 4 19.61 -18.37 17.08
CA HIS A 4 20.20 -19.05 15.90
C HIS A 4 19.38 -18.71 14.64
N HIS A 5 19.17 -17.39 14.43
CA HIS A 5 18.40 -16.86 13.29
C HIS A 5 19.07 -17.21 11.94
N HIS A 6 18.32 -17.90 11.07
CA HIS A 6 18.75 -18.21 9.69
C HIS A 6 18.21 -17.15 8.71
N HIS A 7 16.94 -16.76 8.92
CA HIS A 7 16.25 -15.73 8.12
C HIS A 7 15.36 -14.88 9.06
N HIS A 8 15.09 -13.61 8.67
CA HIS A 8 14.18 -12.72 9.42
C HIS A 8 12.71 -13.13 9.13
N SER A 9 12.22 -14.07 9.94
CA SER A 9 10.88 -14.64 9.82
C SER A 9 10.37 -15.14 11.18
N HIS A 10 9.09 -14.88 11.46
CA HIS A 10 8.39 -15.38 12.66
C HIS A 10 7.87 -16.80 12.39
N MET A 11 6.75 -16.92 11.64
CA MET A 11 6.16 -18.22 11.22
C MET A 11 5.50 -18.03 9.84
N ALA A 12 4.35 -17.33 9.84
CA ALA A 12 3.60 -17.00 8.63
C ALA A 12 3.92 -15.58 8.21
N ASP A 13 4.00 -14.66 9.21
CA ASP A 13 4.32 -13.22 9.02
C ASP A 13 3.17 -12.46 8.30
N PRO A 14 3.16 -11.07 8.23
CA PRO A 14 2.02 -10.29 7.62
C PRO A 14 1.88 -10.45 6.08
N GLY A 15 2.61 -11.42 5.49
CA GLY A 15 2.71 -11.55 4.03
C GLY A 15 3.36 -10.37 3.32
N ARG A 16 3.87 -10.61 2.10
CA ARG A 16 4.39 -9.53 1.24
C ARG A 16 3.28 -8.55 0.91
N GLU A 17 2.05 -9.06 0.70
CA GLU A 17 0.91 -8.23 0.32
C GLU A 17 0.41 -7.34 1.47
N GLY A 18 0.28 -7.92 2.68
CA GLY A 18 -0.08 -7.15 3.88
C GLY A 18 0.93 -6.09 4.27
N HIS A 19 2.22 -6.41 4.08
CA HIS A 19 3.32 -5.45 4.35
C HIS A 19 3.34 -4.34 3.29
N LEU A 20 3.07 -4.75 2.04
CA LEU A 20 2.99 -3.87 0.86
C LEU A 20 1.81 -2.87 1.06
N GLU A 21 0.66 -3.42 1.48
CA GLU A 21 -0.59 -2.67 1.70
C GLU A 21 -0.40 -1.64 2.82
N GLN A 22 0.19 -2.11 3.93
CA GLN A 22 0.47 -1.28 5.12
C GLN A 22 1.46 -0.15 4.77
N ARG A 23 2.46 -0.47 3.93
CA ARG A 23 3.47 0.51 3.51
C ARG A 23 2.81 1.63 2.66
N ILE A 24 1.90 1.23 1.74
CA ILE A 24 1.13 2.16 0.91
C ILE A 24 0.32 3.14 1.79
N LEU A 25 -0.46 2.57 2.75
CA LEU A 25 -1.34 3.35 3.66
C LEU A 25 -0.52 4.38 4.45
N GLN A 26 0.68 3.96 4.86
CA GLN A 26 1.62 4.78 5.64
C GLN A 26 2.10 6.00 4.84
N VAL A 27 2.54 5.76 3.59
CA VAL A 27 2.99 6.82 2.66
C VAL A 27 1.88 7.86 2.44
N LEU A 28 0.65 7.36 2.29
CA LEU A 28 -0.55 8.17 2.07
C LEU A 28 -0.83 9.07 3.30
N THR A 29 -0.61 8.51 4.51
CA THR A 29 -0.83 9.22 5.78
C THR A 29 0.20 10.34 6.00
N GLU A 30 1.51 10.04 5.76
CA GLU A 30 2.62 10.99 5.97
C GLU A 30 2.49 12.21 5.07
N ALA A 31 2.04 11.97 3.82
CA ALA A 31 1.68 13.02 2.87
C ALA A 31 0.45 13.79 3.37
N GLY A 32 -0.56 13.03 3.86
CA GLY A 32 -1.88 13.59 4.24
C GLY A 32 -2.63 14.17 3.03
N SER A 33 -2.22 13.71 1.83
CA SER A 33 -2.60 14.27 0.54
C SER A 33 -2.37 13.22 -0.56
N PRO A 34 -3.12 13.26 -1.72
CA PRO A 34 -3.01 12.29 -2.82
C PRO A 34 -1.55 12.02 -3.28
N VAL A 35 -1.15 10.74 -3.24
CA VAL A 35 0.19 10.28 -3.60
C VAL A 35 0.11 9.52 -4.93
N LYS A 36 0.98 9.89 -5.89
CA LYS A 36 1.06 9.21 -7.19
C LYS A 36 1.65 7.81 -7.04
N LEU A 37 1.29 6.92 -7.99
CA LEU A 37 1.80 5.55 -8.06
C LEU A 37 3.34 5.57 -8.23
N ALA A 38 3.81 6.41 -9.17
CA ALA A 38 5.23 6.74 -9.36
C ALA A 38 5.96 7.12 -8.05
N GLN A 39 5.28 7.90 -7.18
CA GLN A 39 5.83 8.31 -5.88
C GLN A 39 5.82 7.13 -4.89
N LEU A 40 4.75 6.29 -4.95
CA LEU A 40 4.61 5.09 -4.10
C LEU A 40 5.79 4.12 -4.33
N VAL A 41 6.28 4.06 -5.59
CA VAL A 41 7.45 3.24 -5.97
C VAL A 41 8.69 3.61 -5.15
N LYS A 42 9.08 4.90 -5.21
CA LYS A 42 10.32 5.38 -4.55
C LYS A 42 10.21 5.34 -3.02
N GLU A 43 9.02 5.67 -2.48
CA GLU A 43 8.76 5.61 -1.03
C GLU A 43 8.84 4.18 -0.48
N CYS A 44 8.06 3.28 -1.07
CA CYS A 44 7.94 1.88 -0.59
C CYS A 44 9.16 1.06 -1.00
N GLN A 45 9.91 1.57 -2.01
CA GLN A 45 11.12 0.94 -2.58
C GLN A 45 10.79 -0.43 -3.20
N ALA A 46 9.51 -0.59 -3.59
CA ALA A 46 8.95 -1.85 -4.12
C ALA A 46 8.46 -1.62 -5.58
N PRO A 47 8.43 -2.70 -6.44
CA PRO A 47 7.99 -2.60 -7.86
C PRO A 47 6.59 -1.97 -7.98
N LYS A 48 6.49 -0.98 -8.89
CA LYS A 48 5.23 -0.35 -9.33
C LYS A 48 4.09 -1.37 -9.58
N ARG A 49 4.42 -2.48 -10.28
CA ARG A 49 3.46 -3.56 -10.58
C ARG A 49 2.83 -4.15 -9.28
N GLU A 50 3.67 -4.30 -8.23
CA GLU A 50 3.26 -4.87 -6.95
C GLU A 50 2.27 -3.93 -6.26
N LEU A 51 2.66 -2.65 -6.20
CA LEU A 51 1.86 -1.57 -5.60
C LEU A 51 0.49 -1.45 -6.28
N ASN A 52 0.55 -1.25 -7.61
CA ASN A 52 -0.61 -1.07 -8.50
C ASN A 52 -1.66 -2.18 -8.31
N GLN A 53 -1.22 -3.46 -8.43
CA GLN A 53 -2.10 -4.63 -8.29
C GLN A 53 -2.80 -4.66 -6.91
N VAL A 54 -2.02 -4.47 -5.83
CA VAL A 54 -2.54 -4.48 -4.45
C VAL A 54 -3.51 -3.30 -4.22
N LEU A 55 -3.19 -2.14 -4.84
CA LEU A 55 -4.02 -0.91 -4.78
C LEU A 55 -5.47 -1.14 -5.20
N TYR A 56 -5.72 -2.04 -6.18
CA TYR A 56 -7.09 -2.36 -6.63
C TYR A 56 -7.87 -3.16 -5.56
N ARG A 57 -7.17 -4.03 -4.81
CA ARG A 57 -7.75 -4.79 -3.70
C ARG A 57 -8.15 -3.82 -2.56
N MET A 58 -7.19 -2.95 -2.21
CA MET A 58 -7.36 -1.93 -1.15
C MET A 58 -8.48 -0.93 -1.50
N LYS A 59 -8.61 -0.61 -2.80
CA LYS A 59 -9.61 0.35 -3.32
C LYS A 59 -11.05 -0.16 -3.11
N LYS A 60 -11.25 -1.47 -3.31
CA LYS A 60 -12.53 -2.16 -3.06
C LYS A 60 -12.86 -2.18 -1.56
N GLU A 61 -11.82 -2.14 -0.71
CA GLU A 61 -11.95 -2.02 0.75
C GLU A 61 -12.00 -0.53 1.18
N LEU A 62 -12.01 0.38 0.18
CA LEU A 62 -12.07 1.85 0.36
C LEU A 62 -10.84 2.40 1.13
N LYS A 63 -9.78 1.57 1.27
CA LYS A 63 -8.49 1.95 1.93
C LYS A 63 -7.77 3.02 1.12
N VAL A 64 -7.83 2.86 -0.21
CA VAL A 64 -7.28 3.83 -1.16
C VAL A 64 -8.37 4.23 -2.15
N SER A 65 -8.17 5.36 -2.81
CA SER A 65 -9.09 5.91 -3.81
C SER A 65 -8.28 6.43 -4.99
N LEU A 66 -8.80 6.27 -6.21
CA LEU A 66 -8.13 6.74 -7.41
C LEU A 66 -8.73 8.11 -7.74
N THR A 67 -8.00 9.17 -7.38
CA THR A 67 -8.49 10.55 -7.44
C THR A 67 -8.10 11.20 -8.78
N SER A 68 -6.94 10.82 -9.30
CA SER A 68 -6.40 11.30 -10.57
C SER A 68 -5.77 10.10 -11.34
N PRO A 69 -5.52 10.20 -12.69
CA PRO A 69 -4.88 9.10 -13.47
C PRO A 69 -3.54 8.62 -12.88
N ALA A 70 -3.54 7.37 -12.37
CA ALA A 70 -2.37 6.73 -11.73
C ALA A 70 -1.94 7.46 -10.44
N THR A 71 -2.90 8.16 -9.81
CA THR A 71 -2.68 8.89 -8.57
C THR A 71 -3.76 8.51 -7.56
N TRP A 72 -3.32 8.08 -6.38
CA TRP A 72 -4.17 7.51 -5.34
C TRP A 72 -4.20 8.44 -4.13
N CYS A 73 -5.07 8.14 -3.18
CA CYS A 73 -5.20 8.90 -1.93
C CYS A 73 -5.73 7.96 -0.83
N LEU A 74 -5.53 8.35 0.43
CA LEU A 74 -5.97 7.56 1.58
C LEU A 74 -7.48 7.77 1.79
N GLY A 75 -8.26 6.77 1.35
CA GLY A 75 -9.72 6.78 1.48
C GLY A 75 -10.14 6.27 2.85
N GLY A 76 -9.43 5.22 3.30
CA GLY A 76 -9.64 4.62 4.61
C GLY A 76 -8.71 5.23 5.64
N THR A 77 -8.83 6.56 5.83
CA THR A 77 -8.02 7.33 6.79
C THR A 77 -8.54 7.09 8.21
N ASP A 78 -8.00 6.04 8.87
CA ASP A 78 -8.46 5.55 10.18
C ASP A 78 -10.00 5.32 10.16
N PRO A 79 -10.47 4.22 9.48
CA PRO A 79 -11.92 3.96 9.31
C PRO A 79 -12.56 3.39 10.59
N GLU A 80 -13.85 3.70 10.81
CA GLU A 80 -14.61 3.24 11.99
C GLU A 80 -14.84 1.72 11.93
N MET A 1 -16.02 -11.94 31.90
CA MET A 1 -15.69 -10.79 31.03
C MET A 1 -14.76 -11.26 29.89
N GLY A 2 -15.33 -11.47 28.69
CA GLY A 2 -14.56 -11.84 27.50
C GLY A 2 -14.38 -13.35 27.38
N HIS A 3 -15.40 -14.02 26.80
CA HIS A 3 -15.38 -15.49 26.55
C HIS A 3 -14.17 -15.88 25.68
N HIS A 4 -13.86 -15.02 24.70
CA HIS A 4 -12.68 -15.14 23.85
C HIS A 4 -11.47 -14.58 24.61
N HIS A 5 -10.68 -15.50 25.19
CA HIS A 5 -9.53 -15.17 26.04
C HIS A 5 -8.40 -14.59 25.17
N HIS A 6 -8.02 -13.34 25.47
CA HIS A 6 -6.97 -12.59 24.74
C HIS A 6 -5.60 -13.30 24.88
N HIS A 7 -5.22 -14.07 23.85
CA HIS A 7 -3.93 -14.80 23.81
C HIS A 7 -3.38 -14.73 22.36
N HIS A 8 -2.34 -13.89 22.18
CA HIS A 8 -1.72 -13.61 20.86
C HIS A 8 -2.80 -13.10 19.86
N SER A 9 -3.74 -12.30 20.39
CA SER A 9 -4.86 -11.73 19.64
C SER A 9 -4.35 -10.72 18.59
N HIS A 10 -4.21 -11.20 17.35
CA HIS A 10 -3.71 -10.39 16.23
C HIS A 10 -4.09 -11.08 14.92
N MET A 11 -4.48 -10.27 13.91
CA MET A 11 -4.83 -10.78 12.57
C MET A 11 -3.54 -11.11 11.81
N ALA A 12 -3.34 -12.41 11.48
CA ALA A 12 -2.12 -12.87 10.78
C ALA A 12 -2.03 -12.25 9.37
N ASP A 13 -1.26 -11.15 9.27
CA ASP A 13 -1.11 -10.41 8.01
C ASP A 13 -0.21 -11.20 7.04
N PRO A 14 -0.54 -11.23 5.72
CA PRO A 14 0.31 -11.87 4.70
C PRO A 14 1.64 -11.09 4.50
N GLY A 15 2.74 -11.86 4.30
CA GLY A 15 4.09 -11.30 4.13
C GLY A 15 4.19 -10.11 3.17
N ARG A 16 4.18 -10.39 1.86
CA ARG A 16 4.20 -9.33 0.84
C ARG A 16 3.02 -8.35 0.99
N GLU A 17 1.79 -8.89 0.91
CA GLU A 17 0.59 -8.05 0.74
C GLU A 17 0.35 -7.15 1.96
N GLY A 18 0.29 -7.75 3.17
CA GLY A 18 0.08 -6.99 4.41
C GLY A 18 1.10 -5.87 4.65
N HIS A 19 2.39 -6.21 4.52
CA HIS A 19 3.51 -5.26 4.78
C HIS A 19 3.52 -4.12 3.75
N LEU A 20 3.40 -4.49 2.48
CA LEU A 20 3.41 -3.55 1.35
C LEU A 20 2.19 -2.60 1.42
N GLU A 21 1.03 -3.16 1.79
CA GLU A 21 -0.24 -2.43 1.98
C GLU A 21 -0.09 -1.38 3.08
N GLN A 22 0.47 -1.80 4.24
CA GLN A 22 0.69 -0.92 5.40
C GLN A 22 1.57 0.27 5.01
N ARG A 23 2.60 -0.01 4.18
CA ARG A 23 3.56 1.00 3.71
C ARG A 23 2.92 2.01 2.75
N ILE A 24 2.11 1.53 1.79
CA ILE A 24 1.40 2.41 0.83
C ILE A 24 0.48 3.37 1.59
N LEU A 25 -0.35 2.80 2.50
CA LEU A 25 -1.35 3.57 3.27
C LEU A 25 -0.66 4.58 4.20
N GLN A 26 0.53 4.22 4.71
CA GLN A 26 1.35 5.07 5.60
C GLN A 26 1.90 6.27 4.81
N VAL A 27 2.41 6.02 3.60
CA VAL A 27 2.95 7.07 2.70
C VAL A 27 1.84 8.07 2.32
N LEU A 28 0.60 7.55 2.16
CA LEU A 28 -0.60 8.37 1.89
C LEU A 28 -0.92 9.26 3.11
N THR A 29 -0.71 8.71 4.33
CA THR A 29 -0.93 9.42 5.61
C THR A 29 0.07 10.57 5.81
N GLU A 30 1.38 10.27 5.68
CA GLU A 30 2.46 11.22 6.02
C GLU A 30 2.53 12.38 5.04
N ALA A 31 2.16 12.12 3.77
CA ALA A 31 1.91 13.17 2.78
C ALA A 31 0.69 14.02 3.18
N GLY A 32 -0.34 13.35 3.74
CA GLY A 32 -1.61 13.99 4.10
C GLY A 32 -2.38 14.50 2.90
N SER A 33 -2.10 13.86 1.74
CA SER A 33 -2.58 14.25 0.42
C SER A 33 -2.45 13.06 -0.54
N PRO A 34 -3.21 13.05 -1.70
CA PRO A 34 -3.06 11.99 -2.73
C PRO A 34 -1.61 11.89 -3.26
N VAL A 35 -1.05 10.68 -3.20
CA VAL A 35 0.32 10.38 -3.64
C VAL A 35 0.26 9.66 -5.00
N LYS A 36 1.17 10.04 -5.91
CA LYS A 36 1.26 9.44 -7.25
C LYS A 36 1.86 8.03 -7.14
N LEU A 37 1.50 7.16 -8.09
CA LEU A 37 2.00 5.78 -8.17
C LEU A 37 3.53 5.79 -8.37
N ALA A 38 3.97 6.65 -9.31
CA ALA A 38 5.38 7.03 -9.51
C ALA A 38 6.12 7.29 -8.17
N GLN A 39 5.48 8.01 -7.23
CA GLN A 39 6.09 8.35 -5.92
C GLN A 39 5.97 7.16 -4.95
N LEU A 40 4.91 6.35 -5.09
CA LEU A 40 4.69 5.15 -4.26
C LEU A 40 5.80 4.11 -4.48
N VAL A 41 6.37 4.06 -5.71
CA VAL A 41 7.49 3.16 -6.06
C VAL A 41 8.70 3.35 -5.11
N LYS A 42 9.21 4.60 -5.03
CA LYS A 42 10.41 4.92 -4.25
C LYS A 42 10.17 4.78 -2.73
N GLU A 43 9.00 5.26 -2.27
CA GLU A 43 8.63 5.25 -0.85
C GLU A 43 8.42 3.83 -0.32
N CYS A 44 7.63 3.03 -1.03
CA CYS A 44 7.30 1.66 -0.61
C CYS A 44 8.44 0.68 -0.96
N GLN A 45 9.42 1.16 -1.78
CA GLN A 45 10.64 0.41 -2.16
C GLN A 45 10.28 -0.90 -2.92
N ALA A 46 9.14 -0.87 -3.63
CA ALA A 46 8.57 -2.05 -4.29
C ALA A 46 8.36 -1.78 -5.81
N PRO A 47 8.33 -2.86 -6.66
CA PRO A 47 8.02 -2.73 -8.10
C PRO A 47 6.57 -2.25 -8.34
N LYS A 48 6.42 -1.26 -9.23
CA LYS A 48 5.13 -0.72 -9.69
C LYS A 48 4.12 -1.82 -10.09
N ARG A 49 4.64 -2.90 -10.69
CA ARG A 49 3.84 -4.10 -11.05
C ARG A 49 3.10 -4.67 -9.82
N GLU A 50 3.84 -4.84 -8.72
CA GLU A 50 3.31 -5.35 -7.44
C GLU A 50 2.32 -4.33 -6.83
N LEU A 51 2.74 -3.05 -6.79
CA LEU A 51 1.97 -1.94 -6.18
C LEU A 51 0.55 -1.86 -6.74
N ASN A 52 0.44 -1.84 -8.09
CA ASN A 52 -0.84 -1.74 -8.82
C ASN A 52 -1.85 -2.80 -8.40
N GLN A 53 -1.41 -4.06 -8.40
CA GLN A 53 -2.25 -5.23 -8.04
C GLN A 53 -2.85 -5.07 -6.63
N VAL A 54 -2.03 -4.54 -5.69
CA VAL A 54 -2.45 -4.25 -4.31
C VAL A 54 -3.40 -3.03 -4.27
N LEU A 55 -3.06 -1.96 -5.02
CA LEU A 55 -3.85 -0.69 -5.09
C LEU A 55 -5.32 -0.92 -5.46
N TYR A 56 -5.61 -1.77 -6.47
CA TYR A 56 -6.99 -2.02 -6.93
C TYR A 56 -7.74 -2.93 -5.94
N ARG A 57 -6.99 -3.75 -5.18
CA ARG A 57 -7.55 -4.57 -4.08
C ARG A 57 -8.01 -3.64 -2.95
N MET A 58 -7.08 -2.78 -2.49
CA MET A 58 -7.32 -1.79 -1.42
C MET A 58 -8.42 -0.79 -1.83
N LYS A 59 -8.51 -0.52 -3.14
CA LYS A 59 -9.57 0.34 -3.71
C LYS A 59 -10.96 -0.27 -3.50
N LYS A 60 -11.08 -1.58 -3.79
CA LYS A 60 -12.31 -2.35 -3.59
C LYS A 60 -12.64 -2.51 -2.08
N GLU A 61 -11.60 -2.47 -1.24
CA GLU A 61 -11.74 -2.54 0.23
C GLU A 61 -11.90 -1.14 0.86
N LEU A 62 -11.88 -0.07 0.01
CA LEU A 62 -12.06 1.36 0.41
C LEU A 62 -10.87 1.89 1.26
N LYS A 63 -9.78 1.12 1.32
CA LYS A 63 -8.53 1.52 1.97
C LYS A 63 -7.83 2.63 1.18
N VAL A 64 -8.06 2.67 -0.15
CA VAL A 64 -7.61 3.77 -1.04
C VAL A 64 -8.76 4.19 -1.97
N SER A 65 -8.63 5.40 -2.54
CA SER A 65 -9.54 5.90 -3.58
C SER A 65 -8.73 6.64 -4.64
N LEU A 66 -9.23 6.67 -5.87
CA LEU A 66 -8.51 7.18 -7.03
C LEU A 66 -9.01 8.60 -7.35
N THR A 67 -8.18 9.62 -7.04
CA THR A 67 -8.55 11.04 -7.17
C THR A 67 -8.12 11.59 -8.54
N SER A 68 -6.92 11.18 -8.99
CA SER A 68 -6.28 11.69 -10.21
C SER A 68 -5.60 10.52 -10.96
N PRO A 69 -5.15 10.71 -12.27
CA PRO A 69 -4.44 9.65 -13.04
C PRO A 69 -3.26 9.01 -12.27
N ALA A 70 -3.41 7.71 -11.92
CA ALA A 70 -2.39 6.93 -11.17
C ALA A 70 -2.10 7.49 -9.76
N THR A 71 -3.02 8.31 -9.23
CA THR A 71 -2.83 9.03 -7.96
C THR A 71 -3.94 8.61 -6.97
N TRP A 72 -3.50 8.11 -5.80
CA TRP A 72 -4.37 7.45 -4.81
C TRP A 72 -4.31 8.23 -3.48
N CYS A 73 -5.40 8.18 -2.71
CA CYS A 73 -5.47 8.78 -1.37
C CYS A 73 -5.97 7.73 -0.36
N LEU A 74 -5.65 7.92 0.93
CA LEU A 74 -6.03 6.99 2.00
C LEU A 74 -7.53 7.14 2.37
N GLY A 75 -8.25 6.01 2.43
CA GLY A 75 -9.63 5.96 2.94
C GLY A 75 -9.66 6.11 4.45
N GLY A 76 -9.50 7.36 4.89
CA GLY A 76 -9.28 7.71 6.30
C GLY A 76 -8.51 9.00 6.44
N THR A 77 -7.74 9.34 5.37
CA THR A 77 -7.03 10.61 5.23
C THR A 77 -7.39 11.19 3.85
N ASP A 78 -8.70 11.34 3.62
CA ASP A 78 -9.28 11.83 2.34
C ASP A 78 -9.01 13.32 2.13
N PRO A 79 -8.90 13.82 0.85
CA PRO A 79 -8.65 15.26 0.55
C PRO A 79 -9.74 16.20 1.13
N GLU A 80 -9.32 17.08 2.05
CA GLU A 80 -10.22 18.10 2.65
C GLU A 80 -10.56 19.16 1.56
N MET A 1 8.33 -27.11 -21.25
CA MET A 1 8.65 -26.33 -20.03
C MET A 1 7.40 -26.21 -19.16
N GLY A 2 7.40 -26.86 -18.00
CA GLY A 2 6.24 -26.84 -17.11
C GLY A 2 6.47 -27.58 -15.80
N HIS A 3 6.75 -26.84 -14.72
CA HIS A 3 6.86 -27.39 -13.36
C HIS A 3 5.75 -26.80 -12.47
N HIS A 4 5.37 -27.55 -11.44
CA HIS A 4 4.35 -27.15 -10.45
C HIS A 4 4.93 -26.04 -9.56
N HIS A 5 4.45 -24.80 -9.78
CA HIS A 5 4.92 -23.62 -9.02
C HIS A 5 4.06 -23.42 -7.76
N HIS A 6 2.74 -23.27 -7.96
CA HIS A 6 1.79 -22.93 -6.90
C HIS A 6 0.73 -24.04 -6.75
N HIS A 7 0.61 -24.57 -5.53
CA HIS A 7 -0.42 -25.56 -5.15
C HIS A 7 -1.81 -24.91 -5.18
N HIS A 8 -2.83 -25.64 -5.67
CA HIS A 8 -4.23 -25.17 -5.72
C HIS A 8 -4.73 -24.77 -4.33
N SER A 9 -4.65 -23.47 -4.07
CA SER A 9 -5.01 -22.86 -2.78
C SER A 9 -5.16 -21.36 -3.04
N HIS A 10 -6.37 -20.82 -2.78
CA HIS A 10 -6.72 -19.43 -3.12
C HIS A 10 -5.84 -18.44 -2.34
N MET A 11 -4.79 -17.95 -3.03
CA MET A 11 -3.81 -16.99 -2.50
C MET A 11 -3.07 -17.60 -1.28
N ALA A 12 -3.69 -17.48 -0.09
CA ALA A 12 -3.20 -18.09 1.18
C ALA A 12 -1.77 -17.64 1.55
N ASP A 13 -1.35 -16.51 0.98
CA ASP A 13 0.02 -16.01 1.07
C ASP A 13 -0.03 -14.48 1.29
N PRO A 14 -0.45 -14.04 2.54
CA PRO A 14 -0.68 -12.62 2.87
C PRO A 14 0.58 -11.89 3.43
N GLY A 15 1.69 -12.63 3.60
CA GLY A 15 2.97 -12.06 4.08
C GLY A 15 3.42 -10.77 3.39
N ARG A 16 4.07 -10.90 2.21
CA ARG A 16 4.64 -9.77 1.45
C ARG A 16 3.58 -8.70 1.16
N GLU A 17 2.40 -9.17 0.71
CA GLU A 17 1.30 -8.34 0.21
C GLU A 17 0.67 -7.49 1.33
N GLY A 18 0.40 -8.10 2.49
CA GLY A 18 -0.14 -7.39 3.65
C GLY A 18 0.81 -6.31 4.17
N HIS A 19 2.11 -6.63 4.17
CA HIS A 19 3.17 -5.71 4.64
C HIS A 19 3.39 -4.57 3.63
N LEU A 20 3.27 -4.92 2.34
CA LEU A 20 3.33 -3.97 1.22
C LEU A 20 2.12 -3.02 1.26
N GLU A 21 0.94 -3.58 1.56
CA GLU A 21 -0.33 -2.83 1.69
C GLU A 21 -0.20 -1.82 2.84
N GLN A 22 0.40 -2.29 3.95
CA GLN A 22 0.65 -1.50 5.16
C GLN A 22 1.53 -0.29 4.80
N ARG A 23 2.55 -0.55 3.97
CA ARG A 23 3.54 0.45 3.55
C ARG A 23 2.88 1.53 2.65
N ILE A 24 2.01 1.08 1.71
CA ILE A 24 1.23 1.97 0.82
C ILE A 24 0.40 2.97 1.66
N LEU A 25 -0.33 2.42 2.64
CA LEU A 25 -1.21 3.19 3.52
C LEU A 25 -0.41 4.26 4.30
N GLN A 26 0.80 3.88 4.75
CA GLN A 26 1.66 4.76 5.56
C GLN A 26 2.13 5.98 4.74
N VAL A 27 2.58 5.73 3.49
CA VAL A 27 3.01 6.79 2.57
C VAL A 27 1.88 7.82 2.35
N LEU A 28 0.66 7.31 2.20
CA LEU A 28 -0.54 8.12 1.95
C LEU A 28 -0.97 8.90 3.21
N THR A 29 -0.77 8.30 4.40
CA THR A 29 -1.13 8.93 5.69
C THR A 29 -0.19 10.10 6.02
N GLU A 30 1.12 9.89 5.85
CA GLU A 30 2.16 10.89 6.19
C GLU A 30 2.08 12.10 5.24
N ALA A 31 1.69 11.82 3.98
CA ALA A 31 1.39 12.87 3.00
C ALA A 31 0.09 13.59 3.36
N GLY A 32 -0.94 12.80 3.73
CA GLY A 32 -2.30 13.31 3.89
C GLY A 32 -2.87 13.87 2.59
N SER A 33 -2.33 13.35 1.47
CA SER A 33 -2.51 13.93 0.13
C SER A 33 -2.49 12.80 -0.94
N PRO A 34 -3.14 13.04 -2.12
CA PRO A 34 -3.01 12.16 -3.30
C PRO A 34 -1.55 12.05 -3.79
N VAL A 35 -0.94 10.89 -3.59
CA VAL A 35 0.43 10.59 -4.04
C VAL A 35 0.35 9.83 -5.38
N LYS A 36 1.12 10.27 -6.39
CA LYS A 36 1.15 9.61 -7.71
C LYS A 36 1.83 8.24 -7.59
N LEU A 37 1.46 7.30 -8.50
CA LEU A 37 2.00 5.93 -8.50
C LEU A 37 3.52 5.94 -8.66
N ALA A 38 3.99 6.78 -9.60
CA ALA A 38 5.41 7.11 -9.79
C ALA A 38 6.14 7.42 -8.46
N GLN A 39 5.51 8.26 -7.61
CA GLN A 39 6.10 8.66 -6.32
C GLN A 39 5.93 7.52 -5.28
N LEU A 40 4.79 6.79 -5.37
CA LEU A 40 4.47 5.66 -4.47
C LEU A 40 5.58 4.60 -4.52
N VAL A 41 6.08 4.32 -5.73
CA VAL A 41 7.15 3.32 -5.97
C VAL A 41 8.38 3.59 -5.09
N LYS A 42 8.93 4.81 -5.20
CA LYS A 42 10.21 5.15 -4.58
C LYS A 42 10.06 5.34 -3.05
N GLU A 43 8.92 5.88 -2.60
CA GLU A 43 8.62 6.05 -1.16
C GLU A 43 8.39 4.70 -0.46
N CYS A 44 7.57 3.82 -1.08
CA CYS A 44 7.25 2.49 -0.50
C CYS A 44 8.45 1.55 -0.60
N GLN A 45 9.41 1.88 -1.50
CA GLN A 45 10.64 1.09 -1.75
C GLN A 45 10.27 -0.31 -2.32
N ALA A 46 9.24 -0.31 -3.19
CA ALA A 46 8.64 -1.55 -3.73
C ALA A 46 8.40 -1.44 -5.26
N PRO A 47 8.26 -2.59 -5.99
CA PRO A 47 7.99 -2.58 -7.45
C PRO A 47 6.54 -2.14 -7.75
N LYS A 48 6.41 -1.26 -8.75
CA LYS A 48 5.12 -0.78 -9.29
C LYS A 48 4.15 -1.93 -9.65
N ARG A 49 4.69 -3.08 -10.07
CA ARG A 49 3.88 -4.27 -10.41
C ARG A 49 3.09 -4.77 -9.18
N GLU A 50 3.79 -4.90 -8.03
CA GLU A 50 3.19 -5.35 -6.77
C GLU A 50 2.17 -4.32 -6.25
N LEU A 51 2.60 -3.03 -6.28
CA LEU A 51 1.77 -1.89 -5.83
C LEU A 51 0.43 -1.86 -6.58
N ASN A 52 0.53 -1.78 -7.92
CA ASN A 52 -0.60 -1.63 -8.86
C ASN A 52 -1.74 -2.61 -8.57
N GLN A 53 -1.38 -3.92 -8.50
CA GLN A 53 -2.34 -5.00 -8.19
C GLN A 53 -3.05 -4.79 -6.84
N VAL A 54 -2.26 -4.48 -5.79
CA VAL A 54 -2.78 -4.28 -4.43
C VAL A 54 -3.72 -3.07 -4.39
N LEU A 55 -3.30 -1.97 -5.05
CA LEU A 55 -4.01 -0.69 -5.10
C LEU A 55 -5.49 -0.80 -5.48
N TYR A 56 -5.83 -1.63 -6.50
CA TYR A 56 -7.22 -1.78 -6.95
C TYR A 56 -8.07 -2.60 -5.96
N ARG A 57 -7.43 -3.55 -5.24
CA ARG A 57 -8.14 -4.39 -4.25
C ARG A 57 -8.43 -3.58 -2.98
N MET A 58 -7.39 -2.93 -2.44
CA MET A 58 -7.49 -2.08 -1.24
C MET A 58 -8.37 -0.84 -1.53
N LYS A 59 -8.53 -0.50 -2.82
CA LYS A 59 -9.47 0.55 -3.28
C LYS A 59 -10.93 0.13 -2.99
N LYS A 60 -11.24 -1.14 -3.30
CA LYS A 60 -12.58 -1.72 -3.07
C LYS A 60 -12.89 -1.82 -1.57
N GLU A 61 -11.81 -2.03 -0.78
CA GLU A 61 -11.86 -2.12 0.68
C GLU A 61 -11.83 -0.72 1.33
N LEU A 62 -11.88 0.35 0.48
CA LEU A 62 -11.94 1.77 0.92
C LEU A 62 -10.63 2.22 1.63
N LYS A 63 -9.57 1.39 1.56
CA LYS A 63 -8.26 1.68 2.18
C LYS A 63 -7.53 2.80 1.41
N VAL A 64 -7.73 2.82 0.07
CA VAL A 64 -7.22 3.89 -0.80
C VAL A 64 -8.32 4.34 -1.77
N SER A 65 -8.14 5.55 -2.32
CA SER A 65 -9.01 6.12 -3.34
C SER A 65 -8.15 6.51 -4.55
N LEU A 66 -8.72 6.49 -5.75
CA LEU A 66 -8.03 6.93 -6.97
C LEU A 66 -8.60 8.30 -7.34
N THR A 67 -7.82 9.34 -7.08
CA THR A 67 -8.24 10.74 -7.21
C THR A 67 -8.00 11.25 -8.65
N SER A 68 -6.83 10.90 -9.19
CA SER A 68 -6.35 11.37 -10.49
C SER A 68 -5.66 10.20 -11.24
N PRO A 69 -5.30 10.36 -12.57
CA PRO A 69 -4.52 9.35 -13.33
C PRO A 69 -3.33 8.75 -12.54
N ALA A 70 -3.50 7.47 -12.11
CA ALA A 70 -2.49 6.69 -11.37
C ALA A 70 -2.11 7.34 -10.02
N THR A 71 -2.97 8.22 -9.51
CA THR A 71 -2.72 9.02 -8.30
C THR A 71 -3.71 8.60 -7.21
N TRP A 72 -3.18 8.08 -6.09
CA TRP A 72 -3.96 7.43 -5.04
C TRP A 72 -3.82 8.23 -3.74
N CYS A 73 -4.91 8.38 -3.00
CA CYS A 73 -4.92 9.05 -1.69
C CYS A 73 -5.34 8.06 -0.60
N LEU A 74 -5.09 8.43 0.67
CA LEU A 74 -5.50 7.62 1.83
C LEU A 74 -7.04 7.57 1.93
N GLY A 75 -7.62 6.39 1.69
CA GLY A 75 -9.06 6.18 1.84
C GLY A 75 -9.43 5.96 3.30
N GLY A 76 -8.58 5.19 4.00
CA GLY A 76 -8.79 4.88 5.42
C GLY A 76 -8.12 5.90 6.32
N THR A 77 -8.81 7.03 6.58
CA THR A 77 -8.31 8.13 7.42
C THR A 77 -7.92 7.64 8.84
N ASP A 78 -6.61 7.43 9.05
CA ASP A 78 -6.05 7.01 10.35
C ASP A 78 -6.34 8.06 11.44
N PRO A 79 -6.91 7.67 12.62
CA PRO A 79 -7.17 8.61 13.75
C PRO A 79 -5.88 8.92 14.57
N GLU A 80 -4.75 9.18 13.87
CA GLU A 80 -3.45 9.45 14.47
C GLU A 80 -3.43 10.89 15.07
N MET A 1 19.82 -31.88 7.51
CA MET A 1 18.60 -32.69 7.69
C MET A 1 18.61 -33.88 6.73
N GLY A 2 18.12 -35.04 7.20
CA GLY A 2 18.04 -36.26 6.37
C GLY A 2 16.64 -36.53 5.83
N HIS A 3 15.88 -35.45 5.55
CA HIS A 3 14.49 -35.55 5.07
C HIS A 3 14.43 -35.80 3.55
N HIS A 4 15.43 -35.26 2.83
CA HIS A 4 15.51 -35.29 1.33
C HIS A 4 14.44 -34.40 0.70
N HIS A 5 13.91 -33.45 1.47
CA HIS A 5 12.84 -32.53 1.04
C HIS A 5 13.46 -31.20 0.58
N HIS A 6 13.84 -31.14 -0.70
CA HIS A 6 14.42 -29.93 -1.33
C HIS A 6 13.46 -29.39 -2.40
N HIS A 7 12.80 -28.28 -2.07
CA HIS A 7 11.90 -27.56 -2.97
C HIS A 7 11.81 -26.11 -2.47
N HIS A 8 11.78 -25.13 -3.41
CA HIS A 8 11.82 -23.68 -3.10
C HIS A 8 10.66 -23.23 -2.19
N SER A 9 9.49 -23.86 -2.32
CA SER A 9 8.31 -23.53 -1.51
C SER A 9 8.44 -24.09 -0.08
N HIS A 10 9.25 -23.40 0.75
CA HIS A 10 9.44 -23.73 2.18
C HIS A 10 8.17 -23.35 2.97
N MET A 11 7.13 -24.19 2.81
CA MET A 11 5.71 -23.87 3.11
C MET A 11 5.24 -22.79 2.12
N ALA A 12 5.77 -21.57 2.31
CA ALA A 12 5.55 -20.42 1.42
C ALA A 12 6.50 -19.28 1.81
N ASP A 13 6.84 -18.43 0.83
CA ASP A 13 7.49 -17.13 1.12
C ASP A 13 6.43 -16.20 1.72
N PRO A 14 6.79 -15.32 2.72
CA PRO A 14 5.81 -14.43 3.42
C PRO A 14 5.15 -13.38 2.48
N GLY A 15 4.12 -13.87 1.73
CA GLY A 15 3.28 -13.07 0.82
C GLY A 15 3.12 -11.61 1.21
N ARG A 16 3.98 -10.76 0.60
CA ARG A 16 4.16 -9.33 0.94
C ARG A 16 2.88 -8.48 0.97
N GLU A 17 1.75 -8.99 0.47
CA GLU A 17 0.56 -8.20 0.11
C GLU A 17 0.09 -7.29 1.26
N GLY A 18 -0.13 -7.88 2.46
CA GLY A 18 -0.53 -7.13 3.67
C GLY A 18 0.47 -6.08 4.15
N HIS A 19 1.78 -6.41 4.12
CA HIS A 19 2.85 -5.51 4.63
C HIS A 19 2.98 -4.31 3.69
N LEU A 20 2.98 -4.64 2.40
CA LEU A 20 3.10 -3.70 1.28
C LEU A 20 1.87 -2.76 1.26
N GLU A 21 0.71 -3.34 1.57
CA GLU A 21 -0.57 -2.61 1.69
C GLU A 21 -0.48 -1.55 2.78
N GLN A 22 -0.02 -1.97 3.96
CA GLN A 22 0.13 -1.11 5.14
C GLN A 22 1.16 0.00 4.87
N ARG A 23 2.17 -0.31 4.02
CA ARG A 23 3.21 0.66 3.65
C ARG A 23 2.65 1.75 2.72
N ILE A 24 1.85 1.34 1.71
CA ILE A 24 1.20 2.30 0.79
C ILE A 24 0.28 3.25 1.58
N LEU A 25 -0.55 2.67 2.48
CA LEU A 25 -1.47 3.43 3.35
C LEU A 25 -0.70 4.43 4.21
N GLN A 26 0.51 4.01 4.65
CA GLN A 26 1.41 4.83 5.49
C GLN A 26 1.89 6.06 4.72
N VAL A 27 2.37 5.83 3.47
CA VAL A 27 2.87 6.90 2.58
C VAL A 27 1.77 7.95 2.30
N LEU A 28 0.52 7.45 2.14
CA LEU A 28 -0.67 8.28 1.90
C LEU A 28 -1.02 9.11 3.15
N THR A 29 -0.87 8.51 4.35
CA THR A 29 -1.17 9.16 5.64
C THR A 29 -0.11 10.24 6.00
N GLU A 30 1.18 9.92 5.85
CA GLU A 30 2.29 10.82 6.22
C GLU A 30 2.28 12.09 5.34
N ALA A 31 1.98 11.90 4.05
CA ALA A 31 1.75 13.01 3.11
C ALA A 31 0.46 13.76 3.47
N GLY A 32 -0.58 12.98 3.87
CA GLY A 32 -1.91 13.52 4.16
C GLY A 32 -2.61 14.06 2.92
N SER A 33 -2.16 13.57 1.75
CA SER A 33 -2.53 14.11 0.44
C SER A 33 -2.48 12.99 -0.62
N PRO A 34 -3.05 13.21 -1.85
CA PRO A 34 -2.89 12.28 -2.98
C PRO A 34 -1.41 12.07 -3.34
N VAL A 35 -0.95 10.82 -3.23
CA VAL A 35 0.41 10.39 -3.61
C VAL A 35 0.30 9.67 -4.95
N LYS A 36 1.09 10.14 -5.93
CA LYS A 36 1.11 9.54 -7.27
C LYS A 36 1.78 8.15 -7.22
N LEU A 37 1.43 7.29 -8.20
CA LEU A 37 1.97 5.93 -8.30
C LEU A 37 3.50 5.97 -8.49
N ALA A 38 3.96 6.78 -9.45
CA ALA A 38 5.38 7.09 -9.66
C ALA A 38 6.11 7.47 -8.36
N GLN A 39 5.42 8.22 -7.46
CA GLN A 39 5.97 8.58 -6.15
C GLN A 39 5.93 7.37 -5.18
N LEU A 40 4.83 6.58 -5.24
CA LEU A 40 4.64 5.38 -4.38
C LEU A 40 5.82 4.40 -4.53
N VAL A 41 6.28 4.23 -5.79
CA VAL A 41 7.42 3.33 -6.13
C VAL A 41 8.68 3.68 -5.30
N LYS A 42 9.10 4.97 -5.37
CA LYS A 42 10.34 5.42 -4.70
C LYS A 42 10.18 5.42 -3.17
N GLU A 43 8.99 5.81 -2.67
CA GLU A 43 8.73 5.85 -1.21
C GLU A 43 8.75 4.46 -0.55
N CYS A 44 7.96 3.52 -1.10
CA CYS A 44 7.80 2.18 -0.52
C CYS A 44 9.02 1.29 -0.83
N GLN A 45 9.75 1.62 -1.94
CA GLN A 45 10.89 0.83 -2.45
C GLN A 45 10.43 -0.57 -2.91
N ALA A 46 9.22 -0.61 -3.48
CA ALA A 46 8.60 -1.83 -4.01
C ALA A 46 8.35 -1.70 -5.52
N PRO A 47 8.37 -2.84 -6.28
CA PRO A 47 8.09 -2.81 -7.74
C PRO A 47 6.63 -2.41 -8.02
N LYS A 48 6.45 -1.52 -9.01
CA LYS A 48 5.15 -1.05 -9.50
C LYS A 48 4.17 -2.21 -9.80
N ARG A 49 4.70 -3.35 -10.27
CA ARG A 49 3.91 -4.57 -10.55
C ARG A 49 3.23 -5.11 -9.27
N GLU A 50 4.00 -5.16 -8.17
CA GLU A 50 3.49 -5.53 -6.82
C GLU A 50 2.47 -4.48 -6.33
N LEU A 51 2.89 -3.19 -6.40
CA LEU A 51 2.10 -2.04 -5.92
C LEU A 51 0.70 -2.01 -6.51
N ASN A 52 0.62 -1.95 -7.86
CA ASN A 52 -0.64 -1.79 -8.63
C ASN A 52 -1.65 -2.87 -8.28
N GLN A 53 -1.19 -4.14 -8.25
CA GLN A 53 -2.04 -5.29 -7.89
C GLN A 53 -2.73 -5.05 -6.52
N VAL A 54 -1.94 -4.64 -5.52
CA VAL A 54 -2.44 -4.37 -4.16
C VAL A 54 -3.32 -3.09 -4.14
N LEU A 55 -2.96 -2.07 -4.94
CA LEU A 55 -3.71 -0.80 -5.08
C LEU A 55 -5.19 -1.00 -5.44
N TYR A 56 -5.52 -1.91 -6.38
CA TYR A 56 -6.92 -2.19 -6.73
C TYR A 56 -7.63 -2.99 -5.61
N ARG A 57 -6.87 -3.75 -4.83
CA ARG A 57 -7.37 -4.50 -3.66
C ARG A 57 -7.82 -3.53 -2.56
N MET A 58 -6.88 -2.68 -2.08
CA MET A 58 -7.13 -1.68 -1.03
C MET A 58 -8.20 -0.66 -1.46
N LYS A 59 -8.31 -0.40 -2.79
CA LYS A 59 -9.36 0.45 -3.37
C LYS A 59 -10.74 -0.18 -3.20
N LYS A 60 -10.82 -1.52 -3.46
CA LYS A 60 -12.03 -2.32 -3.23
C LYS A 60 -12.41 -2.35 -1.74
N GLU A 61 -11.38 -2.45 -0.89
CA GLU A 61 -11.56 -2.45 0.58
C GLU A 61 -11.68 -1.01 1.12
N LEU A 62 -11.70 -0.03 0.19
CA LEU A 62 -11.98 1.40 0.46
C LEU A 62 -10.93 2.04 1.39
N LYS A 63 -9.78 1.34 1.56
CA LYS A 63 -8.63 1.82 2.32
C LYS A 63 -7.90 2.93 1.56
N VAL A 64 -8.08 2.97 0.24
CA VAL A 64 -7.61 4.08 -0.61
C VAL A 64 -8.73 4.55 -1.52
N SER A 65 -8.47 5.67 -2.19
CA SER A 65 -9.34 6.22 -3.21
C SER A 65 -8.47 6.66 -4.39
N LEU A 66 -9.05 6.67 -5.59
CA LEU A 66 -8.38 7.14 -6.79
C LEU A 66 -8.89 8.57 -7.08
N THR A 67 -8.08 9.56 -6.73
CA THR A 67 -8.44 10.98 -6.86
C THR A 67 -8.24 11.46 -8.31
N SER A 68 -7.13 11.04 -8.91
CA SER A 68 -6.76 11.38 -10.29
C SER A 68 -6.16 10.13 -10.97
N PRO A 69 -6.27 9.98 -12.33
CA PRO A 69 -5.51 8.96 -13.10
C PRO A 69 -4.01 8.92 -12.72
N ALA A 70 -3.53 7.72 -12.32
CA ALA A 70 -2.13 7.45 -11.89
C ALA A 70 -1.78 8.12 -10.54
N THR A 71 -2.80 8.67 -9.84
CA THR A 71 -2.63 9.35 -8.56
C THR A 71 -3.63 8.76 -7.54
N TRP A 72 -3.10 8.21 -6.47
CA TRP A 72 -3.88 7.54 -5.41
C TRP A 72 -3.90 8.43 -4.17
N CYS A 73 -4.79 8.12 -3.23
CA CYS A 73 -4.94 8.86 -1.97
C CYS A 73 -5.48 7.91 -0.92
N LEU A 74 -5.39 8.29 0.35
CA LEU A 74 -5.95 7.49 1.44
C LEU A 74 -7.49 7.53 1.41
N GLY A 75 -8.13 6.43 1.84
CA GLY A 75 -9.58 6.30 1.86
C GLY A 75 -10.23 7.19 2.90
N GLY A 76 -10.48 8.44 2.49
CA GLY A 76 -11.11 9.45 3.35
C GLY A 76 -10.14 10.54 3.74
N THR A 77 -8.85 10.32 3.39
CA THR A 77 -7.68 11.13 3.82
C THR A 77 -7.42 10.96 5.33
N ASP A 78 -8.44 11.23 6.14
CA ASP A 78 -8.47 10.87 7.57
C ASP A 78 -9.71 9.96 7.78
N PRO A 79 -9.54 8.59 7.76
CA PRO A 79 -10.69 7.63 7.85
C PRO A 79 -11.57 7.79 9.10
N GLU A 80 -12.82 7.30 9.00
CA GLU A 80 -13.81 7.33 10.09
C GLU A 80 -14.52 5.96 10.12
N MET A 1 -16.59 -0.81 23.81
CA MET A 1 -15.71 0.38 23.87
C MET A 1 -14.37 0.09 23.17
N GLY A 2 -13.78 -1.09 23.43
CA GLY A 2 -12.53 -1.49 22.81
C GLY A 2 -12.38 -3.00 22.77
N HIS A 3 -12.29 -3.56 21.54
CA HIS A 3 -11.95 -4.97 21.28
C HIS A 3 -10.87 -5.02 20.19
N HIS A 4 -10.58 -6.24 19.66
CA HIS A 4 -9.49 -6.49 18.70
C HIS A 4 -8.14 -6.06 19.33
N HIS A 5 -7.69 -6.84 20.35
CA HIS A 5 -6.45 -6.55 21.10
C HIS A 5 -5.24 -6.38 20.16
N HIS A 6 -4.33 -5.46 20.51
CA HIS A 6 -3.19 -5.09 19.66
C HIS A 6 -2.18 -6.25 19.53
N HIS A 7 -1.86 -6.62 18.28
CA HIS A 7 -0.93 -7.72 17.91
C HIS A 7 -1.55 -9.12 18.21
N HIS A 8 -2.91 -9.18 18.29
CA HIS A 8 -3.63 -10.46 18.46
C HIS A 8 -3.54 -11.28 17.17
N SER A 9 -2.63 -12.25 17.17
CA SER A 9 -2.32 -13.08 16.00
C SER A 9 -3.13 -14.39 16.05
N HIS A 10 -3.50 -14.90 14.86
CA HIS A 10 -4.12 -16.24 14.67
C HIS A 10 -3.13 -17.17 13.93
N MET A 11 -1.83 -16.79 13.98
CA MET A 11 -0.74 -17.41 13.18
C MET A 11 -1.01 -17.26 11.67
N ALA A 12 -1.85 -16.27 11.32
CA ALA A 12 -2.21 -15.94 9.94
C ALA A 12 -1.32 -14.78 9.48
N ASP A 13 -0.27 -15.10 8.71
CA ASP A 13 0.76 -14.14 8.31
C ASP A 13 0.63 -13.80 6.82
N PRO A 14 -0.01 -12.64 6.46
CA PRO A 14 0.03 -12.09 5.10
C PRO A 14 1.25 -11.17 4.96
N GLY A 15 2.45 -11.77 5.18
CA GLY A 15 3.71 -11.03 5.35
C GLY A 15 3.97 -9.93 4.32
N ARG A 16 4.50 -10.29 3.16
CA ARG A 16 4.95 -9.36 2.12
C ARG A 16 3.82 -8.41 1.65
N GLU A 17 2.64 -8.98 1.33
CA GLU A 17 1.47 -8.22 0.82
C GLU A 17 0.97 -7.19 1.84
N GLY A 18 0.79 -7.64 3.09
CA GLY A 18 0.33 -6.79 4.19
C GLY A 18 1.32 -5.71 4.62
N HIS A 19 2.63 -5.97 4.45
CA HIS A 19 3.70 -4.99 4.76
C HIS A 19 3.76 -3.93 3.66
N LEU A 20 3.57 -4.40 2.43
CA LEU A 20 3.52 -3.56 1.23
C LEU A 20 2.29 -2.63 1.31
N GLU A 21 1.15 -3.20 1.73
CA GLU A 21 -0.11 -2.48 1.95
C GLU A 21 0.04 -1.47 3.12
N GLN A 22 0.77 -1.91 4.17
CA GLN A 22 1.08 -1.08 5.36
C GLN A 22 1.93 0.12 4.94
N ARG A 23 2.87 -0.08 3.99
CA ARG A 23 3.69 1.01 3.41
C ARG A 23 2.81 2.01 2.67
N ILE A 24 1.94 1.50 1.75
CA ILE A 24 1.10 2.35 0.88
C ILE A 24 0.24 3.30 1.74
N LEU A 25 -0.52 2.72 2.69
CA LEU A 25 -1.47 3.45 3.54
C LEU A 25 -0.74 4.44 4.48
N GLN A 26 0.47 4.05 4.94
CA GLN A 26 1.31 4.89 5.82
C GLN A 26 1.78 6.15 5.06
N VAL A 27 2.28 5.94 3.83
CA VAL A 27 2.78 7.01 2.94
C VAL A 27 1.66 8.03 2.62
N LEU A 28 0.45 7.50 2.39
CA LEU A 28 -0.75 8.30 2.09
C LEU A 28 -1.16 9.14 3.33
N THR A 29 -1.03 8.54 4.53
CA THR A 29 -1.37 9.17 5.81
C THR A 29 -0.40 10.33 6.16
N GLU A 30 0.92 10.07 6.09
CA GLU A 30 1.96 11.02 6.52
C GLU A 30 2.00 12.24 5.60
N ALA A 31 1.85 11.97 4.29
CA ALA A 31 1.72 13.01 3.28
C ALA A 31 0.45 13.86 3.52
N GLY A 32 -0.65 13.16 3.88
CA GLY A 32 -1.97 13.77 4.06
C GLY A 32 -2.46 14.47 2.80
N SER A 33 -2.00 13.93 1.66
CA SER A 33 -2.21 14.47 0.32
C SER A 33 -2.21 13.28 -0.67
N PRO A 34 -2.90 13.40 -1.85
CA PRO A 34 -2.88 12.35 -2.89
C PRO A 34 -1.44 12.09 -3.42
N VAL A 35 -0.92 10.88 -3.13
CA VAL A 35 0.46 10.47 -3.47
C VAL A 35 0.42 9.71 -4.79
N LYS A 36 1.27 10.11 -5.76
CA LYS A 36 1.36 9.47 -7.07
C LYS A 36 1.72 7.99 -6.95
N LEU A 37 1.33 7.22 -7.97
CA LEU A 37 1.62 5.79 -8.08
C LEU A 37 3.13 5.57 -8.29
N ALA A 38 3.70 6.29 -9.26
CA ALA A 38 5.18 6.40 -9.46
C ALA A 38 5.93 6.87 -8.17
N GLN A 39 5.26 7.64 -7.29
CA GLN A 39 5.86 8.09 -6.00
C GLN A 39 5.73 6.97 -4.95
N LEU A 40 4.66 6.15 -5.06
CA LEU A 40 4.45 4.98 -4.19
C LEU A 40 5.54 3.92 -4.46
N VAL A 41 6.12 3.91 -5.70
CA VAL A 41 7.25 3.04 -6.08
C VAL A 41 8.48 3.28 -5.17
N LYS A 42 8.90 4.55 -5.07
CA LYS A 42 10.08 4.93 -4.26
C LYS A 42 9.83 4.79 -2.76
N GLU A 43 8.63 5.19 -2.30
CA GLU A 43 8.28 5.17 -0.87
C GLU A 43 8.11 3.73 -0.34
N CYS A 44 7.30 2.91 -1.03
CA CYS A 44 7.05 1.51 -0.61
C CYS A 44 8.23 0.60 -1.00
N GLN A 45 9.12 1.14 -1.88
CA GLN A 45 10.35 0.45 -2.37
C GLN A 45 10.01 -0.84 -3.13
N ALA A 46 8.84 -0.84 -3.78
CA ALA A 46 8.32 -1.99 -4.53
C ALA A 46 8.12 -1.62 -6.01
N PRO A 47 8.16 -2.62 -6.96
CA PRO A 47 7.76 -2.41 -8.37
C PRO A 47 6.33 -1.87 -8.48
N LYS A 48 6.14 -0.88 -9.37
CA LYS A 48 4.82 -0.34 -9.74
C LYS A 48 3.80 -1.44 -10.09
N ARG A 49 4.26 -2.48 -10.84
CA ARG A 49 3.41 -3.62 -11.22
C ARG A 49 2.81 -4.35 -10.00
N GLU A 50 3.63 -4.48 -8.93
CA GLU A 50 3.21 -5.06 -7.65
C GLU A 50 2.15 -4.16 -6.98
N LEU A 51 2.50 -2.86 -6.89
CA LEU A 51 1.68 -1.83 -6.22
C LEU A 51 0.26 -1.74 -6.80
N ASN A 52 0.16 -1.65 -8.14
CA ASN A 52 -1.12 -1.49 -8.88
C ASN A 52 -2.13 -2.56 -8.48
N GLN A 53 -1.69 -3.83 -8.53
CA GLN A 53 -2.56 -4.99 -8.28
C GLN A 53 -3.03 -5.04 -6.81
N VAL A 54 -2.14 -4.65 -5.87
CA VAL A 54 -2.49 -4.54 -4.44
C VAL A 54 -3.51 -3.39 -4.24
N LEU A 55 -3.21 -2.24 -4.85
CA LEU A 55 -4.06 -1.01 -4.85
C LEU A 55 -5.47 -1.27 -5.41
N TYR A 56 -5.59 -2.11 -6.47
CA TYR A 56 -6.89 -2.45 -7.05
C TYR A 56 -7.74 -3.30 -6.11
N ARG A 57 -7.08 -4.08 -5.24
CA ARG A 57 -7.74 -4.81 -4.15
C ARG A 57 -8.18 -3.80 -3.06
N MET A 58 -7.21 -2.97 -2.60
CA MET A 58 -7.36 -2.03 -1.46
C MET A 58 -8.46 -0.97 -1.69
N LYS A 59 -8.65 -0.56 -2.95
CA LYS A 59 -9.69 0.44 -3.31
C LYS A 59 -11.10 -0.17 -3.17
N LYS A 60 -11.23 -1.47 -3.47
CA LYS A 60 -12.47 -2.23 -3.26
C LYS A 60 -12.71 -2.47 -1.75
N GLU A 61 -11.59 -2.43 -0.99
CA GLU A 61 -11.58 -2.51 0.47
C GLU A 61 -11.70 -1.09 1.10
N LEU A 62 -11.91 -0.05 0.24
CA LEU A 62 -12.10 1.38 0.64
C LEU A 62 -10.88 1.97 1.41
N LYS A 63 -9.74 1.26 1.34
CA LYS A 63 -8.47 1.69 1.97
C LYS A 63 -7.83 2.84 1.19
N VAL A 64 -7.88 2.75 -0.16
CA VAL A 64 -7.33 3.78 -1.07
C VAL A 64 -8.41 4.23 -2.07
N SER A 65 -8.21 5.43 -2.63
CA SER A 65 -9.03 5.99 -3.70
C SER A 65 -8.10 6.61 -4.75
N LEU A 66 -8.53 6.62 -6.03
CA LEU A 66 -7.74 7.16 -7.14
C LEU A 66 -8.26 8.58 -7.45
N THR A 67 -7.45 9.60 -7.15
CA THR A 67 -7.82 11.03 -7.34
C THR A 67 -7.61 11.48 -8.80
N SER A 68 -6.44 11.14 -9.36
CA SER A 68 -6.03 11.51 -10.74
C SER A 68 -5.47 10.24 -11.43
N PRO A 69 -5.32 10.19 -12.82
CA PRO A 69 -4.90 8.99 -13.61
C PRO A 69 -4.03 7.92 -12.85
N ALA A 70 -2.83 8.33 -12.42
CA ALA A 70 -1.96 7.50 -11.55
C ALA A 70 -1.54 8.28 -10.31
N THR A 71 -2.52 8.81 -9.59
CA THR A 71 -2.34 9.45 -8.29
C THR A 71 -3.39 8.88 -7.33
N TRP A 72 -2.94 8.27 -6.24
CA TRP A 72 -3.78 7.56 -5.25
C TRP A 72 -3.89 8.40 -3.97
N CYS A 73 -4.80 8.02 -3.07
CA CYS A 73 -5.08 8.78 -1.84
C CYS A 73 -5.55 7.82 -0.75
N LEU A 74 -5.45 8.26 0.52
CA LEU A 74 -5.98 7.50 1.66
C LEU A 74 -7.52 7.59 1.63
N GLY A 75 -8.16 6.49 1.20
CA GLY A 75 -9.62 6.40 1.16
C GLY A 75 -10.21 6.20 2.54
N GLY A 76 -9.40 5.62 3.45
CA GLY A 76 -9.77 5.42 4.85
C GLY A 76 -9.70 6.70 5.67
N THR A 77 -10.37 6.71 6.84
CA THR A 77 -10.37 7.86 7.77
C THR A 77 -9.29 7.64 8.87
N ASP A 78 -8.17 7.00 8.47
CA ASP A 78 -7.09 6.60 9.38
C ASP A 78 -6.40 7.82 10.04
N PRO A 79 -6.43 7.91 11.42
CA PRO A 79 -5.72 8.96 12.18
C PRO A 79 -4.23 8.60 12.40
N GLU A 80 -3.57 9.27 13.36
CA GLU A 80 -2.17 8.97 13.76
C GLU A 80 -2.17 8.30 15.17
N MET A 1 8.77 0.39 28.14
CA MET A 1 8.28 -0.94 27.74
C MET A 1 6.89 -0.81 27.11
N GLY A 2 6.59 -1.70 26.14
CA GLY A 2 5.32 -1.70 25.41
C GLY A 2 5.41 -2.57 24.17
N HIS A 3 4.24 -2.99 23.66
CA HIS A 3 4.10 -3.92 22.53
C HIS A 3 4.76 -5.28 22.88
N HIS A 4 3.98 -6.18 23.48
CA HIS A 4 4.46 -7.50 23.93
C HIS A 4 3.95 -8.58 22.97
N HIS A 5 4.54 -9.78 23.07
CA HIS A 5 4.19 -10.92 22.18
C HIS A 5 3.81 -12.14 23.02
N HIS A 6 3.07 -11.92 24.14
CA HIS A 6 2.66 -13.01 25.06
C HIS A 6 1.74 -14.05 24.37
N HIS A 7 1.14 -13.65 23.24
CA HIS A 7 0.42 -14.56 22.34
C HIS A 7 1.38 -15.63 21.77
N HIS A 8 0.90 -16.87 21.69
CA HIS A 8 1.69 -18.05 21.29
C HIS A 8 2.03 -18.02 19.78
N SER A 9 1.05 -17.60 18.95
CA SER A 9 1.25 -17.45 17.50
C SER A 9 2.02 -16.16 17.22
N HIS A 10 2.97 -16.21 16.27
CA HIS A 10 3.80 -15.05 15.90
C HIS A 10 2.95 -14.06 15.10
N MET A 11 2.28 -13.12 15.81
CA MET A 11 1.62 -11.96 15.19
C MET A 11 2.72 -10.94 14.81
N ALA A 12 2.42 -10.03 13.88
CA ALA A 12 3.39 -9.07 13.31
C ALA A 12 4.44 -9.80 12.45
N ASP A 13 5.34 -9.03 11.84
CA ASP A 13 6.23 -9.50 10.76
C ASP A 13 5.38 -10.18 9.67
N PRO A 14 4.56 -9.39 8.90
CA PRO A 14 3.54 -9.95 7.98
C PRO A 14 4.17 -10.60 6.74
N GLY A 15 3.31 -11.00 5.79
CA GLY A 15 3.74 -11.40 4.45
C GLY A 15 4.03 -10.16 3.60
N ARG A 16 4.43 -10.38 2.34
CA ARG A 16 4.75 -9.28 1.42
C ARG A 16 3.56 -8.32 1.22
N GLU A 17 2.33 -8.89 1.15
CA GLU A 17 1.08 -8.13 0.97
C GLU A 17 0.84 -7.22 2.19
N GLY A 18 0.91 -7.80 3.40
CA GLY A 18 0.74 -7.06 4.65
C GLY A 18 1.66 -5.85 4.79
N HIS A 19 2.94 -6.02 4.39
CA HIS A 19 3.95 -4.95 4.47
C HIS A 19 3.72 -3.91 3.35
N LEU A 20 3.38 -4.41 2.15
CA LEU A 20 3.14 -3.61 0.92
C LEU A 20 1.98 -2.61 1.16
N GLU A 21 0.85 -3.17 1.62
CA GLU A 21 -0.38 -2.44 1.96
C GLU A 21 -0.12 -1.45 3.11
N GLN A 22 0.60 -1.93 4.14
CA GLN A 22 0.97 -1.13 5.33
C GLN A 22 1.74 0.12 4.91
N ARG A 23 2.71 -0.06 3.98
CA ARG A 23 3.56 1.03 3.48
C ARG A 23 2.77 2.07 2.67
N ILE A 24 1.93 1.60 1.73
CA ILE A 24 1.15 2.50 0.87
C ILE A 24 0.21 3.37 1.73
N LEU A 25 -0.56 2.74 2.63
CA LEU A 25 -1.54 3.43 3.48
C LEU A 25 -0.87 4.41 4.45
N GLN A 26 0.30 4.00 4.98
CA GLN A 26 1.04 4.79 5.98
C GLN A 26 1.67 6.03 5.33
N VAL A 27 2.21 5.87 4.10
CA VAL A 27 2.74 7.00 3.29
C VAL A 27 1.61 8.00 2.97
N LEU A 28 0.42 7.45 2.68
CA LEU A 28 -0.77 8.25 2.36
C LEU A 28 -1.34 8.97 3.60
N THR A 29 -1.14 8.37 4.79
CA THR A 29 -1.56 8.97 6.08
C THR A 29 -0.62 10.10 6.50
N GLU A 30 0.70 9.88 6.37
CA GLU A 30 1.74 10.86 6.76
C GLU A 30 1.72 12.06 5.80
N ALA A 31 1.48 11.78 4.50
CA ALA A 31 1.28 12.83 3.48
C ALA A 31 -0.08 13.50 3.70
N GLY A 32 -1.09 12.69 4.05
CA GLY A 32 -2.47 13.14 4.22
C GLY A 32 -3.04 13.77 2.95
N SER A 33 -2.57 13.27 1.80
CA SER A 33 -2.76 13.91 0.49
C SER A 33 -2.52 12.87 -0.62
N PRO A 34 -3.22 13.00 -1.80
CA PRO A 34 -3.02 12.09 -2.95
C PRO A 34 -1.58 12.10 -3.49
N VAL A 35 -0.89 10.97 -3.34
CA VAL A 35 0.49 10.76 -3.79
C VAL A 35 0.44 9.92 -5.09
N LYS A 36 1.29 10.28 -6.08
CA LYS A 36 1.37 9.58 -7.37
C LYS A 36 1.92 8.16 -7.18
N LEU A 37 1.48 7.25 -8.05
CA LEU A 37 1.90 5.84 -8.07
C LEU A 37 3.42 5.73 -8.27
N ALA A 38 3.95 6.44 -9.29
CA ALA A 38 5.40 6.61 -9.52
C ALA A 38 6.19 7.01 -8.25
N GLN A 39 5.58 7.86 -7.39
CA GLN A 39 6.21 8.30 -6.14
C GLN A 39 6.12 7.18 -5.10
N LEU A 40 5.00 6.41 -5.13
CA LEU A 40 4.78 5.26 -4.23
C LEU A 40 5.80 4.14 -4.53
N VAL A 41 6.27 4.06 -5.80
CA VAL A 41 7.30 3.10 -6.23
C VAL A 41 8.61 3.31 -5.46
N LYS A 42 9.11 4.57 -5.46
CA LYS A 42 10.37 4.90 -4.80
C LYS A 42 10.23 4.91 -3.27
N GLU A 43 9.04 5.34 -2.75
CA GLU A 43 8.76 5.34 -1.29
C GLU A 43 8.80 3.91 -0.73
N CYS A 44 8.00 3.02 -1.32
CA CYS A 44 7.84 1.64 -0.82
C CYS A 44 8.99 0.75 -1.32
N GLN A 45 9.81 1.27 -2.28
CA GLN A 45 10.95 0.55 -2.91
C GLN A 45 10.48 -0.78 -3.53
N ALA A 46 9.24 -0.76 -4.02
CA ALA A 46 8.55 -1.96 -4.55
C ALA A 46 8.15 -1.74 -6.02
N PRO A 47 8.09 -2.83 -6.85
CA PRO A 47 7.68 -2.72 -8.27
C PRO A 47 6.23 -2.20 -8.40
N LYS A 48 6.07 -1.19 -9.28
CA LYS A 48 4.77 -0.61 -9.69
C LYS A 48 3.70 -1.70 -10.01
N ARG A 49 4.16 -2.83 -10.60
CA ARG A 49 3.32 -4.00 -10.89
C ARG A 49 2.64 -4.55 -9.61
N GLU A 50 3.44 -4.78 -8.55
CA GLU A 50 2.96 -5.34 -7.27
C GLU A 50 2.10 -4.31 -6.52
N LEU A 51 2.52 -3.03 -6.57
CA LEU A 51 1.77 -1.89 -5.99
C LEU A 51 0.36 -1.83 -6.57
N ASN A 52 0.28 -1.82 -7.92
CA ASN A 52 -0.99 -1.80 -8.71
C ASN A 52 -1.97 -2.87 -8.25
N GLN A 53 -1.46 -4.12 -8.18
CA GLN A 53 -2.21 -5.31 -7.73
C GLN A 53 -2.92 -5.07 -6.38
N VAL A 54 -2.14 -4.62 -5.39
CA VAL A 54 -2.63 -4.40 -4.02
C VAL A 54 -3.53 -3.15 -3.96
N LEU A 55 -3.18 -2.09 -4.74
CA LEU A 55 -3.94 -0.83 -4.85
C LEU A 55 -5.38 -1.02 -5.31
N TYR A 56 -5.64 -1.84 -6.37
CA TYR A 56 -7.02 -2.03 -6.89
C TYR A 56 -7.85 -2.87 -5.90
N ARG A 57 -7.16 -3.74 -5.15
CA ARG A 57 -7.77 -4.52 -4.07
C ARG A 57 -8.21 -3.57 -2.95
N MET A 58 -7.27 -2.69 -2.52
CA MET A 58 -7.49 -1.68 -1.48
C MET A 58 -8.49 -0.62 -1.89
N LYS A 59 -8.60 -0.35 -3.20
CA LYS A 59 -9.56 0.62 -3.76
C LYS A 59 -11.00 0.11 -3.55
N LYS A 60 -11.18 -1.21 -3.76
CA LYS A 60 -12.46 -1.91 -3.47
C LYS A 60 -12.68 -2.02 -1.95
N GLU A 61 -11.58 -2.19 -1.19
CA GLU A 61 -11.61 -2.21 0.29
C GLU A 61 -11.75 -0.79 0.87
N LEU A 62 -11.70 0.24 -0.04
CA LEU A 62 -11.88 1.69 0.27
C LEU A 62 -10.72 2.24 1.14
N LYS A 63 -9.63 1.46 1.25
CA LYS A 63 -8.39 1.85 1.94
C LYS A 63 -7.66 2.96 1.16
N VAL A 64 -7.74 2.90 -0.18
CA VAL A 64 -7.17 3.93 -1.08
C VAL A 64 -8.26 4.42 -2.05
N SER A 65 -8.11 5.67 -2.51
CA SER A 65 -8.99 6.30 -3.50
C SER A 65 -8.16 6.69 -4.72
N LEU A 66 -8.76 6.65 -5.92
CA LEU A 66 -8.10 7.05 -7.17
C LEU A 66 -8.56 8.47 -7.52
N THR A 67 -7.70 9.46 -7.23
CA THR A 67 -8.01 10.90 -7.40
C THR A 67 -7.68 11.38 -8.82
N SER A 68 -6.62 10.82 -9.41
CA SER A 68 -6.19 11.10 -10.80
C SER A 68 -5.76 9.76 -11.43
N PRO A 69 -5.68 9.63 -12.82
CA PRO A 69 -5.36 8.35 -13.57
C PRO A 69 -4.52 7.30 -12.80
N ALA A 70 -3.30 7.68 -12.36
CA ALA A 70 -2.45 6.83 -11.50
C ALA A 70 -1.97 7.63 -10.26
N THR A 71 -2.92 8.23 -9.54
CA THR A 71 -2.64 8.96 -8.28
C THR A 71 -3.62 8.48 -7.21
N TRP A 72 -3.06 8.09 -6.04
CA TRP A 72 -3.82 7.44 -4.97
C TRP A 72 -3.78 8.30 -3.70
N CYS A 73 -4.93 8.40 -3.04
CA CYS A 73 -5.08 9.10 -1.76
C CYS A 73 -5.49 8.11 -0.67
N LEU A 74 -5.35 8.53 0.59
CA LEU A 74 -5.81 7.75 1.73
C LEU A 74 -7.35 7.72 1.71
N GLY A 75 -7.91 6.53 1.40
CA GLY A 75 -9.35 6.29 1.40
C GLY A 75 -9.96 6.38 2.80
N GLY A 76 -9.11 6.12 3.84
CA GLY A 76 -9.49 6.31 5.24
C GLY A 76 -9.31 7.76 5.68
N THR A 77 -9.99 8.66 4.95
CA THR A 77 -9.91 10.12 5.13
C THR A 77 -10.96 10.60 6.16
N ASP A 78 -11.39 11.88 6.10
CA ASP A 78 -12.46 12.45 6.96
C ASP A 78 -13.74 11.59 6.87
N PRO A 79 -14.40 11.25 8.04
CA PRO A 79 -15.63 10.39 8.07
C PRO A 79 -16.75 10.92 7.16
N GLU A 80 -17.41 9.98 6.44
CA GLU A 80 -18.44 10.27 5.41
C GLU A 80 -17.84 11.15 4.28
N MET A 1 5.82 -16.49 25.40
CA MET A 1 5.02 -17.64 25.91
C MET A 1 3.53 -17.44 25.56
N GLY A 2 2.96 -16.34 26.08
CA GLY A 2 1.57 -15.96 25.81
C GLY A 2 1.38 -15.21 24.49
N HIS A 3 2.52 -14.75 23.89
CA HIS A 3 2.57 -14.08 22.56
C HIS A 3 1.83 -12.71 22.56
N HIS A 4 1.44 -12.22 23.77
CA HIS A 4 0.52 -11.08 23.97
C HIS A 4 -0.90 -11.46 23.48
N HIS A 5 -1.04 -11.56 22.13
CA HIS A 5 -2.27 -12.01 21.47
C HIS A 5 -2.27 -13.55 21.42
N HIS A 6 -3.38 -14.16 21.84
CA HIS A 6 -3.51 -15.64 21.95
C HIS A 6 -3.85 -16.30 20.60
N HIS A 7 -4.27 -15.49 19.62
CA HIS A 7 -4.52 -15.98 18.25
C HIS A 7 -3.28 -15.73 17.39
N HIS A 8 -2.63 -16.82 16.95
CA HIS A 8 -1.44 -16.78 16.06
C HIS A 8 -1.80 -16.19 14.67
N SER A 9 -3.07 -16.39 14.28
CA SER A 9 -3.63 -15.90 13.02
C SER A 9 -3.47 -14.37 12.90
N HIS A 10 -2.73 -13.94 11.88
CA HIS A 10 -2.44 -12.51 11.61
C HIS A 10 -3.72 -11.75 11.16
N MET A 11 -4.75 -12.52 10.73
CA MET A 11 -5.99 -12.00 10.11
C MET A 11 -5.63 -11.41 8.74
N ALA A 12 -5.71 -12.28 7.71
CA ALA A 12 -5.36 -11.96 6.31
C ALA A 12 -3.86 -11.64 6.18
N ASP A 13 -3.11 -12.61 5.63
CA ASP A 13 -1.66 -12.53 5.47
C ASP A 13 -1.19 -13.26 4.19
N PRO A 14 -0.97 -12.51 3.08
CA PRO A 14 -0.13 -12.96 1.94
C PRO A 14 1.38 -12.56 2.16
N GLY A 15 1.65 -12.13 3.41
CA GLY A 15 2.96 -11.68 3.86
C GLY A 15 3.39 -10.38 3.18
N ARG A 16 3.96 -10.50 1.96
CA ARG A 16 4.43 -9.35 1.16
C ARG A 16 3.30 -8.37 0.90
N GLU A 17 2.16 -8.88 0.41
CA GLU A 17 1.03 -8.03 -0.02
C GLU A 17 0.42 -7.27 1.17
N GLY A 18 0.35 -7.93 2.35
CA GLY A 18 -0.10 -7.28 3.59
C GLY A 18 0.79 -6.14 4.07
N HIS A 19 2.12 -6.40 4.12
CA HIS A 19 3.13 -5.39 4.56
C HIS A 19 3.16 -4.22 3.56
N LEU A 20 3.07 -4.57 2.29
CA LEU A 20 3.04 -3.65 1.14
C LEU A 20 1.79 -2.74 1.22
N GLU A 21 0.66 -3.36 1.58
CA GLU A 21 -0.64 -2.68 1.76
C GLU A 21 -0.55 -1.69 2.94
N GLN A 22 0.15 -2.11 4.01
CA GLN A 22 0.38 -1.27 5.22
C GLN A 22 1.21 -0.04 4.86
N ARG A 23 2.27 -0.24 4.04
CA ARG A 23 3.21 0.80 3.64
C ARG A 23 2.52 1.85 2.78
N ILE A 24 1.73 1.39 1.79
CA ILE A 24 0.99 2.29 0.89
C ILE A 24 0.09 3.23 1.71
N LEU A 25 -0.63 2.64 2.69
CA LEU A 25 -1.55 3.40 3.56
C LEU A 25 -0.79 4.42 4.42
N GLN A 26 0.40 4.01 4.89
CA GLN A 26 1.21 4.81 5.83
C GLN A 26 1.76 6.06 5.10
N VAL A 27 2.27 5.85 3.87
CA VAL A 27 2.76 6.92 2.98
C VAL A 27 1.63 7.95 2.68
N LEU A 28 0.44 7.41 2.35
CA LEU A 28 -0.74 8.23 2.01
C LEU A 28 -1.25 9.04 3.22
N THR A 29 -1.12 8.47 4.44
CA THR A 29 -1.59 9.11 5.67
C THR A 29 -0.64 10.23 6.12
N GLU A 30 0.68 9.97 6.09
CA GLU A 30 1.71 10.93 6.57
C GLU A 30 1.78 12.15 5.64
N ALA A 31 1.73 11.87 4.32
CA ALA A 31 1.73 12.91 3.26
C ALA A 31 0.59 13.92 3.45
N GLY A 32 -0.60 13.42 3.80
CA GLY A 32 -1.81 14.25 3.93
C GLY A 32 -2.20 14.90 2.61
N SER A 33 -1.85 14.23 1.52
CA SER A 33 -1.99 14.72 0.16
C SER A 33 -1.92 13.52 -0.82
N PRO A 34 -2.55 13.62 -2.05
CA PRO A 34 -2.50 12.54 -3.06
C PRO A 34 -1.05 12.21 -3.51
N VAL A 35 -0.67 10.94 -3.38
CA VAL A 35 0.66 10.43 -3.75
C VAL A 35 0.52 9.63 -5.05
N LYS A 36 1.34 9.96 -6.06
CA LYS A 36 1.35 9.24 -7.34
C LYS A 36 1.89 7.82 -7.14
N LEU A 37 1.43 6.87 -7.97
CA LEU A 37 1.94 5.49 -7.98
C LEU A 37 3.46 5.48 -8.22
N ALA A 38 3.90 6.38 -9.13
CA ALA A 38 5.33 6.75 -9.33
C ALA A 38 6.06 6.96 -8.00
N GLN A 39 5.48 7.83 -7.14
CA GLN A 39 6.10 8.17 -5.85
C GLN A 39 5.91 7.02 -4.84
N LEU A 40 4.87 6.18 -5.00
CA LEU A 40 4.69 4.97 -4.16
C LEU A 40 5.84 3.96 -4.40
N VAL A 41 6.33 3.88 -5.66
CA VAL A 41 7.53 3.09 -6.04
C VAL A 41 8.76 3.60 -5.27
N LYS A 42 8.86 4.92 -5.19
CA LYS A 42 9.95 5.64 -4.53
C LYS A 42 9.94 5.39 -3.00
N GLU A 43 8.81 5.75 -2.36
CA GLU A 43 8.63 5.72 -0.91
C GLU A 43 8.69 4.29 -0.33
N CYS A 44 7.87 3.38 -0.89
CA CYS A 44 7.75 2.00 -0.38
C CYS A 44 8.90 1.11 -0.91
N GLN A 45 9.62 1.64 -1.93
CA GLN A 45 10.78 0.97 -2.59
C GLN A 45 10.36 -0.28 -3.39
N ALA A 46 9.05 -0.43 -3.60
CA ALA A 46 8.44 -1.62 -4.23
C ALA A 46 8.19 -1.39 -5.73
N PRO A 47 8.16 -2.48 -6.56
CA PRO A 47 7.86 -2.38 -8.01
C PRO A 47 6.42 -1.90 -8.29
N LYS A 48 6.29 -0.96 -9.25
CA LYS A 48 4.99 -0.43 -9.73
C LYS A 48 3.94 -1.54 -9.98
N ARG A 49 4.34 -2.65 -10.65
CA ARG A 49 3.42 -3.77 -10.97
C ARG A 49 2.85 -4.43 -9.70
N GLU A 50 3.68 -4.58 -8.66
CA GLU A 50 3.26 -5.14 -7.37
C GLU A 50 2.26 -4.19 -6.68
N LEU A 51 2.64 -2.90 -6.58
CA LEU A 51 1.86 -1.85 -5.91
C LEU A 51 0.47 -1.73 -6.54
N ASN A 52 0.45 -1.49 -7.86
CA ASN A 52 -0.78 -1.30 -8.67
C ASN A 52 -1.80 -2.42 -8.46
N GLN A 53 -1.35 -3.68 -8.61
CA GLN A 53 -2.21 -4.87 -8.42
C GLN A 53 -2.84 -4.92 -7.00
N VAL A 54 -2.01 -4.68 -5.96
CA VAL A 54 -2.48 -4.67 -4.56
C VAL A 54 -3.49 -3.53 -4.34
N LEU A 55 -3.24 -2.39 -4.99
CA LEU A 55 -4.08 -1.18 -4.91
C LEU A 55 -5.54 -1.42 -5.34
N TYR A 56 -5.80 -2.38 -6.28
CA TYR A 56 -7.19 -2.72 -6.67
C TYR A 56 -7.89 -3.59 -5.60
N ARG A 57 -7.10 -4.33 -4.80
CA ARG A 57 -7.61 -5.05 -3.63
C ARG A 57 -8.00 -4.00 -2.57
N MET A 58 -7.04 -3.10 -2.29
CA MET A 58 -7.15 -2.07 -1.24
C MET A 58 -8.31 -1.10 -1.50
N LYS A 59 -8.54 -0.73 -2.76
CA LYS A 59 -9.58 0.26 -3.13
C LYS A 59 -10.98 -0.28 -2.82
N LYS A 60 -11.16 -1.60 -3.04
CA LYS A 60 -12.42 -2.30 -2.75
C LYS A 60 -12.66 -2.38 -1.24
N GLU A 61 -11.56 -2.44 -0.47
CA GLU A 61 -11.60 -2.43 1.01
C GLU A 61 -11.78 -0.98 1.56
N LEU A 62 -11.88 0.02 0.64
CA LEU A 62 -12.02 1.46 0.97
C LEU A 62 -10.74 2.04 1.62
N LYS A 63 -9.63 1.30 1.45
CA LYS A 63 -8.33 1.67 2.04
C LYS A 63 -7.64 2.78 1.23
N VAL A 64 -7.78 2.74 -0.12
CA VAL A 64 -7.19 3.77 -1.01
C VAL A 64 -8.25 4.36 -1.97
N SER A 65 -8.06 5.64 -2.27
CA SER A 65 -8.87 6.41 -3.23
C SER A 65 -8.04 6.69 -4.49
N LEU A 66 -8.62 6.48 -5.69
CA LEU A 66 -7.99 6.86 -6.95
C LEU A 66 -8.57 8.21 -7.35
N THR A 67 -7.78 9.25 -7.13
CA THR A 67 -8.23 10.64 -7.28
C THR A 67 -7.94 11.18 -8.69
N SER A 68 -6.83 10.72 -9.28
CA SER A 68 -6.38 11.10 -10.63
C SER A 68 -5.83 9.84 -11.34
N PRO A 69 -5.76 9.78 -12.73
CA PRO A 69 -5.36 8.59 -13.54
C PRO A 69 -4.42 7.57 -12.84
N ALA A 70 -3.16 7.95 -12.60
CA ALA A 70 -2.16 7.10 -11.87
C ALA A 70 -1.80 7.68 -10.48
N THR A 71 -2.62 8.61 -9.97
CA THR A 71 -2.41 9.25 -8.66
C THR A 71 -3.45 8.76 -7.65
N TRP A 72 -2.96 8.31 -6.49
CA TRP A 72 -3.76 7.70 -5.41
C TRP A 72 -3.77 8.63 -4.20
N CYS A 73 -4.63 8.35 -3.25
CA CYS A 73 -4.78 9.08 -1.99
C CYS A 73 -5.29 8.12 -0.92
N LEU A 74 -5.22 8.52 0.36
CA LEU A 74 -5.77 7.71 1.46
C LEU A 74 -7.31 7.60 1.34
N GLY A 75 -7.82 6.36 1.50
CA GLY A 75 -9.25 6.09 1.57
C GLY A 75 -9.83 6.65 2.85
N GLY A 76 -10.06 7.96 2.84
CA GLY A 76 -10.38 8.74 4.04
C GLY A 76 -9.51 10.00 4.07
N THR A 77 -9.44 10.66 2.90
CA THR A 77 -8.62 11.85 2.67
C THR A 77 -9.03 13.02 3.59
N ASP A 78 -10.33 13.05 3.96
CA ASP A 78 -10.91 14.06 4.88
C ASP A 78 -10.22 14.00 6.27
N PRO A 79 -9.52 15.09 6.72
CA PRO A 79 -8.92 15.16 8.07
C PRO A 79 -10.02 15.21 9.15
N GLU A 80 -10.33 14.05 9.76
CA GLU A 80 -11.49 13.90 10.63
C GLU A 80 -11.05 13.22 11.95
N MET A 1 8.31 -9.95 20.61
CA MET A 1 7.79 -10.89 21.63
C MET A 1 6.60 -11.69 21.05
N GLY A 2 6.91 -12.84 20.44
CA GLY A 2 5.89 -13.74 19.87
C GLY A 2 5.68 -14.97 20.74
N HIS A 3 6.55 -15.99 20.55
CA HIS A 3 6.48 -17.26 21.32
C HIS A 3 6.88 -17.00 22.77
N HIS A 4 7.94 -16.21 22.95
CA HIS A 4 8.36 -15.70 24.27
C HIS A 4 7.57 -14.43 24.58
N HIS A 5 7.02 -14.36 25.81
CA HIS A 5 6.23 -13.22 26.32
C HIS A 5 4.86 -13.12 25.60
N HIS A 6 3.86 -12.56 26.31
CA HIS A 6 2.48 -12.35 25.81
C HIS A 6 2.47 -11.74 24.39
N HIS A 7 2.19 -12.61 23.39
CA HIS A 7 2.08 -12.23 21.97
C HIS A 7 0.87 -11.30 21.76
N HIS A 8 0.94 -10.41 20.76
CA HIS A 8 -0.11 -9.41 20.50
C HIS A 8 -0.23 -9.10 18.99
N SER A 9 0.85 -8.58 18.37
CA SER A 9 0.86 -8.13 16.95
C SER A 9 -0.20 -7.01 16.72
N HIS A 10 -0.61 -6.77 15.46
CA HIS A 10 -1.74 -5.88 15.13
C HIS A 10 -2.72 -6.63 14.22
N MET A 11 -2.30 -6.90 12.96
CA MET A 11 -3.14 -7.56 11.94
C MET A 11 -2.33 -7.94 10.68
N ALA A 12 -1.26 -7.16 10.41
CA ALA A 12 -0.47 -7.24 9.16
C ALA A 12 -0.02 -8.67 8.84
N ASP A 13 -0.60 -9.23 7.76
CA ASP A 13 -0.47 -10.64 7.38
C ASP A 13 1.00 -10.99 7.02
N PRO A 14 1.53 -12.18 7.49
CA PRO A 14 2.90 -12.63 7.16
C PRO A 14 3.02 -13.08 5.69
N GLY A 15 3.09 -12.08 4.82
CA GLY A 15 3.11 -12.26 3.38
C GLY A 15 3.37 -10.90 2.75
N ARG A 16 3.92 -10.90 1.54
CA ARG A 16 4.37 -9.65 0.88
C ARG A 16 3.22 -8.63 0.68
N GLU A 17 1.99 -9.13 0.39
CA GLU A 17 0.82 -8.29 0.05
C GLU A 17 0.32 -7.46 1.25
N GLY A 18 -0.04 -8.14 2.36
CA GLY A 18 -0.52 -7.47 3.58
C GLY A 18 0.45 -6.43 4.12
N HIS A 19 1.75 -6.73 4.03
CA HIS A 19 2.82 -5.81 4.48
C HIS A 19 2.98 -4.63 3.50
N LEU A 20 2.81 -4.92 2.21
CA LEU A 20 2.85 -3.93 1.11
C LEU A 20 1.72 -2.90 1.30
N GLU A 21 0.50 -3.41 1.60
CA GLU A 21 -0.69 -2.61 1.89
C GLU A 21 -0.44 -1.67 3.07
N GLN A 22 0.18 -2.23 4.13
CA GLN A 22 0.51 -1.49 5.36
C GLN A 22 1.45 -0.31 5.08
N ARG A 23 2.44 -0.50 4.17
CA ARG A 23 3.38 0.56 3.81
C ARG A 23 2.68 1.69 3.04
N ILE A 24 1.77 1.32 2.09
CA ILE A 24 1.01 2.30 1.30
C ILE A 24 0.13 3.16 2.23
N LEU A 25 -0.62 2.51 3.17
CA LEU A 25 -1.43 3.20 4.20
C LEU A 25 -0.59 4.23 5.00
N GLN A 26 0.64 3.82 5.38
CA GLN A 26 1.55 4.66 6.19
C GLN A 26 1.97 5.91 5.40
N VAL A 27 2.53 5.69 4.19
CA VAL A 27 3.07 6.76 3.32
C VAL A 27 1.99 7.84 3.02
N LEU A 28 0.77 7.37 2.68
CA LEU A 28 -0.37 8.25 2.36
C LEU A 28 -0.80 9.07 3.58
N THR A 29 -0.73 8.47 4.79
CA THR A 29 -1.04 9.16 6.06
C THR A 29 -0.01 10.28 6.35
N GLU A 30 1.28 9.96 6.19
CA GLU A 30 2.38 10.88 6.54
C GLU A 30 2.42 12.09 5.60
N ALA A 31 2.19 11.84 4.30
CA ALA A 31 2.03 12.91 3.30
C ALA A 31 0.75 13.71 3.58
N GLY A 32 -0.32 12.98 3.99
CA GLY A 32 -1.63 13.57 4.27
C GLY A 32 -2.24 14.21 3.02
N SER A 33 -2.00 13.55 1.88
CA SER A 33 -2.25 14.12 0.55
C SER A 33 -2.25 12.99 -0.52
N PRO A 34 -3.00 13.16 -1.65
CA PRO A 34 -2.88 12.28 -2.84
C PRO A 34 -1.42 12.09 -3.31
N VAL A 35 -1.00 10.82 -3.45
CA VAL A 35 0.35 10.43 -3.89
C VAL A 35 0.22 9.62 -5.19
N LYS A 36 0.98 10.03 -6.23
CA LYS A 36 1.02 9.31 -7.52
C LYS A 36 1.62 7.91 -7.32
N LEU A 37 1.19 6.96 -8.17
CA LEU A 37 1.71 5.59 -8.17
C LEU A 37 3.22 5.59 -8.51
N ALA A 38 3.60 6.33 -9.56
CA ALA A 38 5.02 6.59 -9.90
C ALA A 38 5.84 7.12 -8.69
N GLN A 39 5.20 7.88 -7.77
CA GLN A 39 5.85 8.35 -6.53
C GLN A 39 5.85 7.22 -5.47
N LEU A 40 4.75 6.42 -5.42
CA LEU A 40 4.61 5.28 -4.49
C LEU A 40 5.73 4.26 -4.70
N VAL A 41 6.21 4.13 -5.96
CA VAL A 41 7.34 3.24 -6.29
C VAL A 41 8.58 3.55 -5.44
N LYS A 42 9.01 4.81 -5.44
CA LYS A 42 10.21 5.23 -4.71
C LYS A 42 9.97 5.30 -3.18
N GLU A 43 8.82 5.89 -2.74
CA GLU A 43 8.46 6.00 -1.31
C GLU A 43 8.36 4.62 -0.61
N CYS A 44 7.52 3.75 -1.18
CA CYS A 44 7.28 2.39 -0.63
C CYS A 44 8.48 1.46 -0.92
N GLN A 45 9.35 1.88 -1.88
CA GLN A 45 10.58 1.17 -2.29
C GLN A 45 10.28 -0.20 -2.94
N ALA A 46 9.07 -0.33 -3.47
CA ALA A 46 8.57 -1.56 -4.11
C ALA A 46 8.32 -1.30 -5.62
N PRO A 47 8.45 -2.36 -6.49
CA PRO A 47 8.12 -2.25 -7.93
C PRO A 47 6.64 -1.86 -8.15
N LYS A 48 6.42 -0.92 -9.09
CA LYS A 48 5.09 -0.45 -9.53
C LYS A 48 4.11 -1.60 -9.84
N ARG A 49 4.64 -2.73 -10.35
CA ARG A 49 3.83 -3.94 -10.64
C ARG A 49 3.15 -4.48 -9.35
N GLU A 50 3.93 -4.55 -8.26
CA GLU A 50 3.47 -5.05 -6.96
C GLU A 50 2.43 -4.09 -6.35
N LEU A 51 2.80 -2.80 -6.32
CA LEU A 51 1.97 -1.72 -5.77
C LEU A 51 0.58 -1.66 -6.43
N ASN A 52 0.60 -1.57 -7.78
CA ASN A 52 -0.61 -1.43 -8.63
C ASN A 52 -1.67 -2.50 -8.31
N GLN A 53 -1.23 -3.78 -8.25
CA GLN A 53 -2.11 -4.92 -7.97
C GLN A 53 -2.76 -4.79 -6.57
N VAL A 54 -1.93 -4.52 -5.55
CA VAL A 54 -2.41 -4.44 -4.14
C VAL A 54 -3.31 -3.20 -3.93
N LEU A 55 -2.98 -2.08 -4.60
CA LEU A 55 -3.81 -0.85 -4.65
C LEU A 55 -5.26 -1.12 -5.07
N TYR A 56 -5.49 -2.04 -6.04
CA TYR A 56 -6.85 -2.41 -6.45
C TYR A 56 -7.58 -3.20 -5.36
N ARG A 57 -6.83 -3.98 -4.57
CA ARG A 57 -7.35 -4.69 -3.40
C ARG A 57 -7.83 -3.65 -2.36
N MET A 58 -6.92 -2.70 -2.02
CA MET A 58 -7.16 -1.63 -1.03
C MET A 58 -8.32 -0.72 -1.46
N LYS A 59 -8.45 -0.51 -2.79
CA LYS A 59 -9.57 0.26 -3.38
C LYS A 59 -10.93 -0.40 -3.10
N LYS A 60 -10.99 -1.74 -3.23
CA LYS A 60 -12.19 -2.53 -2.87
C LYS A 60 -12.41 -2.55 -1.34
N GLU A 61 -11.33 -2.30 -0.57
CA GLU A 61 -11.40 -2.14 0.89
C GLU A 61 -11.66 -0.67 1.28
N LEU A 62 -11.76 0.23 0.26
CA LEU A 62 -12.04 1.69 0.42
C LEU A 62 -10.88 2.44 1.13
N LYS A 63 -9.74 1.75 1.29
CA LYS A 63 -8.55 2.29 1.98
C LYS A 63 -7.83 3.30 1.09
N VAL A 64 -7.83 3.07 -0.23
CA VAL A 64 -7.26 4.02 -1.22
C VAL A 64 -8.29 4.30 -2.32
N SER A 65 -8.26 5.51 -2.84
CA SER A 65 -9.10 5.94 -3.96
C SER A 65 -8.23 6.40 -5.13
N LEU A 66 -8.78 6.36 -6.35
CA LEU A 66 -8.08 6.83 -7.55
C LEU A 66 -8.71 8.18 -7.92
N THR A 67 -7.99 9.26 -7.60
CA THR A 67 -8.52 10.64 -7.66
C THR A 67 -8.17 11.32 -8.99
N SER A 68 -6.97 11.01 -9.50
CA SER A 68 -6.43 11.61 -10.73
C SER A 68 -5.71 10.51 -11.57
N PRO A 69 -5.37 10.76 -12.90
CA PRO A 69 -4.65 9.77 -13.76
C PRO A 69 -3.38 9.19 -13.10
N ALA A 70 -3.47 7.91 -12.67
CA ALA A 70 -2.36 7.15 -12.03
C ALA A 70 -1.96 7.74 -10.67
N THR A 71 -2.89 8.50 -10.06
CA THR A 71 -2.68 9.18 -8.77
C THR A 71 -3.71 8.66 -7.77
N TRP A 72 -3.22 8.13 -6.66
CA TRP A 72 -4.04 7.53 -5.62
C TRP A 72 -4.07 8.46 -4.41
N CYS A 73 -4.95 8.17 -3.47
CA CYS A 73 -5.13 8.95 -2.25
C CYS A 73 -5.62 8.03 -1.15
N LEU A 74 -5.42 8.42 0.11
CA LEU A 74 -5.87 7.63 1.25
C LEU A 74 -7.39 7.84 1.42
N GLY A 75 -8.17 6.82 1.02
CA GLY A 75 -9.62 6.83 1.18
C GLY A 75 -10.03 6.85 2.65
N GLY A 76 -9.57 5.82 3.37
CA GLY A 76 -9.70 5.76 4.83
C GLY A 76 -8.58 6.54 5.49
N THR A 77 -8.70 7.88 5.51
CA THR A 77 -7.65 8.80 5.99
C THR A 77 -7.45 8.69 7.51
N ASP A 78 -6.60 7.72 7.92
CA ASP A 78 -6.20 7.47 9.32
C ASP A 78 -7.45 7.25 10.22
N PRO A 79 -8.19 6.10 10.02
CA PRO A 79 -9.54 5.90 10.63
C PRO A 79 -9.50 5.62 12.16
N GLU A 80 -9.67 6.68 12.96
CA GLU A 80 -9.77 6.58 14.43
C GLU A 80 -10.72 7.67 14.99
N MET A 1 16.72 -4.92 5.02
CA MET A 1 15.82 -5.95 4.44
C MET A 1 16.21 -6.17 2.97
N GLY A 2 16.95 -7.27 2.70
CA GLY A 2 17.48 -7.57 1.36
C GLY A 2 17.48 -9.05 1.00
N HIS A 3 16.66 -9.84 1.70
CA HIS A 3 16.44 -11.26 1.36
C HIS A 3 14.94 -11.49 1.15
N HIS A 4 14.55 -11.77 -0.10
CA HIS A 4 13.15 -12.15 -0.42
C HIS A 4 13.07 -13.67 -0.68
N HIS A 5 14.24 -14.34 -0.67
CA HIS A 5 14.33 -15.80 -0.82
C HIS A 5 14.80 -16.39 0.52
N HIS A 6 13.82 -16.77 1.35
CA HIS A 6 14.03 -17.37 2.69
C HIS A 6 12.78 -18.19 3.08
N HIS A 7 11.88 -18.41 2.09
CA HIS A 7 10.53 -18.97 2.32
C HIS A 7 10.58 -20.33 3.04
N HIS A 8 11.07 -21.38 2.34
CA HIS A 8 11.22 -22.76 2.85
C HIS A 8 9.87 -23.35 3.33
N SER A 9 9.41 -22.91 4.52
CA SER A 9 8.14 -23.33 5.14
C SER A 9 6.95 -23.25 4.16
N HIS A 10 6.19 -24.36 4.03
CA HIS A 10 5.07 -24.50 3.08
C HIS A 10 3.72 -24.01 3.68
N MET A 11 3.81 -23.03 4.60
CA MET A 11 2.63 -22.42 5.24
C MET A 11 2.85 -20.90 5.34
N ALA A 12 3.94 -20.52 6.04
CA ALA A 12 4.31 -19.10 6.24
C ALA A 12 4.90 -18.50 4.95
N ASP A 13 4.02 -17.98 4.09
CA ASP A 13 4.38 -17.36 2.80
C ASP A 13 4.79 -15.89 3.04
N PRO A 14 5.91 -15.40 2.40
CA PRO A 14 6.39 -14.00 2.58
C PRO A 14 5.62 -12.98 1.72
N GLY A 15 4.56 -13.48 1.02
CA GLY A 15 3.61 -12.68 0.22
C GLY A 15 3.41 -11.26 0.72
N ARG A 16 4.24 -10.34 0.19
CA ARG A 16 4.40 -8.95 0.69
C ARG A 16 3.12 -8.11 0.78
N GLU A 17 2.05 -8.57 0.14
CA GLU A 17 0.94 -7.70 -0.28
C GLU A 17 0.31 -6.91 0.88
N GLY A 18 0.10 -7.57 2.03
CA GLY A 18 -0.44 -6.92 3.23
C GLY A 18 0.52 -5.92 3.91
N HIS A 19 1.81 -6.26 3.99
CA HIS A 19 2.82 -5.37 4.65
C HIS A 19 3.11 -4.15 3.75
N LEU A 20 3.14 -4.45 2.45
CA LEU A 20 3.27 -3.47 1.36
C LEU A 20 2.02 -2.56 1.30
N GLU A 21 0.84 -3.15 1.59
CA GLU A 21 -0.45 -2.42 1.71
C GLU A 21 -0.37 -1.38 2.83
N GLN A 22 0.17 -1.83 3.98
CA GLN A 22 0.35 -0.99 5.18
C GLN A 22 1.37 0.11 4.91
N ARG A 23 2.37 -0.18 4.05
CA ARG A 23 3.40 0.78 3.63
C ARG A 23 2.73 1.89 2.78
N ILE A 24 1.91 1.48 1.79
CA ILE A 24 1.18 2.40 0.88
C ILE A 24 0.30 3.34 1.70
N LEU A 25 -0.50 2.75 2.64
CA LEU A 25 -1.40 3.51 3.53
C LEU A 25 -0.63 4.57 4.31
N GLN A 26 0.59 4.19 4.76
CA GLN A 26 1.43 5.06 5.61
C GLN A 26 1.99 6.24 4.78
N VAL A 27 2.43 5.96 3.52
CA VAL A 27 2.88 7.01 2.57
C VAL A 27 1.80 8.10 2.40
N LEU A 28 0.56 7.61 2.21
CA LEU A 28 -0.63 8.44 2.00
C LEU A 28 -0.96 9.28 3.25
N THR A 29 -0.80 8.66 4.43
CA THR A 29 -1.11 9.27 5.73
C THR A 29 -0.13 10.39 6.10
N GLU A 30 1.19 10.12 5.96
CA GLU A 30 2.27 11.05 6.33
C GLU A 30 2.25 12.27 5.40
N ALA A 31 1.92 12.01 4.13
CA ALA A 31 1.69 13.08 3.14
C ALA A 31 0.45 13.90 3.51
N GLY A 32 -0.61 13.18 3.90
CA GLY A 32 -1.93 13.77 4.11
C GLY A 32 -2.53 14.31 2.82
N SER A 33 -2.07 13.76 1.68
CA SER A 33 -2.39 14.24 0.32
C SER A 33 -2.29 13.07 -0.68
N PRO A 34 -3.10 13.08 -1.79
CA PRO A 34 -3.03 12.02 -2.83
C PRO A 34 -1.60 11.85 -3.40
N VAL A 35 -1.00 10.68 -3.15
CA VAL A 35 0.35 10.35 -3.60
C VAL A 35 0.27 9.56 -4.91
N LYS A 36 1.07 9.97 -5.92
CA LYS A 36 1.08 9.34 -7.24
C LYS A 36 1.78 7.98 -7.15
N LEU A 37 1.38 7.05 -8.05
CA LEU A 37 1.95 5.71 -8.14
C LEU A 37 3.48 5.77 -8.32
N ALA A 38 3.95 6.67 -9.20
CA ALA A 38 5.38 7.00 -9.35
C ALA A 38 6.09 7.21 -7.99
N GLN A 39 5.49 8.02 -7.10
CA GLN A 39 6.06 8.29 -5.77
C GLN A 39 5.81 7.10 -4.82
N LEU A 40 4.73 6.33 -5.04
CA LEU A 40 4.46 5.10 -4.28
C LEU A 40 5.58 4.06 -4.52
N VAL A 41 6.16 4.06 -5.75
CA VAL A 41 7.31 3.20 -6.09
C VAL A 41 8.51 3.50 -5.19
N LYS A 42 8.93 4.78 -5.14
CA LYS A 42 10.14 5.19 -4.42
C LYS A 42 9.95 5.08 -2.88
N GLU A 43 8.77 5.51 -2.37
CA GLU A 43 8.47 5.50 -0.92
C GLU A 43 8.24 4.10 -0.35
N CYS A 44 7.60 3.20 -1.13
CA CYS A 44 7.41 1.79 -0.71
C CYS A 44 8.66 0.94 -1.03
N GLN A 45 9.52 1.47 -1.93
CA GLN A 45 10.79 0.82 -2.36
C GLN A 45 10.53 -0.56 -3.01
N ALA A 46 9.33 -0.70 -3.59
CA ALA A 46 8.82 -1.95 -4.15
C ALA A 46 8.53 -1.78 -5.65
N PRO A 47 8.56 -2.87 -6.47
CA PRO A 47 8.26 -2.81 -7.92
C PRO A 47 6.79 -2.36 -8.17
N LYS A 48 6.64 -1.37 -9.08
CA LYS A 48 5.35 -0.79 -9.51
C LYS A 48 4.28 -1.85 -9.82
N ARG A 49 4.71 -2.95 -10.49
CA ARG A 49 3.83 -4.08 -10.84
C ARG A 49 3.09 -4.63 -9.59
N GLU A 50 3.87 -4.88 -8.51
CA GLU A 50 3.34 -5.39 -7.23
C GLU A 50 2.37 -4.39 -6.60
N LEU A 51 2.78 -3.10 -6.63
CA LEU A 51 1.99 -1.98 -6.08
C LEU A 51 0.58 -1.96 -6.69
N ASN A 52 0.51 -2.00 -8.05
CA ASN A 52 -0.75 -1.99 -8.81
C ASN A 52 -1.74 -3.05 -8.31
N GLN A 53 -1.31 -4.33 -8.26
CA GLN A 53 -2.17 -5.45 -7.80
C GLN A 53 -2.77 -5.18 -6.41
N VAL A 54 -1.93 -4.69 -5.48
CA VAL A 54 -2.37 -4.36 -4.11
C VAL A 54 -3.37 -3.17 -4.11
N LEU A 55 -2.99 -2.06 -4.79
CA LEU A 55 -3.75 -0.79 -4.87
C LEU A 55 -5.23 -0.96 -5.21
N TYR A 56 -5.54 -1.72 -6.29
CA TYR A 56 -6.93 -1.90 -6.75
C TYR A 56 -7.75 -2.73 -5.76
N ARG A 57 -7.08 -3.65 -5.03
CA ARG A 57 -7.73 -4.41 -3.95
C ARG A 57 -8.11 -3.47 -2.80
N MET A 58 -7.13 -2.62 -2.40
CA MET A 58 -7.29 -1.64 -1.32
C MET A 58 -8.42 -0.63 -1.64
N LYS A 59 -8.57 -0.31 -2.94
CA LYS A 59 -9.63 0.58 -3.45
C LYS A 59 -11.02 -0.04 -3.22
N LYS A 60 -11.14 -1.35 -3.50
CA LYS A 60 -12.34 -2.16 -3.21
C LYS A 60 -12.65 -2.13 -1.70
N GLU A 61 -11.58 -2.30 -0.90
CA GLU A 61 -11.67 -2.33 0.58
C GLU A 61 -11.78 -0.91 1.17
N LEU A 62 -11.75 0.12 0.27
CA LEU A 62 -11.88 1.56 0.61
C LEU A 62 -10.73 2.06 1.52
N LYS A 63 -9.64 1.26 1.59
CA LYS A 63 -8.39 1.62 2.27
C LYS A 63 -7.68 2.76 1.52
N VAL A 64 -7.84 2.77 0.18
CA VAL A 64 -7.36 3.87 -0.68
C VAL A 64 -8.51 4.34 -1.59
N SER A 65 -8.27 5.47 -2.26
CA SER A 65 -9.19 6.06 -3.22
C SER A 65 -8.37 6.45 -4.47
N LEU A 66 -8.95 6.37 -5.66
CA LEU A 66 -8.27 6.75 -6.91
C LEU A 66 -8.76 8.16 -7.30
N THR A 67 -7.89 9.17 -7.11
CA THR A 67 -8.25 10.60 -7.28
C THR A 67 -7.93 11.11 -8.69
N SER A 68 -6.85 10.58 -9.26
CA SER A 68 -6.35 10.94 -10.62
C SER A 68 -5.85 9.64 -11.29
N PRO A 69 -5.82 9.52 -12.67
CA PRO A 69 -5.41 8.30 -13.43
C PRO A 69 -4.51 7.28 -12.68
N ALA A 70 -3.26 7.63 -12.35
CA ALA A 70 -2.37 6.80 -11.50
C ALA A 70 -1.90 7.60 -10.27
N THR A 71 -2.86 8.19 -9.55
CA THR A 71 -2.63 8.84 -8.26
C THR A 71 -3.67 8.37 -7.24
N TRP A 72 -3.19 7.91 -6.07
CA TRP A 72 -4.04 7.30 -5.03
C TRP A 72 -3.97 8.16 -3.75
N CYS A 73 -5.09 8.29 -3.05
CA CYS A 73 -5.16 8.97 -1.74
C CYS A 73 -5.56 7.96 -0.67
N LEU A 74 -5.39 8.36 0.60
CA LEU A 74 -5.81 7.58 1.78
C LEU A 74 -7.35 7.54 1.83
N GLY A 75 -7.91 6.35 1.98
CA GLY A 75 -9.36 6.16 2.14
C GLY A 75 -9.83 6.62 3.52
N GLY A 76 -10.25 7.89 3.61
CA GLY A 76 -10.64 8.50 4.89
C GLY A 76 -9.43 9.10 5.62
N THR A 77 -9.67 9.70 6.79
CA THR A 77 -8.61 10.31 7.62
C THR A 77 -7.86 9.21 8.39
N ASP A 78 -8.63 8.29 8.95
CA ASP A 78 -8.12 7.21 9.80
C ASP A 78 -8.75 5.86 9.38
N PRO A 79 -7.96 4.75 9.30
CA PRO A 79 -8.49 3.40 9.10
C PRO A 79 -9.18 2.87 10.38
N GLU A 80 -10.50 2.69 10.31
CA GLU A 80 -11.31 2.20 11.44
C GLU A 80 -11.11 0.67 11.61
N MET A 1 13.30 -33.88 -6.64
CA MET A 1 12.85 -32.47 -6.67
C MET A 1 13.55 -31.69 -5.55
N GLY A 2 14.30 -30.62 -5.94
CA GLY A 2 15.08 -29.82 -5.00
C GLY A 2 14.24 -28.88 -4.16
N HIS A 3 13.07 -28.47 -4.70
CA HIS A 3 12.11 -27.60 -3.99
C HIS A 3 11.30 -28.37 -2.93
N HIS A 4 11.56 -29.68 -2.78
CA HIS A 4 10.96 -30.49 -1.71
C HIS A 4 11.54 -30.04 -0.36
N HIS A 5 10.67 -30.01 0.68
CA HIS A 5 10.95 -29.39 1.99
C HIS A 5 11.04 -27.86 1.82
N HIS A 6 9.93 -27.17 2.12
CA HIS A 6 9.83 -25.71 1.94
C HIS A 6 10.69 -24.97 2.99
N HIS A 7 11.70 -24.24 2.50
CA HIS A 7 12.50 -23.30 3.32
C HIS A 7 11.91 -21.88 3.20
N HIS A 8 12.34 -20.98 4.11
CA HIS A 8 11.91 -19.56 4.10
C HIS A 8 12.99 -18.68 4.76
N SER A 9 12.94 -17.37 4.48
CA SER A 9 13.86 -16.37 5.03
C SER A 9 13.08 -15.40 5.92
N HIS A 10 13.52 -15.25 7.18
CA HIS A 10 12.85 -14.42 8.19
C HIS A 10 12.90 -12.93 7.79
N MET A 11 14.11 -12.42 7.50
CA MET A 11 14.28 -11.04 7.01
C MET A 11 14.07 -11.00 5.47
N ALA A 12 12.81 -11.14 5.08
CA ALA A 12 12.37 -11.14 3.67
C ALA A 12 10.88 -10.85 3.58
N ASP A 13 10.33 -10.21 4.64
CA ASP A 13 8.88 -9.96 4.87
C ASP A 13 8.17 -11.26 5.33
N PRO A 14 7.61 -11.31 6.60
CA PRO A 14 6.77 -12.45 7.10
C PRO A 14 5.63 -12.81 6.14
N GLY A 15 5.03 -11.78 5.51
CA GLY A 15 4.13 -11.92 4.39
C GLY A 15 4.19 -10.65 3.57
N ARG A 16 4.70 -10.74 2.32
CA ARG A 16 5.04 -9.57 1.48
C ARG A 16 3.82 -8.68 1.22
N GLU A 17 2.64 -9.30 1.10
CA GLU A 17 1.37 -8.60 0.81
C GLU A 17 1.03 -7.65 1.96
N GLY A 18 1.07 -8.18 3.19
CA GLY A 18 0.83 -7.39 4.41
C GLY A 18 1.67 -6.13 4.52
N HIS A 19 2.93 -6.21 4.07
CA HIS A 19 3.88 -5.08 4.15
C HIS A 19 3.69 -4.15 2.95
N LEU A 20 3.31 -4.74 1.80
CA LEU A 20 3.04 -4.02 0.56
C LEU A 20 1.89 -3.01 0.78
N GLU A 21 0.77 -3.54 1.31
CA GLU A 21 -0.41 -2.77 1.69
C GLU A 21 -0.05 -1.70 2.75
N GLN A 22 0.70 -2.15 3.80
CA GLN A 22 1.01 -1.31 4.98
C GLN A 22 1.81 -0.07 4.53
N ARG A 23 2.75 -0.29 3.60
CA ARG A 23 3.63 0.77 3.08
C ARG A 23 2.85 1.83 2.31
N ILE A 24 1.98 1.38 1.38
CA ILE A 24 1.19 2.29 0.53
C ILE A 24 0.32 3.21 1.40
N LEU A 25 -0.41 2.59 2.36
CA LEU A 25 -1.35 3.31 3.24
C LEU A 25 -0.63 4.34 4.11
N GLN A 26 0.59 3.97 4.58
CA GLN A 26 1.37 4.83 5.49
C GLN A 26 1.93 6.05 4.74
N VAL A 27 2.40 5.84 3.50
CA VAL A 27 2.90 6.93 2.63
C VAL A 27 1.75 7.92 2.29
N LEU A 28 0.55 7.37 2.09
CA LEU A 28 -0.65 8.19 1.82
C LEU A 28 -1.11 8.96 3.08
N THR A 29 -0.82 8.38 4.27
CA THR A 29 -1.13 9.00 5.58
C THR A 29 -0.18 10.17 5.88
N GLU A 30 1.14 9.93 5.73
CA GLU A 30 2.19 10.92 6.06
C GLU A 30 2.10 12.11 5.12
N ALA A 31 1.70 11.84 3.88
CA ALA A 31 1.36 12.86 2.90
C ALA A 31 0.17 13.70 3.37
N GLY A 32 -0.89 12.99 3.82
CA GLY A 32 -2.20 13.61 4.09
C GLY A 32 -2.79 14.20 2.83
N SER A 33 -2.42 13.60 1.69
CA SER A 33 -2.63 14.16 0.36
C SER A 33 -2.52 13.03 -0.69
N PRO A 34 -3.23 13.15 -1.85
CA PRO A 34 -3.09 12.21 -2.99
C PRO A 34 -1.63 12.12 -3.48
N VAL A 35 -1.10 10.89 -3.50
CA VAL A 35 0.27 10.58 -3.94
C VAL A 35 0.19 9.73 -5.22
N LYS A 36 1.04 10.05 -6.20
CA LYS A 36 1.12 9.33 -7.47
C LYS A 36 1.83 7.98 -7.24
N LEU A 37 1.43 6.98 -8.04
CA LEU A 37 1.98 5.62 -7.99
C LEU A 37 3.51 5.65 -8.13
N ALA A 38 4.01 6.48 -9.08
CA ALA A 38 5.43 6.81 -9.24
C ALA A 38 6.16 7.08 -7.89
N GLN A 39 5.59 7.96 -7.06
CA GLN A 39 6.18 8.33 -5.76
C GLN A 39 5.99 7.20 -4.73
N LEU A 40 4.89 6.43 -4.87
CA LEU A 40 4.61 5.25 -4.01
C LEU A 40 5.73 4.20 -4.21
N VAL A 41 6.27 4.09 -5.44
CA VAL A 41 7.36 3.14 -5.78
C VAL A 41 8.61 3.37 -4.92
N LYS A 42 9.12 4.62 -4.96
CA LYS A 42 10.38 4.97 -4.30
C LYS A 42 10.24 4.91 -2.78
N GLU A 43 9.10 5.43 -2.25
CA GLU A 43 8.83 5.48 -0.80
C GLU A 43 8.65 4.08 -0.19
N CYS A 44 7.81 3.27 -0.85
CA CYS A 44 7.47 1.91 -0.36
C CYS A 44 8.60 0.91 -0.67
N GLN A 45 9.56 1.32 -1.55
CA GLN A 45 10.74 0.52 -1.93
C GLN A 45 10.29 -0.84 -2.53
N ALA A 46 9.22 -0.77 -3.35
CA ALA A 46 8.53 -1.94 -3.89
C ALA A 46 8.16 -1.71 -5.38
N PRO A 47 8.01 -2.82 -6.20
CA PRO A 47 7.69 -2.71 -7.64
C PRO A 47 6.34 -2.02 -7.90
N LYS A 48 6.35 -1.01 -8.79
CA LYS A 48 5.16 -0.33 -9.33
C LYS A 48 3.98 -1.27 -9.66
N ARG A 49 4.28 -2.36 -10.39
CA ARG A 49 3.29 -3.38 -10.78
C ARG A 49 2.63 -4.01 -9.55
N GLU A 50 3.47 -4.37 -8.56
CA GLU A 50 3.03 -5.05 -7.34
C GLU A 50 2.10 -4.12 -6.53
N LEU A 51 2.55 -2.86 -6.38
CA LEU A 51 1.81 -1.78 -5.71
C LEU A 51 0.43 -1.60 -6.33
N ASN A 52 0.40 -1.47 -7.68
CA ASN A 52 -0.80 -1.16 -8.46
C ASN A 52 -1.88 -2.25 -8.33
N GLN A 53 -1.48 -3.54 -8.41
CA GLN A 53 -2.43 -4.66 -8.26
C GLN A 53 -3.09 -4.65 -6.86
N VAL A 54 -2.27 -4.43 -5.82
CA VAL A 54 -2.74 -4.38 -4.42
C VAL A 54 -3.65 -3.15 -4.19
N LEU A 55 -3.28 -2.02 -4.84
CA LEU A 55 -4.04 -0.75 -4.84
C LEU A 55 -5.50 -0.94 -5.24
N TYR A 56 -5.79 -1.79 -6.25
CA TYR A 56 -7.17 -2.05 -6.69
C TYR A 56 -7.99 -2.80 -5.63
N ARG A 57 -7.33 -3.73 -4.88
CA ARG A 57 -8.01 -4.49 -3.81
C ARG A 57 -8.38 -3.52 -2.68
N MET A 58 -7.38 -2.74 -2.25
CA MET A 58 -7.53 -1.74 -1.18
C MET A 58 -8.54 -0.64 -1.58
N LYS A 59 -8.68 -0.38 -2.89
CA LYS A 59 -9.61 0.63 -3.42
C LYS A 59 -11.05 0.11 -3.28
N LYS A 60 -11.23 -1.20 -3.53
CA LYS A 60 -12.50 -1.90 -3.30
C LYS A 60 -12.87 -1.89 -1.79
N GLU A 61 -11.84 -2.07 -0.93
CA GLU A 61 -11.99 -2.06 0.54
C GLU A 61 -12.05 -0.63 1.09
N LEU A 62 -11.90 0.37 0.19
CA LEU A 62 -11.95 1.82 0.50
C LEU A 62 -10.75 2.30 1.34
N LYS A 63 -9.73 1.43 1.51
CA LYS A 63 -8.47 1.75 2.18
C LYS A 63 -7.70 2.84 1.40
N VAL A 64 -7.86 2.82 0.06
CA VAL A 64 -7.34 3.87 -0.85
C VAL A 64 -8.48 4.31 -1.79
N SER A 65 -8.26 5.45 -2.47
CA SER A 65 -9.21 6.01 -3.43
C SER A 65 -8.44 6.63 -4.59
N LEU A 66 -8.99 6.55 -5.81
CA LEU A 66 -8.29 6.97 -7.04
C LEU A 66 -8.71 8.41 -7.40
N THR A 67 -7.82 9.38 -7.14
CA THR A 67 -8.11 10.81 -7.30
C THR A 67 -7.89 11.29 -8.76
N SER A 68 -6.76 10.88 -9.36
CA SER A 68 -6.38 11.21 -10.75
C SER A 68 -5.93 9.89 -11.43
N PRO A 69 -5.73 9.84 -12.81
CA PRO A 69 -5.26 8.64 -13.56
C PRO A 69 -4.37 7.66 -12.75
N ALA A 70 -3.07 7.97 -12.57
CA ALA A 70 -2.15 7.11 -11.78
C ALA A 70 -1.93 7.67 -10.35
N THR A 71 -2.84 8.54 -9.88
CA THR A 71 -2.74 9.14 -8.53
C THR A 71 -3.80 8.54 -7.60
N TRP A 72 -3.33 8.03 -6.47
CA TRP A 72 -4.16 7.40 -5.45
C TRP A 72 -4.07 8.24 -4.16
N CYS A 73 -4.92 7.97 -3.19
CA CYS A 73 -4.89 8.67 -1.90
C CYS A 73 -5.38 7.74 -0.80
N LEU A 74 -5.11 8.12 0.46
CA LEU A 74 -5.59 7.38 1.64
C LEU A 74 -7.12 7.46 1.71
N GLY A 75 -7.76 6.37 2.15
CA GLY A 75 -9.23 6.32 2.31
C GLY A 75 -9.74 7.20 3.43
N GLY A 76 -8.83 7.59 4.35
CA GLY A 76 -9.13 8.51 5.43
C GLY A 76 -9.16 9.97 5.02
N THR A 77 -8.71 10.27 3.79
CA THR A 77 -8.70 11.63 3.26
C THR A 77 -10.10 12.01 2.76
N ASP A 78 -10.95 12.45 3.70
CA ASP A 78 -12.34 12.89 3.41
C ASP A 78 -12.39 14.40 3.12
N PRO A 79 -13.06 14.83 2.00
CA PRO A 79 -13.31 16.26 1.75
C PRO A 79 -14.48 16.78 2.62
N GLU A 80 -14.18 17.76 3.50
CA GLU A 80 -15.21 18.42 4.33
C GLU A 80 -16.06 19.34 3.43
N MET A 1 17.23 -6.95 -10.20
CA MET A 1 16.83 -8.03 -9.27
C MET A 1 18.07 -8.49 -8.49
N GLY A 2 18.22 -7.95 -7.26
CA GLY A 2 19.39 -8.19 -6.42
C GLY A 2 20.64 -7.50 -6.96
N HIS A 3 21.47 -8.26 -7.69
CA HIS A 3 22.61 -7.70 -8.45
C HIS A 3 22.20 -7.52 -9.92
N HIS A 4 21.49 -8.53 -10.47
CA HIS A 4 21.06 -8.56 -11.90
C HIS A 4 19.69 -9.27 -12.05
N HIS A 5 19.69 -10.62 -11.91
CA HIS A 5 18.49 -11.47 -12.18
C HIS A 5 17.96 -12.18 -10.90
N HIS A 6 18.83 -12.33 -9.87
CA HIS A 6 18.52 -13.09 -8.63
C HIS A 6 17.49 -12.32 -7.76
N HIS A 7 16.21 -12.73 -7.87
CA HIS A 7 15.05 -12.07 -7.22
C HIS A 7 14.45 -12.93 -6.08
N HIS A 8 13.31 -12.45 -5.52
CA HIS A 8 12.49 -13.19 -4.52
C HIS A 8 11.99 -14.52 -5.13
N SER A 9 12.58 -15.65 -4.70
CA SER A 9 12.27 -16.98 -5.26
C SER A 9 11.95 -17.98 -4.13
N HIS A 10 10.66 -18.04 -3.75
CA HIS A 10 10.16 -18.94 -2.68
C HIS A 10 8.81 -19.57 -3.11
N MET A 11 8.69 -19.82 -4.44
CA MET A 11 7.43 -20.28 -5.09
C MET A 11 6.32 -19.24 -4.86
N ALA A 12 6.27 -18.23 -5.77
CA ALA A 12 5.55 -16.95 -5.56
C ALA A 12 6.23 -16.17 -4.40
N ASP A 13 5.50 -15.22 -3.78
CA ASP A 13 6.00 -14.46 -2.62
C ASP A 13 4.82 -14.07 -1.71
N PRO A 14 4.62 -14.78 -0.55
CA PRO A 14 3.73 -14.33 0.54
C PRO A 14 4.52 -13.72 1.74
N GLY A 15 4.39 -12.40 1.97
CA GLY A 15 5.11 -11.73 3.06
C GLY A 15 5.20 -10.23 2.81
N ARG A 16 5.56 -9.88 1.57
CA ARG A 16 5.68 -8.48 1.12
C ARG A 16 4.31 -7.77 0.97
N GLU A 17 3.26 -8.51 0.56
CA GLU A 17 2.02 -7.92 -0.03
C GLU A 17 1.20 -7.08 0.97
N GLY A 18 0.82 -7.67 2.12
CA GLY A 18 0.09 -6.96 3.17
C GLY A 18 0.93 -5.87 3.85
N HIS A 19 2.26 -6.07 3.85
CA HIS A 19 3.23 -5.10 4.40
C HIS A 19 3.35 -3.90 3.45
N LEU A 20 3.24 -4.21 2.15
CA LEU A 20 3.24 -3.26 1.02
C LEU A 20 1.96 -2.40 1.11
N GLU A 21 0.85 -3.06 1.46
CA GLU A 21 -0.46 -2.41 1.65
C GLU A 21 -0.42 -1.47 2.87
N GLN A 22 0.30 -1.89 3.94
CA GLN A 22 0.57 -1.07 5.15
C GLN A 22 1.40 0.18 4.78
N ARG A 23 2.38 0.01 3.87
CA ARG A 23 3.27 1.08 3.43
C ARG A 23 2.53 2.11 2.58
N ILE A 24 1.66 1.64 1.66
CA ILE A 24 0.84 2.53 0.81
C ILE A 24 -0.04 3.43 1.71
N LEU A 25 -0.79 2.79 2.65
CA LEU A 25 -1.70 3.51 3.58
C LEU A 25 -0.94 4.54 4.42
N GLN A 26 0.28 4.17 4.88
CA GLN A 26 1.11 5.02 5.75
C GLN A 26 1.60 6.27 5.00
N VAL A 27 2.15 6.05 3.78
CA VAL A 27 2.68 7.11 2.90
C VAL A 27 1.58 8.14 2.53
N LEU A 28 0.36 7.63 2.29
CA LEU A 28 -0.83 8.44 2.00
C LEU A 28 -1.27 9.26 3.24
N THR A 29 -1.19 8.62 4.43
CA THR A 29 -1.58 9.23 5.72
C THR A 29 -0.62 10.36 6.13
N GLU A 30 0.71 10.10 6.07
CA GLU A 30 1.73 11.04 6.56
C GLU A 30 1.85 12.26 5.63
N ALA A 31 1.76 12.02 4.30
CA ALA A 31 1.70 13.10 3.29
C ALA A 31 0.46 13.97 3.49
N GLY A 32 -0.65 13.33 3.93
CA GLY A 32 -1.93 14.02 4.15
C GLY A 32 -2.52 14.57 2.86
N SER A 33 -2.27 13.84 1.75
CA SER A 33 -2.58 14.28 0.39
C SER A 33 -2.38 13.09 -0.59
N PRO A 34 -3.06 13.08 -1.78
CA PRO A 34 -2.89 12.01 -2.80
C PRO A 34 -1.45 11.90 -3.33
N VAL A 35 -0.80 10.74 -3.11
CA VAL A 35 0.58 10.47 -3.55
C VAL A 35 0.55 9.71 -4.89
N LYS A 36 1.40 10.13 -5.83
CA LYS A 36 1.53 9.51 -7.15
C LYS A 36 2.08 8.09 -7.01
N LEU A 37 1.59 7.17 -7.86
CA LEU A 37 2.03 5.75 -7.88
C LEU A 37 3.53 5.65 -8.19
N ALA A 38 4.00 6.46 -9.16
CA ALA A 38 5.43 6.70 -9.43
C ALA A 38 6.26 6.95 -8.15
N GLN A 39 5.72 7.75 -7.20
CA GLN A 39 6.42 8.06 -5.93
C GLN A 39 6.19 6.93 -4.92
N LEU A 40 5.04 6.22 -5.01
CA LEU A 40 4.75 5.06 -4.14
C LEU A 40 5.83 3.96 -4.33
N VAL A 41 6.32 3.84 -5.60
CA VAL A 41 7.44 2.92 -5.99
C VAL A 41 8.67 3.11 -5.08
N LYS A 42 9.18 4.36 -5.01
CA LYS A 42 10.43 4.66 -4.31
C LYS A 42 10.24 4.57 -2.78
N GLU A 43 9.05 5.00 -2.27
CA GLU A 43 8.73 4.96 -0.84
C GLU A 43 8.74 3.52 -0.30
N CYS A 44 7.98 2.64 -0.95
CA CYS A 44 7.81 1.24 -0.51
C CYS A 44 8.97 0.35 -1.02
N GLN A 45 9.80 0.92 -1.94
CA GLN A 45 10.96 0.23 -2.57
C GLN A 45 10.51 -0.98 -3.43
N ALA A 46 9.21 -1.01 -3.78
CA ALA A 46 8.57 -2.13 -4.51
C ALA A 46 8.25 -1.72 -5.96
N PRO A 47 8.21 -2.69 -6.93
CA PRO A 47 7.82 -2.41 -8.33
C PRO A 47 6.36 -1.92 -8.42
N LYS A 48 6.15 -0.93 -9.30
CA LYS A 48 4.81 -0.42 -9.66
C LYS A 48 3.80 -1.55 -9.96
N ARG A 49 4.28 -2.66 -10.55
CA ARG A 49 3.44 -3.83 -10.85
C ARG A 49 2.86 -4.47 -9.55
N GLU A 50 3.72 -4.67 -8.52
CA GLU A 50 3.30 -5.24 -7.20
C GLU A 50 2.28 -4.31 -6.51
N LEU A 51 2.63 -3.00 -6.50
CA LEU A 51 1.78 -1.91 -5.97
C LEU A 51 0.40 -1.94 -6.62
N ASN A 52 0.39 -1.88 -7.96
CA ASN A 52 -0.82 -1.84 -8.83
C ASN A 52 -1.83 -2.95 -8.45
N GLN A 53 -1.33 -4.21 -8.40
CA GLN A 53 -2.14 -5.39 -8.01
C GLN A 53 -2.83 -5.19 -6.65
N VAL A 54 -2.07 -4.71 -5.65
CA VAL A 54 -2.58 -4.49 -4.29
C VAL A 54 -3.59 -3.30 -4.26
N LEU A 55 -3.26 -2.19 -4.94
CA LEU A 55 -4.06 -0.94 -4.99
C LEU A 55 -5.53 -1.14 -5.40
N TYR A 56 -5.79 -1.97 -6.44
CA TYR A 56 -7.18 -2.25 -6.89
C TYR A 56 -7.98 -2.97 -5.78
N ARG A 57 -7.29 -3.78 -4.97
CA ARG A 57 -7.89 -4.49 -3.83
C ARG A 57 -8.23 -3.49 -2.73
N MET A 58 -7.25 -2.64 -2.37
CA MET A 58 -7.37 -1.64 -1.27
C MET A 58 -8.55 -0.68 -1.51
N LYS A 59 -8.79 -0.34 -2.79
CA LYS A 59 -9.92 0.51 -3.21
C LYS A 59 -11.25 -0.15 -2.80
N LYS A 60 -11.35 -1.47 -3.05
CA LYS A 60 -12.54 -2.29 -2.74
C LYS A 60 -12.68 -2.58 -1.22
N GLU A 61 -11.53 -2.54 -0.51
CA GLU A 61 -11.50 -2.61 0.97
C GLU A 61 -11.88 -1.23 1.57
N LEU A 62 -12.05 -0.22 0.65
CA LEU A 62 -12.43 1.19 0.98
C LEU A 62 -11.30 1.92 1.74
N LYS A 63 -10.09 1.37 1.62
CA LYS A 63 -8.87 1.88 2.25
C LYS A 63 -8.26 3.04 1.44
N VAL A 64 -8.40 3.00 0.10
CA VAL A 64 -7.86 4.06 -0.80
C VAL A 64 -8.90 4.51 -1.83
N SER A 65 -8.65 5.68 -2.42
CA SER A 65 -9.43 6.26 -3.51
C SER A 65 -8.47 6.74 -4.61
N LEU A 66 -8.87 6.64 -5.89
CA LEU A 66 -8.03 7.07 -7.03
C LEU A 66 -8.47 8.50 -7.41
N THR A 67 -7.61 9.49 -7.13
CA THR A 67 -7.93 10.91 -7.35
C THR A 67 -7.63 11.34 -8.80
N SER A 68 -6.46 10.91 -9.32
CA SER A 68 -5.97 11.28 -10.66
C SER A 68 -5.45 9.99 -11.35
N PRO A 69 -5.32 9.93 -12.74
CA PRO A 69 -4.94 8.69 -13.51
C PRO A 69 -4.02 7.67 -12.78
N ALA A 70 -2.77 8.07 -12.49
CA ALA A 70 -1.80 7.24 -11.73
C ALA A 70 -1.42 7.91 -10.39
N THR A 71 -2.41 8.50 -9.72
CA THR A 71 -2.24 9.13 -8.40
C THR A 71 -3.34 8.64 -7.43
N TRP A 72 -2.91 8.05 -6.31
CA TRP A 72 -3.78 7.38 -5.34
C TRP A 72 -3.76 8.17 -4.03
N CYS A 73 -4.86 8.11 -3.27
CA CYS A 73 -4.99 8.76 -1.96
C CYS A 73 -5.56 7.78 -0.96
N LEU A 74 -5.55 8.15 0.32
CA LEU A 74 -6.24 7.40 1.38
C LEU A 74 -7.77 7.51 1.17
N GLY A 75 -8.55 6.58 1.77
CA GLY A 75 -10.02 6.58 1.65
C GLY A 75 -10.65 7.88 2.13
N GLY A 76 -10.01 8.50 3.14
CA GLY A 76 -10.39 9.82 3.63
C GLY A 76 -10.17 9.96 5.13
N THR A 77 -10.66 11.08 5.70
CA THR A 77 -10.70 11.28 7.16
C THR A 77 -11.69 10.27 7.78
N ASP A 78 -11.12 9.19 8.39
CA ASP A 78 -11.87 7.96 8.78
C ASP A 78 -12.52 7.33 7.51
N PRO A 79 -11.76 6.45 6.75
CA PRO A 79 -12.23 5.90 5.45
C PRO A 79 -13.54 5.09 5.57
N GLU A 80 -14.64 5.72 5.08
CA GLU A 80 -15.99 5.12 4.98
C GLU A 80 -16.56 4.73 6.37
N MET A 1 19.29 -17.72 33.31
CA MET A 1 18.16 -17.06 32.63
C MET A 1 17.94 -17.70 31.24
N GLY A 2 16.88 -18.53 31.14
CA GLY A 2 16.56 -19.28 29.91
C GLY A 2 15.21 -20.01 30.02
N HIS A 3 14.32 -19.47 30.87
CA HIS A 3 12.95 -20.00 31.08
C HIS A 3 11.93 -18.83 30.99
N HIS A 4 11.92 -18.19 29.81
CA HIS A 4 10.91 -17.17 29.46
C HIS A 4 10.90 -17.02 27.92
N HIS A 5 9.90 -17.66 27.28
CA HIS A 5 9.74 -17.63 25.81
C HIS A 5 9.51 -16.19 25.33
N HIS A 6 10.60 -15.54 24.89
CA HIS A 6 10.59 -14.15 24.40
C HIS A 6 10.94 -14.11 22.91
N HIS A 7 11.60 -15.18 22.42
CA HIS A 7 11.87 -15.35 20.99
C HIS A 7 10.55 -15.79 20.30
N HIS A 8 10.04 -16.99 20.63
CA HIS A 8 8.73 -17.44 20.14
C HIS A 8 7.64 -17.10 21.19
N SER A 9 6.96 -15.97 20.94
CA SER A 9 5.88 -15.46 21.81
C SER A 9 5.07 -14.37 21.07
N HIS A 10 5.33 -14.20 19.77
CA HIS A 10 4.75 -13.14 18.93
C HIS A 10 4.14 -13.78 17.67
N MET A 11 3.63 -12.94 16.76
CA MET A 11 3.10 -13.40 15.46
C MET A 11 4.26 -13.81 14.53
N ALA A 12 3.96 -14.78 13.63
CA ALA A 12 4.89 -15.21 12.56
C ALA A 12 4.96 -14.16 11.45
N ASP A 13 5.57 -14.52 10.28
CA ASP A 13 5.58 -13.66 9.08
C ASP A 13 4.14 -13.14 8.80
N PRO A 14 3.90 -11.79 8.91
CA PRO A 14 2.52 -11.24 8.99
C PRO A 14 1.72 -11.42 7.69
N GLY A 15 2.44 -11.61 6.57
CA GLY A 15 1.86 -11.65 5.23
C GLY A 15 2.43 -10.49 4.43
N ARG A 16 3.34 -10.79 3.49
CA ARG A 16 4.15 -9.76 2.80
C ARG A 16 3.28 -8.89 1.88
N GLU A 17 2.19 -9.48 1.34
CA GLU A 17 1.16 -8.74 0.59
C GLU A 17 0.55 -7.64 1.48
N GLY A 18 0.16 -8.05 2.70
CA GLY A 18 -0.42 -7.18 3.70
C GLY A 18 0.57 -6.17 4.27
N HIS A 19 1.85 -6.54 4.31
CA HIS A 19 2.92 -5.67 4.85
C HIS A 19 3.24 -4.55 3.84
N LEU A 20 3.24 -4.94 2.56
CA LEU A 20 3.38 -4.02 1.40
C LEU A 20 2.17 -3.07 1.32
N GLU A 21 0.98 -3.63 1.58
CA GLU A 21 -0.30 -2.91 1.65
C GLU A 21 -0.27 -1.81 2.72
N GLN A 22 0.18 -2.21 3.93
CA GLN A 22 0.28 -1.31 5.09
C GLN A 22 1.34 -0.21 4.86
N ARG A 23 2.39 -0.54 4.08
CA ARG A 23 3.41 0.44 3.67
C ARG A 23 2.78 1.53 2.79
N ILE A 24 1.97 1.12 1.79
CA ILE A 24 1.29 2.05 0.86
C ILE A 24 0.37 3.00 1.66
N LEU A 25 -0.43 2.43 2.58
CA LEU A 25 -1.40 3.18 3.40
C LEU A 25 -0.67 4.21 4.30
N GLN A 26 0.53 3.83 4.78
CA GLN A 26 1.38 4.69 5.63
C GLN A 26 1.96 5.86 4.81
N VAL A 27 2.47 5.55 3.59
CA VAL A 27 2.97 6.57 2.62
C VAL A 27 1.89 7.63 2.34
N LEU A 28 0.65 7.16 2.14
CA LEU A 28 -0.51 8.00 1.87
C LEU A 28 -0.85 8.87 3.12
N THR A 29 -0.69 8.28 4.32
CA THR A 29 -0.92 8.95 5.61
C THR A 29 0.08 10.11 5.83
N GLU A 30 1.39 9.83 5.65
CA GLU A 30 2.47 10.79 5.96
C GLU A 30 2.38 12.04 5.06
N ALA A 31 2.20 11.79 3.76
CA ALA A 31 2.05 12.85 2.75
C ALA A 31 0.76 13.66 3.01
N GLY A 32 -0.31 12.95 3.42
CA GLY A 32 -1.60 13.57 3.72
C GLY A 32 -2.42 13.84 2.47
N SER A 33 -1.83 14.59 1.52
CA SER A 33 -2.39 14.84 0.20
C SER A 33 -2.31 13.57 -0.69
N PRO A 34 -3.10 13.49 -1.81
CA PRO A 34 -2.97 12.40 -2.82
C PRO A 34 -1.53 12.18 -3.31
N VAL A 35 -1.15 10.91 -3.54
CA VAL A 35 0.22 10.53 -3.96
C VAL A 35 0.14 9.77 -5.29
N LYS A 36 0.99 10.16 -6.25
CA LYS A 36 1.09 9.48 -7.55
C LYS A 36 1.71 8.09 -7.36
N LEU A 37 1.30 7.16 -8.23
CA LEU A 37 1.75 5.76 -8.23
C LEU A 37 3.27 5.68 -8.46
N ALA A 38 3.75 6.46 -9.44
CA ALA A 38 5.19 6.72 -9.67
C ALA A 38 5.96 7.13 -8.38
N GLN A 39 5.32 7.93 -7.50
CA GLN A 39 5.94 8.36 -6.22
C GLN A 39 5.77 7.26 -5.14
N LEU A 40 4.71 6.45 -5.23
CA LEU A 40 4.50 5.30 -4.35
C LEU A 40 5.67 4.30 -4.50
N VAL A 41 6.24 4.21 -5.73
CA VAL A 41 7.42 3.35 -6.05
C VAL A 41 8.61 3.68 -5.14
N LYS A 42 9.05 4.95 -5.15
CA LYS A 42 10.23 5.41 -4.39
C LYS A 42 9.99 5.25 -2.87
N GLU A 43 8.82 5.70 -2.39
CA GLU A 43 8.46 5.66 -0.96
C GLU A 43 8.40 4.23 -0.40
N CYS A 44 7.71 3.33 -1.12
CA CYS A 44 7.51 1.95 -0.68
C CYS A 44 8.72 1.05 -1.02
N GLN A 45 9.65 1.57 -1.87
CA GLN A 45 10.87 0.84 -2.31
C GLN A 45 10.51 -0.50 -3.00
N ALA A 46 9.35 -0.51 -3.65
CA ALA A 46 8.76 -1.71 -4.28
C ALA A 46 8.48 -1.42 -5.76
N PRO A 47 8.44 -2.47 -6.65
CA PRO A 47 8.08 -2.28 -8.07
C PRO A 47 6.64 -1.74 -8.21
N LYS A 48 6.48 -0.69 -9.03
CA LYS A 48 5.18 -0.08 -9.41
C LYS A 48 4.06 -1.13 -9.64
N ARG A 49 4.41 -2.21 -10.37
CA ARG A 49 3.48 -3.31 -10.70
C ARG A 49 2.87 -3.97 -9.44
N GLU A 50 3.73 -4.20 -8.42
CA GLU A 50 3.33 -4.81 -7.14
C GLU A 50 2.34 -3.90 -6.40
N LEU A 51 2.73 -2.61 -6.28
CA LEU A 51 1.94 -1.57 -5.59
C LEU A 51 0.56 -1.39 -6.23
N ASN A 52 0.59 -1.15 -7.55
CA ASN A 52 -0.58 -0.88 -8.42
C ASN A 52 -1.67 -1.94 -8.26
N GLN A 53 -1.28 -3.21 -8.36
CA GLN A 53 -2.20 -4.35 -8.23
C GLN A 53 -2.85 -4.39 -6.82
N VAL A 54 -2.03 -4.19 -5.76
CA VAL A 54 -2.52 -4.19 -4.37
C VAL A 54 -3.49 -3.00 -4.15
N LEU A 55 -3.19 -1.85 -4.80
CA LEU A 55 -4.04 -0.64 -4.78
C LEU A 55 -5.47 -0.90 -5.25
N TYR A 56 -5.67 -1.77 -6.27
CA TYR A 56 -7.03 -2.09 -6.76
C TYR A 56 -7.80 -2.94 -5.73
N ARG A 57 -7.08 -3.79 -4.99
CA ARG A 57 -7.67 -4.64 -3.95
C ARG A 57 -8.10 -3.78 -2.75
N MET A 58 -7.17 -2.90 -2.30
CA MET A 58 -7.41 -1.95 -1.20
C MET A 58 -8.49 -0.93 -1.55
N LYS A 59 -8.64 -0.61 -2.85
CA LYS A 59 -9.71 0.28 -3.34
C LYS A 59 -11.10 -0.35 -3.08
N LYS A 60 -11.21 -1.67 -3.31
CA LYS A 60 -12.43 -2.45 -3.03
C LYS A 60 -12.67 -2.61 -1.50
N GLU A 61 -11.57 -2.54 -0.72
CA GLU A 61 -11.63 -2.51 0.77
C GLU A 61 -11.84 -1.07 1.30
N LEU A 62 -11.88 -0.08 0.37
CA LEU A 62 -12.11 1.36 0.66
C LEU A 62 -10.94 1.99 1.47
N LYS A 63 -9.78 1.30 1.47
CA LYS A 63 -8.54 1.79 2.10
C LYS A 63 -7.91 2.92 1.29
N VAL A 64 -7.98 2.78 -0.05
CA VAL A 64 -7.43 3.77 -1.01
C VAL A 64 -8.52 4.18 -2.02
N SER A 65 -8.27 5.29 -2.72
CA SER A 65 -9.15 5.79 -3.79
C SER A 65 -8.28 6.43 -4.89
N LEU A 66 -8.77 6.41 -6.12
CA LEU A 66 -8.05 6.95 -7.29
C LEU A 66 -8.56 8.39 -7.53
N THR A 67 -7.78 9.38 -7.09
CA THR A 67 -8.18 10.81 -7.11
C THR A 67 -7.89 11.46 -8.49
N SER A 68 -6.73 11.14 -9.07
CA SER A 68 -6.31 11.63 -10.40
C SER A 68 -5.72 10.46 -11.22
N PRO A 69 -5.50 10.62 -12.59
CA PRO A 69 -4.84 9.59 -13.43
C PRO A 69 -3.51 9.07 -12.83
N ALA A 70 -3.55 7.79 -12.38
CA ALA A 70 -2.41 7.10 -11.73
C ALA A 70 -2.00 7.78 -10.41
N THR A 71 -2.99 8.34 -9.71
CA THR A 71 -2.78 9.02 -8.42
C THR A 71 -3.78 8.46 -7.42
N TRP A 72 -3.26 7.93 -6.32
CA TRP A 72 -4.03 7.22 -5.29
C TRP A 72 -3.86 7.98 -3.97
N CYS A 73 -4.92 8.06 -3.19
CA CYS A 73 -4.92 8.76 -1.90
C CYS A 73 -5.52 7.83 -0.84
N LEU A 74 -5.32 8.20 0.43
CA LEU A 74 -5.82 7.39 1.56
C LEU A 74 -7.34 7.58 1.67
N GLY A 75 -8.08 6.58 1.18
CA GLY A 75 -9.54 6.61 1.18
C GLY A 75 -10.11 6.40 2.57
N GLY A 76 -9.45 5.51 3.33
CA GLY A 76 -9.80 5.23 4.70
C GLY A 76 -9.09 4.01 5.23
N THR A 77 -7.99 4.22 5.97
CA THR A 77 -7.23 3.13 6.60
C THR A 77 -8.02 2.59 7.83
N ASP A 78 -8.86 1.57 7.57
CA ASP A 78 -9.64 0.88 8.61
C ASP A 78 -8.70 0.01 9.49
N PRO A 79 -9.16 -0.48 10.71
CA PRO A 79 -8.37 -1.40 11.58
C PRO A 79 -7.54 -2.44 10.80
N GLU A 80 -6.21 -2.24 10.79
CA GLU A 80 -5.28 -3.05 10.01
C GLU A 80 -4.03 -3.39 10.84
N MET A 1 9.00 -6.32 16.95
CA MET A 1 7.63 -6.14 17.49
C MET A 1 6.59 -6.85 16.61
N GLY A 2 6.76 -6.73 15.26
CA GLY A 2 5.80 -7.27 14.28
C GLY A 2 4.59 -6.35 14.10
N HIS A 3 3.82 -6.58 13.02
CA HIS A 3 2.51 -5.91 12.83
C HIS A 3 1.51 -6.49 13.84
N HIS A 4 1.69 -7.80 14.14
CA HIS A 4 1.03 -8.46 15.27
C HIS A 4 1.79 -8.05 16.56
N HIS A 5 1.15 -7.25 17.42
CA HIS A 5 1.78 -6.75 18.67
C HIS A 5 1.88 -7.88 19.69
N HIS A 6 0.79 -8.66 19.80
CA HIS A 6 0.76 -9.91 20.57
C HIS A 6 1.46 -11.01 19.76
N HIS A 7 2.27 -11.84 20.44
CA HIS A 7 3.14 -12.84 19.76
C HIS A 7 2.45 -14.22 19.65
N HIS A 8 1.15 -14.23 19.30
CA HIS A 8 0.41 -15.48 18.97
C HIS A 8 0.90 -16.04 17.61
N SER A 9 1.31 -15.12 16.74
CA SER A 9 1.82 -15.42 15.41
C SER A 9 3.10 -16.28 15.47
N HIS A 10 2.90 -17.61 15.43
CA HIS A 10 4.00 -18.61 15.46
C HIS A 10 4.81 -18.54 14.14
N MET A 11 6.16 -18.41 14.27
CA MET A 11 7.10 -18.18 13.14
C MET A 11 6.51 -17.22 12.09
N ALA A 12 6.29 -15.97 12.53
CA ALA A 12 5.59 -14.93 11.77
C ALA A 12 6.23 -14.70 10.39
N ASP A 13 5.79 -15.50 9.41
CA ASP A 13 6.26 -15.45 8.02
C ASP A 13 5.81 -14.13 7.38
N PRO A 14 6.74 -13.31 6.80
CA PRO A 14 6.37 -12.02 6.14
C PRO A 14 5.34 -12.25 5.04
N GLY A 15 4.46 -11.28 4.79
CA GLY A 15 3.34 -11.46 3.88
C GLY A 15 3.29 -10.26 2.96
N ARG A 16 3.65 -10.47 1.69
CA ARG A 16 3.91 -9.38 0.74
C ARG A 16 2.67 -8.49 0.51
N GLU A 17 1.48 -9.09 0.38
CA GLU A 17 0.23 -8.34 0.08
C GLU A 17 -0.08 -7.33 1.20
N GLY A 18 -0.21 -7.85 2.44
CA GLY A 18 -0.56 -7.05 3.61
C GLY A 18 0.52 -6.04 4.03
N HIS A 19 1.81 -6.46 4.05
CA HIS A 19 2.91 -5.60 4.54
C HIS A 19 3.19 -4.44 3.55
N LEU A 20 3.13 -4.77 2.24
CA LEU A 20 3.25 -3.78 1.16
C LEU A 20 2.06 -2.79 1.21
N GLU A 21 0.86 -3.33 1.48
CA GLU A 21 -0.38 -2.55 1.69
C GLU A 21 -0.22 -1.56 2.86
N GLN A 22 0.31 -2.07 3.98
CA GLN A 22 0.54 -1.27 5.19
C GLN A 22 1.56 -0.15 4.90
N ARG A 23 2.56 -0.45 4.05
CA ARG A 23 3.59 0.53 3.64
C ARG A 23 2.97 1.64 2.77
N ILE A 24 2.07 1.26 1.84
CA ILE A 24 1.35 2.24 0.98
C ILE A 24 0.51 3.19 1.86
N LEU A 25 -0.33 2.62 2.74
CA LEU A 25 -1.24 3.39 3.63
C LEU A 25 -0.43 4.30 4.57
N GLN A 26 0.76 3.83 4.95
CA GLN A 26 1.71 4.57 5.79
C GLN A 26 2.18 5.84 5.06
N VAL A 27 2.65 5.67 3.81
CA VAL A 27 3.13 6.77 2.93
C VAL A 27 1.99 7.80 2.71
N LEU A 28 0.77 7.30 2.50
CA LEU A 28 -0.42 8.12 2.22
C LEU A 28 -0.86 8.92 3.48
N THR A 29 -0.73 8.31 4.68
CA THR A 29 -1.06 8.97 5.95
C THR A 29 -0.06 10.09 6.31
N GLU A 30 1.25 9.80 6.15
CA GLU A 30 2.33 10.72 6.52
C GLU A 30 2.41 11.91 5.56
N ALA A 31 2.08 11.68 4.28
CA ALA A 31 1.88 12.76 3.31
C ALA A 31 0.56 13.48 3.61
N GLY A 32 -0.46 12.69 3.97
CA GLY A 32 -1.83 13.21 4.20
C GLY A 32 -2.43 13.86 2.96
N SER A 33 -1.96 13.40 1.79
CA SER A 33 -2.26 14.00 0.49
C SER A 33 -2.17 12.92 -0.60
N PRO A 34 -2.95 13.04 -1.72
CA PRO A 34 -2.83 12.13 -2.88
C PRO A 34 -1.38 11.99 -3.41
N VAL A 35 -0.90 10.73 -3.49
CA VAL A 35 0.47 10.40 -3.95
C VAL A 35 0.36 9.58 -5.25
N LYS A 36 1.15 9.95 -6.26
CA LYS A 36 1.20 9.25 -7.56
C LYS A 36 1.73 7.82 -7.40
N LEU A 37 1.30 6.90 -8.30
CA LEU A 37 1.80 5.50 -8.30
C LEU A 37 3.30 5.49 -8.58
N ALA A 38 3.72 6.20 -9.65
CA ALA A 38 5.14 6.46 -9.96
C ALA A 38 5.95 6.94 -8.73
N GLN A 39 5.32 7.78 -7.88
CA GLN A 39 5.96 8.33 -6.68
C GLN A 39 5.99 7.28 -5.54
N LEU A 40 4.94 6.44 -5.48
CA LEU A 40 4.83 5.34 -4.50
C LEU A 40 5.94 4.31 -4.70
N VAL A 41 6.42 4.16 -5.96
CA VAL A 41 7.53 3.23 -6.31
C VAL A 41 8.80 3.53 -5.49
N LYS A 42 9.21 4.81 -5.47
CA LYS A 42 10.41 5.24 -4.73
C LYS A 42 10.15 5.33 -3.21
N GLU A 43 8.99 5.91 -2.79
CA GLU A 43 8.64 6.05 -1.35
C GLU A 43 8.56 4.70 -0.64
N CYS A 44 7.72 3.80 -1.16
CA CYS A 44 7.50 2.47 -0.55
C CYS A 44 8.72 1.54 -0.78
N GLN A 45 9.70 2.00 -1.62
CA GLN A 45 10.91 1.22 -2.00
C GLN A 45 10.54 -0.07 -2.74
N ALA A 46 9.34 -0.06 -3.32
CA ALA A 46 8.65 -1.27 -3.78
C ALA A 46 8.30 -1.16 -5.27
N PRO A 47 8.28 -2.31 -6.01
CA PRO A 47 8.00 -2.32 -7.45
C PRO A 47 6.54 -1.90 -7.76
N LYS A 48 6.42 -0.99 -8.74
CA LYS A 48 5.15 -0.51 -9.32
C LYS A 48 4.13 -1.65 -9.57
N ARG A 49 4.64 -2.83 -9.95
CA ARG A 49 3.84 -4.06 -10.15
C ARG A 49 3.00 -4.43 -8.90
N GLU A 50 3.72 -4.59 -7.78
CA GLU A 50 3.13 -5.01 -6.49
C GLU A 50 2.19 -3.93 -5.95
N LEU A 51 2.65 -2.66 -6.00
CA LEU A 51 1.87 -1.50 -5.59
C LEU A 51 0.52 -1.43 -6.33
N ASN A 52 0.61 -1.36 -7.68
CA ASN A 52 -0.55 -1.29 -8.60
C ASN A 52 -1.61 -2.35 -8.29
N GLN A 53 -1.17 -3.63 -8.29
CA GLN A 53 -2.05 -4.79 -8.07
C GLN A 53 -2.80 -4.72 -6.71
N VAL A 54 -2.03 -4.50 -5.62
CA VAL A 54 -2.59 -4.45 -4.25
C VAL A 54 -3.51 -3.21 -4.09
N LEU A 55 -3.11 -2.08 -4.70
CA LEU A 55 -3.87 -0.81 -4.70
C LEU A 55 -5.32 -0.95 -5.19
N TYR A 56 -5.60 -1.75 -6.25
CA TYR A 56 -6.98 -1.94 -6.74
C TYR A 56 -7.80 -2.80 -5.78
N ARG A 57 -7.11 -3.64 -4.96
CA ARG A 57 -7.76 -4.41 -3.89
C ARG A 57 -8.13 -3.47 -2.74
N MET A 58 -7.14 -2.64 -2.32
CA MET A 58 -7.29 -1.64 -1.23
C MET A 58 -8.37 -0.62 -1.55
N LYS A 59 -8.44 -0.24 -2.83
CA LYS A 59 -9.45 0.67 -3.38
C LYS A 59 -10.87 0.10 -3.15
N LYS A 60 -10.99 -1.20 -3.46
CA LYS A 60 -12.24 -1.95 -3.32
C LYS A 60 -12.56 -2.23 -1.83
N GLU A 61 -11.52 -2.27 -0.98
CA GLU A 61 -11.66 -2.41 0.48
C GLU A 61 -11.86 -1.03 1.16
N LEU A 62 -11.85 0.05 0.34
CA LEU A 62 -12.02 1.46 0.79
C LEU A 62 -10.81 1.98 1.62
N LYS A 63 -9.70 1.21 1.60
CA LYS A 63 -8.42 1.61 2.25
C LYS A 63 -7.77 2.77 1.49
N VAL A 64 -7.89 2.74 0.15
CA VAL A 64 -7.43 3.84 -0.72
C VAL A 64 -8.55 4.19 -1.71
N SER A 65 -8.32 5.23 -2.50
CA SER A 65 -9.24 5.69 -3.52
C SER A 65 -8.40 6.18 -4.70
N LEU A 66 -8.99 6.24 -5.89
CA LEU A 66 -8.32 6.76 -7.09
C LEU A 66 -8.99 8.11 -7.44
N THR A 67 -8.23 9.20 -7.30
CA THR A 67 -8.73 10.58 -7.48
C THR A 67 -8.35 11.14 -8.87
N SER A 68 -7.19 10.70 -9.37
CA SER A 68 -6.64 11.11 -10.67
C SER A 68 -6.05 9.85 -11.33
N PRO A 69 -6.05 9.72 -12.72
CA PRO A 69 -5.64 8.48 -13.47
C PRO A 69 -4.65 7.52 -12.76
N ALA A 70 -3.36 7.91 -12.66
CA ALA A 70 -2.33 7.12 -11.96
C ALA A 70 -1.86 7.84 -10.67
N THR A 71 -2.81 8.47 -9.96
CA THR A 71 -2.57 9.14 -8.67
C THR A 71 -3.61 8.67 -7.65
N TRP A 72 -3.12 8.13 -6.54
CA TRP A 72 -3.95 7.50 -5.51
C TRP A 72 -4.08 8.43 -4.31
N CYS A 73 -5.10 8.19 -3.50
CA CYS A 73 -5.38 8.98 -2.29
C CYS A 73 -5.79 8.03 -1.18
N LEU A 74 -5.61 8.45 0.05
CA LEU A 74 -5.99 7.67 1.23
C LEU A 74 -7.52 7.72 1.43
N GLY A 75 -8.13 6.55 1.62
CA GLY A 75 -9.58 6.44 1.87
C GLY A 75 -9.89 6.06 3.30
N GLY A 76 -9.31 4.95 3.74
CA GLY A 76 -9.54 4.38 5.05
C GLY A 76 -8.24 3.85 5.64
N THR A 77 -7.66 4.62 6.57
CA THR A 77 -6.39 4.27 7.24
C THR A 77 -6.66 3.68 8.64
N ASP A 78 -5.59 3.19 9.29
CA ASP A 78 -5.66 2.61 10.65
C ASP A 78 -4.25 2.64 11.31
N PRO A 79 -3.61 3.85 11.46
CA PRO A 79 -2.23 3.98 11.97
C PRO A 79 -2.18 4.09 13.51
N GLU A 80 -1.09 4.68 14.04
CA GLU A 80 -0.88 4.85 15.49
C GLU A 80 -0.04 6.13 15.75
N MET A 1 19.42 0.32 7.24
CA MET A 1 17.96 0.08 7.15
C MET A 1 17.66 -1.37 6.71
N GLY A 2 18.02 -1.68 5.46
CA GLY A 2 17.65 -2.96 4.81
C GLY A 2 18.29 -4.22 5.39
N HIS A 3 19.22 -4.06 6.35
CA HIS A 3 19.81 -5.21 7.08
C HIS A 3 18.73 -5.96 7.88
N HIS A 4 17.74 -5.19 8.38
CA HIS A 4 16.61 -5.75 9.13
C HIS A 4 15.54 -6.29 8.16
N HIS A 5 15.84 -7.48 7.59
CA HIS A 5 14.95 -8.23 6.69
C HIS A 5 15.23 -9.73 6.87
N HIS A 6 14.24 -10.58 6.53
CA HIS A 6 14.40 -12.03 6.61
C HIS A 6 15.19 -12.54 5.38
N HIS A 7 16.52 -12.54 5.49
CA HIS A 7 17.42 -13.01 4.40
C HIS A 7 17.51 -14.53 4.46
N HIS A 8 17.61 -15.06 5.68
CA HIS A 8 17.66 -16.50 5.96
C HIS A 8 16.51 -16.86 6.90
N SER A 9 15.48 -17.54 6.37
CA SER A 9 14.27 -17.92 7.13
C SER A 9 13.32 -18.82 6.29
N HIS A 10 13.63 -18.98 4.98
CA HIS A 10 12.84 -19.79 4.02
C HIS A 10 11.43 -19.21 3.81
N MET A 11 11.36 -18.14 2.99
CA MET A 11 10.10 -17.46 2.66
C MET A 11 9.15 -18.43 1.91
N ALA A 12 8.01 -18.75 2.53
CA ALA A 12 7.04 -19.72 2.01
C ALA A 12 5.66 -19.44 2.60
N ASP A 13 5.37 -18.14 2.77
CA ASP A 13 4.19 -17.63 3.46
C ASP A 13 3.80 -16.25 2.88
N PRO A 14 2.62 -15.64 3.25
CA PRO A 14 2.30 -14.23 2.91
C PRO A 14 3.25 -13.21 3.63
N GLY A 15 2.70 -12.17 4.28
CA GLY A 15 3.51 -11.12 4.89
C GLY A 15 3.79 -9.92 3.98
N ARG A 16 4.42 -10.18 2.80
CA ARG A 16 4.94 -9.11 1.91
C ARG A 16 3.84 -8.19 1.37
N GLU A 17 2.70 -8.76 0.92
CA GLU A 17 1.59 -7.98 0.34
C GLU A 17 0.97 -7.07 1.40
N GLY A 18 0.75 -7.61 2.60
CA GLY A 18 0.26 -6.83 3.74
C GLY A 18 1.25 -5.78 4.23
N HIS A 19 2.55 -6.09 4.09
CA HIS A 19 3.63 -5.15 4.43
C HIS A 19 3.60 -3.95 3.48
N LEU A 20 3.44 -4.28 2.19
CA LEU A 20 3.34 -3.34 1.09
C LEU A 20 2.06 -2.49 1.17
N GLU A 21 0.97 -3.13 1.60
CA GLU A 21 -0.33 -2.48 1.80
C GLU A 21 -0.25 -1.44 2.94
N GLN A 22 0.43 -1.83 4.04
CA GLN A 22 0.68 -0.92 5.18
C GLN A 22 1.63 0.22 4.76
N ARG A 23 2.59 -0.09 3.86
CA ARG A 23 3.50 0.93 3.27
C ARG A 23 2.69 2.00 2.52
N ILE A 24 1.81 1.55 1.60
CA ILE A 24 0.99 2.46 0.76
C ILE A 24 0.16 3.41 1.64
N LEU A 25 -0.52 2.84 2.66
CA LEU A 25 -1.38 3.61 3.59
C LEU A 25 -0.56 4.65 4.38
N GLN A 26 0.67 4.27 4.76
CA GLN A 26 1.57 5.13 5.54
C GLN A 26 2.00 6.35 4.71
N VAL A 27 2.43 6.08 3.46
CA VAL A 27 2.84 7.11 2.49
C VAL A 27 1.72 8.14 2.25
N LEU A 28 0.48 7.61 2.18
CA LEU A 28 -0.74 8.41 1.98
C LEU A 28 -1.08 9.26 3.23
N THR A 29 -0.88 8.70 4.44
CA THR A 29 -1.18 9.37 5.72
C THR A 29 -0.21 10.54 5.99
N GLU A 30 1.10 10.30 5.78
CA GLU A 30 2.16 11.29 6.05
C GLU A 30 2.08 12.46 5.06
N ALA A 31 1.69 12.14 3.82
CA ALA A 31 1.38 13.14 2.80
C ALA A 31 0.11 13.93 3.18
N GLY A 32 -0.90 13.19 3.67
CA GLY A 32 -2.24 13.74 3.90
C GLY A 32 -2.87 14.26 2.62
N SER A 33 -2.47 13.64 1.49
CA SER A 33 -2.69 14.14 0.14
C SER A 33 -2.51 12.98 -0.86
N PRO A 34 -3.27 12.98 -2.01
CA PRO A 34 -3.10 11.98 -3.09
C PRO A 34 -1.64 11.85 -3.59
N VAL A 35 -1.03 10.68 -3.38
CA VAL A 35 0.35 10.35 -3.80
C VAL A 35 0.33 9.61 -5.14
N LYS A 36 1.36 9.85 -5.97
CA LYS A 36 1.48 9.22 -7.29
C LYS A 36 2.08 7.80 -7.16
N LEU A 37 1.74 6.94 -8.12
CA LEU A 37 2.21 5.55 -8.20
C LEU A 37 3.75 5.48 -8.26
N ALA A 38 4.33 6.29 -9.16
CA ALA A 38 5.79 6.48 -9.29
C ALA A 38 6.50 6.86 -7.96
N GLN A 39 5.81 7.60 -7.07
CA GLN A 39 6.38 8.03 -5.78
C GLN A 39 6.21 6.91 -4.72
N LEU A 40 5.16 6.09 -4.92
CA LEU A 40 4.90 4.89 -4.10
C LEU A 40 6.02 3.83 -4.31
N VAL A 41 6.65 3.82 -5.50
CA VAL A 41 7.72 2.84 -5.85
C VAL A 41 8.88 2.87 -4.83
N LYS A 42 9.41 4.09 -4.59
CA LYS A 42 10.57 4.26 -3.69
C LYS A 42 10.18 4.05 -2.22
N GLU A 43 9.09 4.74 -1.77
CA GLU A 43 8.67 4.77 -0.36
C GLU A 43 8.10 3.42 0.07
N CYS A 44 7.17 2.87 -0.72
CA CYS A 44 6.53 1.59 -0.41
C CYS A 44 7.46 0.41 -0.72
N GLN A 45 8.58 0.68 -1.42
CA GLN A 45 9.68 -0.27 -1.64
C GLN A 45 9.22 -1.51 -2.45
N ALA A 46 8.56 -1.25 -3.59
CA ALA A 46 8.03 -2.30 -4.46
C ALA A 46 8.03 -1.84 -5.92
N PRO A 47 8.14 -2.79 -6.90
CA PRO A 47 8.01 -2.48 -8.33
C PRO A 47 6.59 -1.95 -8.66
N LYS A 48 6.52 -1.02 -9.64
CA LYS A 48 5.27 -0.41 -10.15
C LYS A 48 4.11 -1.42 -10.29
N ARG A 49 4.33 -2.50 -11.06
CA ARG A 49 3.29 -3.53 -11.33
C ARG A 49 2.74 -4.19 -10.04
N GLU A 50 3.62 -4.38 -9.05
CA GLU A 50 3.25 -4.97 -7.74
C GLU A 50 2.29 -4.02 -7.01
N LEU A 51 2.67 -2.73 -6.97
CA LEU A 51 1.88 -1.65 -6.36
C LEU A 51 0.47 -1.59 -6.94
N ASN A 52 0.37 -1.50 -8.29
CA ASN A 52 -0.91 -1.41 -9.03
C ASN A 52 -1.90 -2.48 -8.59
N GLN A 53 -1.41 -3.73 -8.57
CA GLN A 53 -2.22 -4.90 -8.21
C GLN A 53 -2.83 -4.74 -6.80
N VAL A 54 -2.00 -4.31 -5.84
CA VAL A 54 -2.42 -4.10 -4.45
C VAL A 54 -3.36 -2.88 -4.34
N LEU A 55 -3.03 -1.77 -5.02
CA LEU A 55 -3.82 -0.51 -5.03
C LEU A 55 -5.30 -0.70 -5.38
N TYR A 56 -5.61 -1.42 -6.48
CA TYR A 56 -7.00 -1.63 -6.90
C TYR A 56 -7.74 -2.58 -5.95
N ARG A 57 -6.98 -3.47 -5.28
CA ARG A 57 -7.50 -4.36 -4.24
C ARG A 57 -7.90 -3.53 -3.01
N MET A 58 -6.97 -2.69 -2.54
CA MET A 58 -7.16 -1.79 -1.38
C MET A 58 -8.29 -0.78 -1.64
N LYS A 59 -8.50 -0.43 -2.92
CA LYS A 59 -9.60 0.44 -3.34
C LYS A 59 -10.96 -0.21 -3.05
N LYS A 60 -11.05 -1.53 -3.33
CA LYS A 60 -12.24 -2.33 -3.04
C LYS A 60 -12.38 -2.57 -1.52
N GLU A 61 -11.23 -2.57 -0.81
CA GLU A 61 -11.20 -2.63 0.67
C GLU A 61 -11.46 -1.25 1.28
N LEU A 62 -11.62 -0.20 0.42
CA LEU A 62 -11.92 1.20 0.83
C LEU A 62 -10.76 1.82 1.65
N LYS A 63 -9.57 1.17 1.60
CA LYS A 63 -8.33 1.65 2.25
C LYS A 63 -7.71 2.80 1.45
N VAL A 64 -7.87 2.74 0.11
CA VAL A 64 -7.39 3.81 -0.79
C VAL A 64 -8.53 4.24 -1.73
N SER A 65 -8.35 5.40 -2.36
CA SER A 65 -9.31 5.96 -3.32
C SER A 65 -8.53 6.51 -4.51
N LEU A 66 -9.12 6.47 -5.73
CA LEU A 66 -8.43 6.98 -6.94
C LEU A 66 -8.99 8.38 -7.25
N THR A 67 -8.17 9.40 -6.99
CA THR A 67 -8.55 10.82 -7.17
C THR A 67 -8.24 11.30 -8.60
N SER A 68 -7.06 10.93 -9.10
CA SER A 68 -6.54 11.34 -10.43
C SER A 68 -5.82 10.11 -11.03
N PRO A 69 -5.70 9.96 -12.41
CA PRO A 69 -5.02 8.78 -13.06
C PRO A 69 -3.65 8.40 -12.43
N ALA A 70 -3.62 7.20 -11.79
CA ALA A 70 -2.42 6.64 -11.11
C ALA A 70 -2.04 7.44 -9.85
N THR A 71 -2.99 8.19 -9.30
CA THR A 71 -2.78 9.06 -8.13
C THR A 71 -3.85 8.69 -7.09
N TRP A 72 -3.38 8.17 -5.94
CA TRP A 72 -4.24 7.53 -4.94
C TRP A 72 -4.21 8.33 -3.65
N CYS A 73 -5.34 8.42 -2.96
CA CYS A 73 -5.45 9.11 -1.67
C CYS A 73 -5.76 8.11 -0.55
N LEU A 74 -5.51 8.53 0.71
CA LEU A 74 -5.82 7.73 1.89
C LEU A 74 -7.35 7.58 2.01
N GLY A 75 -7.87 6.41 1.62
CA GLY A 75 -9.30 6.13 1.64
C GLY A 75 -9.78 5.77 3.03
N GLY A 76 -8.91 5.08 3.79
CA GLY A 76 -9.16 4.72 5.18
C GLY A 76 -8.71 5.82 6.13
N THR A 77 -9.08 7.07 5.80
CA THR A 77 -8.73 8.26 6.58
C THR A 77 -9.67 8.40 7.79
N ASP A 78 -9.24 7.76 8.90
CA ASP A 78 -10.00 7.71 10.17
C ASP A 78 -11.46 7.27 9.93
N PRO A 79 -11.68 5.96 9.56
CA PRO A 79 -13.01 5.43 9.19
C PRO A 79 -14.08 5.66 10.28
N GLU A 80 -13.75 5.25 11.52
CA GLU A 80 -14.61 5.42 12.70
C GLU A 80 -13.84 4.91 13.95
N MET A 1 16.94 -11.64 -13.71
CA MET A 1 16.20 -10.62 -14.49
C MET A 1 16.48 -9.22 -13.90
N GLY A 2 17.06 -8.33 -14.72
CA GLY A 2 17.32 -6.95 -14.31
C GLY A 2 16.07 -6.09 -14.31
N HIS A 3 16.23 -4.83 -13.85
CA HIS A 3 15.17 -3.82 -13.77
C HIS A 3 14.06 -4.26 -12.78
N HIS A 4 13.10 -5.07 -13.26
CA HIS A 4 12.01 -5.60 -12.43
C HIS A 4 12.44 -6.96 -11.82
N HIS A 5 13.40 -6.88 -10.88
CA HIS A 5 13.90 -8.03 -10.11
C HIS A 5 12.98 -8.28 -8.88
N HIS A 6 11.70 -8.43 -9.17
CA HIS A 6 10.62 -8.47 -8.17
C HIS A 6 10.68 -9.76 -7.30
N HIS A 7 11.10 -10.88 -7.94
CA HIS A 7 11.18 -12.27 -7.38
C HIS A 7 9.89 -12.75 -6.64
N HIS A 8 9.54 -12.12 -5.50
CA HIS A 8 8.24 -12.26 -4.80
C HIS A 8 8.06 -13.60 -4.03
N SER A 9 8.87 -14.61 -4.33
CA SER A 9 8.73 -15.95 -3.71
C SER A 9 9.55 -16.02 -2.39
N HIS A 10 9.05 -15.33 -1.36
CA HIS A 10 9.70 -15.27 -0.03
C HIS A 10 9.23 -16.47 0.84
N MET A 11 9.76 -17.66 0.48
CA MET A 11 9.46 -18.97 1.10
C MET A 11 8.03 -19.43 0.75
N ALA A 12 7.03 -18.73 1.28
CA ALA A 12 5.59 -18.98 1.04
C ALA A 12 4.76 -17.78 1.53
N ASP A 13 3.42 -17.93 1.52
CA ASP A 13 2.46 -17.01 2.17
C ASP A 13 2.29 -15.66 1.42
N PRO A 14 1.04 -15.10 1.33
CA PRO A 14 0.76 -13.77 0.73
C PRO A 14 0.86 -12.61 1.75
N GLY A 15 1.49 -12.88 2.91
CA GLY A 15 1.77 -11.87 3.95
C GLY A 15 2.38 -10.55 3.44
N ARG A 16 3.13 -10.62 2.30
CA ARG A 16 3.73 -9.45 1.65
C ARG A 16 2.68 -8.43 1.19
N GLU A 17 1.49 -8.91 0.77
CA GLU A 17 0.36 -8.03 0.37
C GLU A 17 0.00 -7.05 1.49
N GLY A 18 -0.06 -7.58 2.74
CA GLY A 18 -0.37 -6.77 3.92
C GLY A 18 0.76 -5.84 4.36
N HIS A 19 2.02 -6.27 4.15
CA HIS A 19 3.22 -5.45 4.45
C HIS A 19 3.29 -4.24 3.49
N LEU A 20 3.20 -4.54 2.20
CA LEU A 20 3.21 -3.57 1.11
C LEU A 20 1.99 -2.63 1.20
N GLU A 21 0.84 -3.21 1.59
CA GLU A 21 -0.41 -2.48 1.93
C GLU A 21 -0.14 -1.43 3.03
N GLN A 22 0.55 -1.90 4.09
CA GLN A 22 0.86 -1.11 5.28
C GLN A 22 1.77 0.06 4.90
N ARG A 23 2.72 -0.20 3.98
CA ARG A 23 3.66 0.82 3.48
C ARG A 23 2.93 1.93 2.71
N ILE A 24 2.10 1.53 1.72
CA ILE A 24 1.35 2.48 0.86
C ILE A 24 0.45 3.39 1.72
N LEU A 25 -0.31 2.78 2.66
CA LEU A 25 -1.27 3.50 3.51
C LEU A 25 -0.56 4.50 4.45
N GLN A 26 0.66 4.14 4.89
CA GLN A 26 1.46 5.02 5.76
C GLN A 26 1.96 6.25 4.95
N VAL A 27 2.42 6.01 3.70
CA VAL A 27 2.88 7.08 2.76
C VAL A 27 1.73 8.11 2.54
N LEU A 28 0.51 7.59 2.35
CA LEU A 28 -0.71 8.38 2.11
C LEU A 28 -1.09 9.21 3.35
N THR A 29 -0.98 8.56 4.54
CA THR A 29 -1.40 9.14 5.83
C THR A 29 -0.42 10.23 6.31
N GLU A 30 0.90 10.02 6.09
CA GLU A 30 1.94 11.01 6.47
C GLU A 30 1.86 12.26 5.59
N ALA A 31 1.65 12.06 4.28
CA ALA A 31 1.49 13.14 3.31
C ALA A 31 0.18 13.92 3.56
N GLY A 32 -0.87 13.16 3.97
CA GLY A 32 -2.23 13.71 4.14
C GLY A 32 -2.78 14.33 2.87
N SER A 33 -2.40 13.72 1.74
CA SER A 33 -2.57 14.28 0.39
C SER A 33 -2.39 13.14 -0.64
N PRO A 34 -3.05 13.22 -1.86
CA PRO A 34 -2.87 12.22 -2.95
C PRO A 34 -1.38 12.03 -3.36
N VAL A 35 -0.87 10.80 -3.20
CA VAL A 35 0.52 10.45 -3.55
C VAL A 35 0.50 9.69 -4.88
N LYS A 36 1.31 10.14 -5.83
CA LYS A 36 1.39 9.55 -7.18
C LYS A 36 2.03 8.15 -7.11
N LEU A 37 1.63 7.28 -8.05
CA LEU A 37 2.13 5.89 -8.16
C LEU A 37 3.66 5.85 -8.33
N ALA A 38 4.17 6.69 -9.24
CA ALA A 38 5.62 6.92 -9.40
C ALA A 38 6.34 7.29 -8.09
N GLN A 39 5.67 8.05 -7.20
CA GLN A 39 6.25 8.40 -5.88
C GLN A 39 6.12 7.20 -4.91
N LEU A 40 5.01 6.42 -5.05
CA LEU A 40 4.74 5.20 -4.25
C LEU A 40 5.80 4.11 -4.54
N VAL A 41 6.31 4.07 -5.80
CA VAL A 41 7.40 3.15 -6.21
C VAL A 41 8.65 3.42 -5.36
N LYS A 42 9.00 4.70 -5.25
CA LYS A 42 10.17 5.15 -4.50
C LYS A 42 9.99 4.91 -2.98
N GLU A 43 8.88 5.42 -2.43
CA GLU A 43 8.64 5.44 -0.98
C GLU A 43 8.36 4.05 -0.40
N CYS A 44 7.46 3.28 -1.03
CA CYS A 44 7.11 1.91 -0.57
C CYS A 44 8.22 0.92 -0.97
N GLN A 45 9.08 1.34 -1.93
CA GLN A 45 10.26 0.59 -2.40
C GLN A 45 9.83 -0.73 -3.04
N ALA A 46 8.96 -0.61 -4.06
CA ALA A 46 8.32 -1.75 -4.73
C ALA A 46 8.05 -1.44 -6.23
N PRO A 47 8.03 -2.50 -7.12
CA PRO A 47 7.65 -2.32 -8.53
C PRO A 47 6.20 -1.78 -8.69
N LYS A 48 6.03 -0.83 -9.62
CA LYS A 48 4.70 -0.31 -10.08
C LYS A 48 3.60 -1.40 -10.13
N ARG A 49 3.96 -2.56 -10.74
CA ARG A 49 3.08 -3.72 -10.91
C ARG A 49 2.61 -4.30 -9.55
N GLU A 50 3.58 -4.51 -8.62
CA GLU A 50 3.30 -5.07 -7.28
C GLU A 50 2.37 -4.15 -6.49
N LEU A 51 2.73 -2.84 -6.52
CA LEU A 51 1.91 -1.76 -5.93
C LEU A 51 0.48 -1.82 -6.45
N ASN A 52 0.33 -1.83 -7.79
CA ASN A 52 -0.98 -1.79 -8.46
C ASN A 52 -1.88 -2.97 -8.09
N GLN A 53 -1.33 -4.20 -8.09
CA GLN A 53 -2.08 -5.40 -7.68
C GLN A 53 -2.68 -5.23 -6.27
N VAL A 54 -1.87 -4.68 -5.35
CA VAL A 54 -2.33 -4.39 -3.98
C VAL A 54 -3.31 -3.18 -3.96
N LEU A 55 -3.04 -2.13 -4.77
CA LEU A 55 -3.84 -0.88 -4.84
C LEU A 55 -5.32 -1.11 -5.22
N TYR A 56 -5.63 -1.80 -6.34
CA TYR A 56 -7.02 -1.98 -6.79
C TYR A 56 -7.78 -2.94 -5.83
N ARG A 57 -7.01 -3.82 -5.17
CA ARG A 57 -7.50 -4.68 -4.09
C ARG A 57 -7.93 -3.82 -2.88
N MET A 58 -6.99 -2.95 -2.43
CA MET A 58 -7.20 -2.03 -1.30
C MET A 58 -8.29 -1.00 -1.59
N LYS A 59 -8.51 -0.68 -2.89
CA LYS A 59 -9.57 0.22 -3.33
C LYS A 59 -10.95 -0.39 -3.06
N LYS A 60 -11.07 -1.71 -3.33
CA LYS A 60 -12.27 -2.50 -2.98
C LYS A 60 -12.45 -2.53 -1.44
N GLU A 61 -11.32 -2.68 -0.73
CA GLU A 61 -11.28 -2.69 0.75
C GLU A 61 -11.40 -1.27 1.35
N LEU A 62 -11.54 -0.23 0.46
CA LEU A 62 -11.80 1.19 0.81
C LEU A 62 -10.59 1.87 1.52
N LYS A 63 -9.44 1.18 1.53
CA LYS A 63 -8.19 1.67 2.10
C LYS A 63 -7.62 2.83 1.26
N VAL A 64 -7.66 2.66 -0.08
CA VAL A 64 -7.13 3.65 -1.04
C VAL A 64 -8.24 4.05 -2.03
N SER A 65 -8.01 5.16 -2.75
CA SER A 65 -8.91 5.65 -3.80
C SER A 65 -8.07 6.32 -4.89
N LEU A 66 -8.63 6.42 -6.11
CA LEU A 66 -7.95 7.00 -7.27
C LEU A 66 -8.49 8.43 -7.47
N THR A 67 -7.66 9.44 -7.14
CA THR A 67 -8.06 10.87 -7.20
C THR A 67 -7.82 11.43 -8.62
N SER A 68 -6.69 11.04 -9.23
CA SER A 68 -6.30 11.44 -10.59
C SER A 68 -5.62 10.23 -11.29
N PRO A 69 -5.53 10.20 -12.68
CA PRO A 69 -5.13 9.01 -13.51
C PRO A 69 -4.28 7.89 -12.83
N ALA A 70 -3.00 8.17 -12.52
CA ALA A 70 -2.09 7.21 -11.85
C ALA A 70 -1.66 7.76 -10.47
N THR A 71 -2.61 8.34 -9.73
CA THR A 71 -2.37 8.95 -8.42
C THR A 71 -3.39 8.42 -7.40
N TRP A 72 -2.89 7.89 -6.28
CA TRP A 72 -3.70 7.24 -5.26
C TRP A 72 -3.62 8.04 -3.95
N CYS A 73 -4.76 8.22 -3.31
CA CYS A 73 -4.85 8.89 -2.00
C CYS A 73 -5.40 7.91 -0.97
N LEU A 74 -5.35 8.33 0.29
CA LEU A 74 -5.98 7.58 1.38
C LEU A 74 -7.51 7.66 1.20
N GLY A 75 -8.09 6.54 0.73
CA GLY A 75 -9.54 6.45 0.47
C GLY A 75 -10.34 6.49 1.75
N GLY A 76 -9.95 5.60 2.67
CA GLY A 76 -10.52 5.57 4.03
C GLY A 76 -9.83 6.54 4.96
N THR A 77 -9.87 6.26 6.27
CA THR A 77 -9.28 7.11 7.30
C THR A 77 -9.28 6.39 8.65
N ASP A 78 -8.50 6.94 9.59
CA ASP A 78 -8.42 6.45 10.98
C ASP A 78 -8.56 7.64 11.94
N PRO A 79 -9.49 7.59 12.94
CA PRO A 79 -9.65 8.66 13.96
C PRO A 79 -8.45 8.69 14.95
N GLU A 80 -7.36 9.29 14.48
CA GLU A 80 -6.11 9.42 15.23
C GLU A 80 -5.28 10.51 14.49
#